data_6YPI
# 
_entry.id   6YPI 
# 
_audit_conform.dict_name       mmcif_pdbx.dic 
_audit_conform.dict_version    5.394 
_audit_conform.dict_location   http://mmcif.pdb.org/dictionaries/ascii/mmcif_pdbx.dic 
# 
loop_
_database_2.database_id 
_database_2.database_code 
_database_2.pdbx_database_accession 
_database_2.pdbx_DOI 
PDB   6YPI         pdb_00006ypi 10.2210/pdb6ypi/pdb 
WWPDB D_1292108010 ?            ?                   
# 
loop_
_pdbx_audit_revision_history.ordinal 
_pdbx_audit_revision_history.data_content_type 
_pdbx_audit_revision_history.major_revision 
_pdbx_audit_revision_history.minor_revision 
_pdbx_audit_revision_history.revision_date 
1 'Structure model' 1 0 2021-04-28 
2 'Structure model' 1 1 2021-11-10 
3 'Structure model' 1 2 2024-06-19 
# 
_pdbx_audit_revision_details.ordinal             1 
_pdbx_audit_revision_details.revision_ordinal    1 
_pdbx_audit_revision_details.data_content_type   'Structure model' 
_pdbx_audit_revision_details.provider            repository 
_pdbx_audit_revision_details.type                'Initial release' 
_pdbx_audit_revision_details.description         ? 
_pdbx_audit_revision_details.details             ? 
# 
loop_
_pdbx_audit_revision_group.ordinal 
_pdbx_audit_revision_group.revision_ordinal 
_pdbx_audit_revision_group.data_content_type 
_pdbx_audit_revision_group.group 
1 2 'Structure model' 'Data collection'     
2 2 'Structure model' 'Database references' 
3 3 'Structure model' 'Data collection'     
# 
loop_
_pdbx_audit_revision_category.ordinal 
_pdbx_audit_revision_category.revision_ordinal 
_pdbx_audit_revision_category.data_content_type 
_pdbx_audit_revision_category.category 
1 2 'Structure model' citation           
2 2 'Structure model' citation_author    
3 2 'Structure model' database_2         
4 2 'Structure model' pdbx_database_proc 
5 3 'Structure model' chem_comp_atom     
6 3 'Structure model' chem_comp_bond     
# 
loop_
_pdbx_audit_revision_item.ordinal 
_pdbx_audit_revision_item.revision_ordinal 
_pdbx_audit_revision_item.data_content_type 
_pdbx_audit_revision_item.item 
1  2 'Structure model' '_citation.country'                   
2  2 'Structure model' '_citation.journal_abbrev'            
3  2 'Structure model' '_citation.journal_id_CSD'            
4  2 'Structure model' '_citation.journal_id_ISSN'           
5  2 'Structure model' '_citation.journal_volume'            
6  2 'Structure model' '_citation.page_first'                
7  2 'Structure model' '_citation.page_last'                 
8  2 'Structure model' '_citation.pdbx_database_id_DOI'      
9  2 'Structure model' '_citation.pdbx_database_id_PubMed'   
10 2 'Structure model' '_citation.title'                     
11 2 'Structure model' '_citation.year'                      
12 2 'Structure model' '_citation_author.identifier_ORCID'   
13 2 'Structure model' '_database_2.pdbx_DOI'                
14 2 'Structure model' '_database_2.pdbx_database_accession' 
# 
_pdbx_database_status.status_code                     REL 
_pdbx_database_status.status_code_sf                  REL 
_pdbx_database_status.status_code_mr                  ? 
_pdbx_database_status.entry_id                        6YPI 
_pdbx_database_status.recvd_initial_deposition_date   2020-04-16 
_pdbx_database_status.SG_entry                        N 
_pdbx_database_status.deposit_site                    PDBE 
_pdbx_database_status.process_site                    PDBE 
_pdbx_database_status.status_code_cs                  ? 
_pdbx_database_status.status_code_nmr_data            ? 
_pdbx_database_status.methods_development_category    ? 
_pdbx_database_status.pdb_format_compatible           Y 
# 
loop_
_audit_author.name 
_audit_author.pdbx_ordinal 
_audit_author.identifier_ORCID 
'Basler, S.'  1 0000-0002-4594-2670 
'Mori, T.'    2 0000-0002-2754-5858 
'Hilvert, D.' 3 0000-0002-3941-621X 
# 
_citation.abstract                  ? 
_citation.abstract_id_CAS           ? 
_citation.book_id_ISBN              ? 
_citation.book_publisher            ? 
_citation.book_publisher_city       ? 
_citation.book_title                ? 
_citation.coordinate_linkage        ? 
_citation.country                   UK 
_citation.database_id_Medline       ? 
_citation.details                   ? 
_citation.id                        primary 
_citation.journal_abbrev            Nat.Chem. 
_citation.journal_id_ASTM           ? 
_citation.journal_id_CSD            ? 
_citation.journal_id_ISSN           1755-4349 
_citation.journal_full              ? 
_citation.journal_issue             ? 
_citation.journal_volume            13 
_citation.language                  ? 
_citation.page_first                231 
_citation.page_last                 235 
_citation.title                     'Efficient Lewis acid catalysis of an abiological reaction in a de novo protein scaffold.' 
_citation.year                      2021 
_citation.database_id_CSD           ? 
_citation.pdbx_database_id_DOI      10.1038/s41557-020-00628-4 
_citation.pdbx_database_id_PubMed   33526894 
_citation.unpublished_flag          ? 
# 
loop_
_citation_author.citation_id 
_citation_author.name 
_citation_author.ordinal 
_citation_author.identifier_ORCID 
primary 'Basler, S.'       1  0000-0002-4594-2670 
primary 'Studer, S.'       2  0000-0002-4916-2786 
primary 'Zou, Y.'          3  ?                   
primary 'Mori, T.'         4  ?                   
primary 'Ota, Y.'          5  0000-0002-4619-5857 
primary 'Camus, A.'        6  0000-0003-2356-5242 
primary 'Bunzel, H.A.'     7  0000-0001-6427-368X 
primary 'Helgeson, R.C.'   8  ?                   
primary 'Houk, K.N.'       9  0000-0002-8387-5261 
primary 'Jimenez-Oses, G.' 10 0000-0003-0105-4337 
primary 'Hilvert, D.'      11 0000-0002-3941-621X 
# 
loop_
_entity.id 
_entity.type 
_entity.src_method 
_entity.pdbx_description 
_entity.formula_weight 
_entity.pdbx_number_of_molecules 
_entity.pdbx_ec 
_entity.pdbx_mutation 
_entity.pdbx_fragment 
_entity.details 
1 polymer     man 'DA7 W16G,K58Q,L77R,T78R'                        10875.097 1  ? ? ? ? 
2 non-polymer syn 'ZINC ION'                                       65.409    1  ? ? ? ? 
3 non-polymer syn 'DI(HYDROXYETHYL)ETHER'                          106.120   1  ? ? ? ? 
4 non-polymer syn '3-[BENZYL(DIMETHYL)AMMONIO]PROPANE-1-SULFONATE' 257.349   1  ? ? ? ? 
5 non-polymer syn 'BENZOIC ACID'                                   122.121   1  ? ? ? ? 
6 water       nat water                                            18.015    33 ? ? ? ? 
# 
_entity_poly.entity_id                      1 
_entity_poly.type                           'polypeptide(L)' 
_entity_poly.nstd_linkage                   no 
_entity_poly.nstd_monomer                   no 
_entity_poly.pdbx_seq_one_letter_code       
;GSGSPLAQQIKNILSLIGQADAAGRMDEVRTLQLNLCQLMVEYFQQSDGDGGSPLAQQIQNIHSFGHQAWAAGRLDEVRR
IQENLYQLMKEYFQQSD
;
_entity_poly.pdbx_seq_one_letter_code_can   
;GSGSPLAQQIKNILSLIGQADAAGRMDEVRTLQLNLCQLMVEYFQQSDGDGGSPLAQQIQNIHSFGHQAWAAGRLDEVRR
IQENLYQLMKEYFQQSD
;
_entity_poly.pdbx_strand_id                 A 
_entity_poly.pdbx_target_identifier         ? 
# 
loop_
_pdbx_entity_nonpoly.entity_id 
_pdbx_entity_nonpoly.name 
_pdbx_entity_nonpoly.comp_id 
2 'ZINC ION'                                       ZN  
3 'DI(HYDROXYETHYL)ETHER'                          PEG 
4 '3-[BENZYL(DIMETHYL)AMMONIO]PROPANE-1-SULFONATE' DMX 
5 'BENZOIC ACID'                                   BEZ 
6 water                                            HOH 
# 
loop_
_entity_poly_seq.entity_id 
_entity_poly_seq.num 
_entity_poly_seq.mon_id 
_entity_poly_seq.hetero 
1 1  GLY n 
1 2  SER n 
1 3  GLY n 
1 4  SER n 
1 5  PRO n 
1 6  LEU n 
1 7  ALA n 
1 8  GLN n 
1 9  GLN n 
1 10 ILE n 
1 11 LYS n 
1 12 ASN n 
1 13 ILE n 
1 14 LEU n 
1 15 SER n 
1 16 LEU n 
1 17 ILE n 
1 18 GLY n 
1 19 GLN n 
1 20 ALA n 
1 21 ASP n 
1 22 ALA n 
1 23 ALA n 
1 24 GLY n 
1 25 ARG n 
1 26 MET n 
1 27 ASP n 
1 28 GLU n 
1 29 VAL n 
1 30 ARG n 
1 31 THR n 
1 32 LEU n 
1 33 GLN n 
1 34 LEU n 
1 35 ASN n 
1 36 LEU n 
1 37 CYS n 
1 38 GLN n 
1 39 LEU n 
1 40 MET n 
1 41 VAL n 
1 42 GLU n 
1 43 TYR n 
1 44 PHE n 
1 45 GLN n 
1 46 GLN n 
1 47 SER n 
1 48 ASP n 
1 49 GLY n 
1 50 ASP n 
1 51 GLY n 
1 52 GLY n 
1 53 SER n 
1 54 PRO n 
1 55 LEU n 
1 56 ALA n 
1 57 GLN n 
1 58 GLN n 
1 59 ILE n 
1 60 GLN n 
1 61 ASN n 
1 62 ILE n 
1 63 HIS n 
1 64 SER n 
1 65 PHE n 
1 66 GLY n 
1 67 HIS n 
1 68 GLN n 
1 69 ALA n 
1 70 TRP n 
1 71 ALA n 
1 72 ALA n 
1 73 GLY n 
1 74 ARG n 
1 75 LEU n 
1 76 ASP n 
1 77 GLU n 
1 78 VAL n 
1 79 ARG n 
1 80 ARG n 
1 81 ILE n 
1 82 GLN n 
1 83 GLU n 
1 84 ASN n 
1 85 LEU n 
1 86 TYR n 
1 87 GLN n 
1 88 LEU n 
1 89 MET n 
1 90 LYS n 
1 91 GLU n 
1 92 TYR n 
1 93 PHE n 
1 94 GLN n 
1 95 GLN n 
1 96 SER n 
1 97 ASP n 
# 
_entity_src_gen.entity_id                          1 
_entity_src_gen.pdbx_src_id                        1 
_entity_src_gen.pdbx_alt_source_flag               sample 
_entity_src_gen.pdbx_seq_type                      'Biological sequence' 
_entity_src_gen.pdbx_beg_seq_num                   1 
_entity_src_gen.pdbx_end_seq_num                   97 
_entity_src_gen.gene_src_common_name               ? 
_entity_src_gen.gene_src_genus                     ? 
_entity_src_gen.pdbx_gene_src_gene                 ? 
_entity_src_gen.gene_src_species                   ? 
_entity_src_gen.gene_src_strain                    ? 
_entity_src_gen.gene_src_tissue                    ? 
_entity_src_gen.gene_src_tissue_fraction           ? 
_entity_src_gen.gene_src_details                   ? 
_entity_src_gen.pdbx_gene_src_fragment             ? 
_entity_src_gen.pdbx_gene_src_scientific_name      'synthetic construct' 
_entity_src_gen.pdbx_gene_src_ncbi_taxonomy_id     32630 
_entity_src_gen.pdbx_gene_src_variant              ? 
_entity_src_gen.pdbx_gene_src_cell_line            ? 
_entity_src_gen.pdbx_gene_src_atcc                 ? 
_entity_src_gen.pdbx_gene_src_organ                ? 
_entity_src_gen.pdbx_gene_src_organelle            ? 
_entity_src_gen.pdbx_gene_src_cell                 ? 
_entity_src_gen.pdbx_gene_src_cellular_location    ? 
_entity_src_gen.host_org_common_name               ? 
_entity_src_gen.pdbx_host_org_scientific_name      'Escherichia coli' 
_entity_src_gen.pdbx_host_org_ncbi_taxonomy_id     562 
_entity_src_gen.host_org_genus                     ? 
_entity_src_gen.pdbx_host_org_gene                 ? 
_entity_src_gen.pdbx_host_org_organ                ? 
_entity_src_gen.host_org_species                   ? 
_entity_src_gen.pdbx_host_org_tissue               ? 
_entity_src_gen.pdbx_host_org_tissue_fraction      ? 
_entity_src_gen.pdbx_host_org_strain               ? 
_entity_src_gen.pdbx_host_org_variant              ? 
_entity_src_gen.pdbx_host_org_cell_line            ? 
_entity_src_gen.pdbx_host_org_atcc                 ? 
_entity_src_gen.pdbx_host_org_culture_collection   ? 
_entity_src_gen.pdbx_host_org_cell                 ? 
_entity_src_gen.pdbx_host_org_organelle            ? 
_entity_src_gen.pdbx_host_org_cellular_location    ? 
_entity_src_gen.pdbx_host_org_vector_type          ? 
_entity_src_gen.pdbx_host_org_vector               ? 
_entity_src_gen.host_org_details                   ? 
_entity_src_gen.expression_system_id               ? 
_entity_src_gen.plasmid_name                       ? 
_entity_src_gen.plasmid_details                    ? 
_entity_src_gen.pdbx_description                   ? 
# 
loop_
_chem_comp.id 
_chem_comp.type 
_chem_comp.mon_nstd_flag 
_chem_comp.name 
_chem_comp.pdbx_synonyms 
_chem_comp.formula 
_chem_comp.formula_weight 
ALA 'L-peptide linking' y ALANINE                                          ? 'C3 H7 N O2'     89.093  
ARG 'L-peptide linking' y ARGININE                                         ? 'C6 H15 N4 O2 1' 175.209 
ASN 'L-peptide linking' y ASPARAGINE                                       ? 'C4 H8 N2 O3'    132.118 
ASP 'L-peptide linking' y 'ASPARTIC ACID'                                  ? 'C4 H7 N O4'     133.103 
BEZ non-polymer         . 'BENZOIC ACID'                                   ? 'C7 H6 O2'       122.121 
CYS 'L-peptide linking' y CYSTEINE                                         ? 'C3 H7 N O2 S'   121.158 
DMX non-polymer         . '3-[BENZYL(DIMETHYL)AMMONIO]PROPANE-1-SULFONATE' ? 'C12 H19 N O3 S' 257.349 
GLN 'L-peptide linking' y GLUTAMINE                                        ? 'C5 H10 N2 O3'   146.144 
GLU 'L-peptide linking' y 'GLUTAMIC ACID'                                  ? 'C5 H9 N O4'     147.129 
GLY 'peptide linking'   y GLYCINE                                          ? 'C2 H5 N O2'     75.067  
HIS 'L-peptide linking' y HISTIDINE                                        ? 'C6 H10 N3 O2 1' 156.162 
HOH non-polymer         . WATER                                            ? 'H2 O'           18.015  
ILE 'L-peptide linking' y ISOLEUCINE                                       ? 'C6 H13 N O2'    131.173 
LEU 'L-peptide linking' y LEUCINE                                          ? 'C6 H13 N O2'    131.173 
LYS 'L-peptide linking' y LYSINE                                           ? 'C6 H15 N2 O2 1' 147.195 
MET 'L-peptide linking' y METHIONINE                                       ? 'C5 H11 N O2 S'  149.211 
PEG non-polymer         . 'DI(HYDROXYETHYL)ETHER'                          ? 'C4 H10 O3'      106.120 
PHE 'L-peptide linking' y PHENYLALANINE                                    ? 'C9 H11 N O2'    165.189 
PRO 'L-peptide linking' y PROLINE                                          ? 'C5 H9 N O2'     115.130 
SER 'L-peptide linking' y SERINE                                           ? 'C3 H7 N O3'     105.093 
THR 'L-peptide linking' y THREONINE                                        ? 'C4 H9 N O3'     119.119 
TRP 'L-peptide linking' y TRYPTOPHAN                                       ? 'C11 H12 N2 O2'  204.225 
TYR 'L-peptide linking' y TYROSINE                                         ? 'C9 H11 N O3'    181.189 
VAL 'L-peptide linking' y VALINE                                           ? 'C5 H11 N O2'    117.146 
ZN  non-polymer         . 'ZINC ION'                                       ? 'Zn 2'           65.409  
# 
loop_
_pdbx_poly_seq_scheme.asym_id 
_pdbx_poly_seq_scheme.entity_id 
_pdbx_poly_seq_scheme.seq_id 
_pdbx_poly_seq_scheme.mon_id 
_pdbx_poly_seq_scheme.ndb_seq_num 
_pdbx_poly_seq_scheme.pdb_seq_num 
_pdbx_poly_seq_scheme.auth_seq_num 
_pdbx_poly_seq_scheme.pdb_mon_id 
_pdbx_poly_seq_scheme.auth_mon_id 
_pdbx_poly_seq_scheme.pdb_strand_id 
_pdbx_poly_seq_scheme.pdb_ins_code 
_pdbx_poly_seq_scheme.hetero 
A 1 1  GLY 1  -1 ?  ?   ?   A . n 
A 1 2  SER 2  0  ?  ?   ?   A . n 
A 1 3  GLY 3  1  ?  ?   ?   A . n 
A 1 4  SER 4  2  2  SER SER A . n 
A 1 5  PRO 5  3  3  PRO PRO A . n 
A 1 6  LEU 6  4  4  LEU LEU A . n 
A 1 7  ALA 7  5  5  ALA ALA A . n 
A 1 8  GLN 8  6  6  GLN GLN A . n 
A 1 9  GLN 9  7  7  GLN GLN A . n 
A 1 10 ILE 10 8  8  ILE ILE A . n 
A 1 11 LYS 11 9  9  LYS LYS A . n 
A 1 12 ASN 12 10 10 ASN ASN A . n 
A 1 13 ILE 13 11 11 ILE ILE A . n 
A 1 14 LEU 14 12 12 LEU LEU A . n 
A 1 15 SER 15 13 13 SER SER A . n 
A 1 16 LEU 16 14 14 LEU LEU A . n 
A 1 17 ILE 17 15 15 ILE ILE A . n 
A 1 18 GLY 18 16 16 GLY GLY A . n 
A 1 19 GLN 19 17 17 GLN GLN A . n 
A 1 20 ALA 20 18 18 ALA ALA A . n 
A 1 21 ASP 21 19 19 ASP ASP A . n 
A 1 22 ALA 22 20 20 ALA ALA A . n 
A 1 23 ALA 23 21 21 ALA ALA A . n 
A 1 24 GLY 24 22 22 GLY GLY A . n 
A 1 25 ARG 25 23 23 ARG ARG A . n 
A 1 26 MET 26 24 24 MET MET A . n 
A 1 27 ASP 27 25 25 ASP ASP A . n 
A 1 28 GLU 28 26 26 GLU GLU A . n 
A 1 29 VAL 29 27 27 VAL VAL A . n 
A 1 30 ARG 30 28 28 ARG ARG A . n 
A 1 31 THR 31 29 29 THR THR A . n 
A 1 32 LEU 32 30 30 LEU LEU A . n 
A 1 33 GLN 33 31 31 GLN GLN A . n 
A 1 34 LEU 34 32 32 LEU LEU A . n 
A 1 35 ASN 35 33 33 ASN ASN A . n 
A 1 36 LEU 36 34 34 LEU LEU A . n 
A 1 37 CYS 37 35 35 CYS CYS A . n 
A 1 38 GLN 38 36 36 GLN GLN A . n 
A 1 39 LEU 39 37 37 LEU LEU A . n 
A 1 40 MET 40 38 38 MET MET A . n 
A 1 41 VAL 41 39 39 VAL VAL A . n 
A 1 42 GLU 42 40 40 GLU GLU A . n 
A 1 43 TYR 43 41 41 TYR TYR A . n 
A 1 44 PHE 44 42 42 PHE PHE A . n 
A 1 45 GLN 45 43 43 GLN GLN A . n 
A 1 46 GLN 46 44 ?  ?   ?   A . n 
A 1 47 SER 47 45 ?  ?   ?   A . n 
A 1 48 ASP 48 46 ?  ?   ?   A . n 
A 1 49 GLY 49 47 ?  ?   ?   A . n 
A 1 50 ASP 50 48 ?  ?   ?   A . n 
A 1 51 GLY 51 49 ?  ?   ?   A . n 
A 1 52 GLY 52 50 50 GLY GLY A . n 
A 1 53 SER 53 51 51 SER SER A . n 
A 1 54 PRO 54 52 52 PRO PRO A . n 
A 1 55 LEU 55 53 53 LEU LEU A . n 
A 1 56 ALA 56 54 54 ALA ALA A . n 
A 1 57 GLN 57 55 55 GLN GLN A . n 
A 1 58 GLN 58 56 56 GLN GLN A . n 
A 1 59 ILE 59 57 57 ILE ILE A . n 
A 1 60 GLN 60 58 58 GLN GLN A . n 
A 1 61 ASN 61 59 59 ASN ASN A . n 
A 1 62 ILE 62 60 60 ILE ILE A . n 
A 1 63 HIS 63 61 61 HIS HIS A . n 
A 1 64 SER 64 62 62 SER SER A . n 
A 1 65 PHE 65 63 63 PHE PHE A . n 
A 1 66 GLY 66 64 64 GLY GLY A . n 
A 1 67 HIS 67 65 65 HIS HIS A . n 
A 1 68 GLN 68 66 66 GLN GLN A . n 
A 1 69 ALA 69 67 67 ALA ALA A . n 
A 1 70 TRP 70 68 68 TRP TRP A . n 
A 1 71 ALA 71 69 69 ALA ALA A . n 
A 1 72 ALA 72 70 70 ALA ALA A . n 
A 1 73 GLY 73 71 71 GLY GLY A . n 
A 1 74 ARG 74 72 72 ARG ARG A . n 
A 1 75 LEU 75 73 73 LEU LEU A . n 
A 1 76 ASP 76 74 74 ASP ASP A . n 
A 1 77 GLU 77 75 75 GLU GLU A . n 
A 1 78 VAL 78 76 76 VAL VAL A . n 
A 1 79 ARG 79 77 77 ARG ARG A . n 
A 1 80 ARG 80 78 78 ARG ARG A . n 
A 1 81 ILE 81 79 79 ILE ILE A . n 
A 1 82 GLN 82 80 80 GLN GLN A . n 
A 1 83 GLU 83 81 81 GLU GLU A . n 
A 1 84 ASN 84 82 82 ASN ASN A . n 
A 1 85 LEU 85 83 83 LEU LEU A . n 
A 1 86 TYR 86 84 84 TYR TYR A . n 
A 1 87 GLN 87 85 85 GLN GLN A . n 
A 1 88 LEU 88 86 86 LEU LEU A . n 
A 1 89 MET 89 87 87 MET MET A . n 
A 1 90 LYS 90 88 88 LYS LYS A . n 
A 1 91 GLU 91 89 89 GLU GLU A . n 
A 1 92 TYR 92 90 90 TYR TYR A . n 
A 1 93 PHE 93 91 91 PHE PHE A . n 
A 1 94 GLN 94 92 92 GLN GLN A . n 
A 1 95 GLN 95 93 93 GLN GLN A . n 
A 1 96 SER 96 94 94 SER SER A . n 
A 1 97 ASP 97 95 ?  ?   ?   A . n 
# 
loop_
_pdbx_nonpoly_scheme.asym_id 
_pdbx_nonpoly_scheme.entity_id 
_pdbx_nonpoly_scheme.mon_id 
_pdbx_nonpoly_scheme.ndb_seq_num 
_pdbx_nonpoly_scheme.pdb_seq_num 
_pdbx_nonpoly_scheme.auth_seq_num 
_pdbx_nonpoly_scheme.pdb_mon_id 
_pdbx_nonpoly_scheme.auth_mon_id 
_pdbx_nonpoly_scheme.pdb_strand_id 
_pdbx_nonpoly_scheme.pdb_ins_code 
B 2 ZN  1  101 1  ZN  ZN  A . 
C 3 PEG 1  102 1  PEG PEG A . 
D 4 DMX 1  103 1  DMX DRG A . 
E 5 BEZ 1  104 1  BEZ BEZ A . 
F 6 HOH 1  201 23 HOH HOH A . 
F 6 HOH 2  202 31 HOH HOH A . 
F 6 HOH 3  203 6  HOH HOH A . 
F 6 HOH 4  204 16 HOH HOH A . 
F 6 HOH 5  205 27 HOH HOH A . 
F 6 HOH 6  206 11 HOH HOH A . 
F 6 HOH 7  207 26 HOH HOH A . 
F 6 HOH 8  208 4  HOH HOH A . 
F 6 HOH 9  209 3  HOH HOH A . 
F 6 HOH 10 210 17 HOH HOH A . 
F 6 HOH 11 211 24 HOH HOH A . 
F 6 HOH 12 212 12 HOH HOH A . 
F 6 HOH 13 213 30 HOH HOH A . 
F 6 HOH 14 214 13 HOH HOH A . 
F 6 HOH 15 215 19 HOH HOH A . 
F 6 HOH 16 216 22 HOH HOH A . 
F 6 HOH 17 217 2  HOH HOH A . 
F 6 HOH 18 218 8  HOH HOH A . 
F 6 HOH 19 219 28 HOH HOH A . 
F 6 HOH 20 220 7  HOH HOH A . 
F 6 HOH 21 221 33 HOH HOH A . 
F 6 HOH 22 222 32 HOH HOH A . 
F 6 HOH 23 223 5  HOH HOH A . 
F 6 HOH 24 224 10 HOH HOH A . 
F 6 HOH 25 225 14 HOH HOH A . 
F 6 HOH 26 226 1  HOH HOH A . 
F 6 HOH 27 227 21 HOH HOH A . 
F 6 HOH 28 228 20 HOH HOH A . 
F 6 HOH 29 229 9  HOH HOH A . 
F 6 HOH 30 230 34 HOH HOH A . 
F 6 HOH 31 231 18 HOH HOH A . 
F 6 HOH 32 232 15 HOH HOH A . 
F 6 HOH 33 233 25 HOH HOH A . 
# 
loop_
_software.citation_id 
_software.classification 
_software.compiler_name 
_software.compiler_version 
_software.contact_author 
_software.contact_author_email 
_software.date 
_software.description 
_software.dependencies 
_software.hardware 
_software.language 
_software.location 
_software.mods 
_software.name 
_software.os 
_software.os_version 
_software.type 
_software.version 
_software.pdbx_ordinal 
? refinement        ? ? ? ? ? ? ? ? ? ? ? PHENIX      ? ? ? 1.13_2998 1 
? 'data scaling'    ? ? ? ? ? ? ? ? ? ? ? Aimless     ? ? ? .         2 
? 'data extraction' ? ? ? ? ? ? ? ? ? ? ? PDB_EXTRACT ? ? ? 3.25      3 
? 'data reduction'  ? ? ? ? ? ? ? ? ? ? ? XDS         ? ? ? .         4 
? phasing           ? ? ? ? ? ? ? ? ? ? ? AutoSol     ? ? ? .         5 
# 
_cell.angle_alpha                  90.000 
_cell.angle_alpha_esd              ? 
_cell.angle_beta                   109.810 
_cell.angle_beta_esd               ? 
_cell.angle_gamma                  90.000 
_cell.angle_gamma_esd              ? 
_cell.entry_id                     6YPI 
_cell.details                      ? 
_cell.formula_units_Z              ? 
_cell.length_a                     62.237 
_cell.length_a_esd                 ? 
_cell.length_b                     35.015 
_cell.length_b_esd                 ? 
_cell.length_c                     43.229 
_cell.length_c_esd                 ? 
_cell.volume                       ? 
_cell.volume_esd                   ? 
_cell.Z_PDB                        4 
_cell.reciprocal_angle_alpha       ? 
_cell.reciprocal_angle_beta        ? 
_cell.reciprocal_angle_gamma       ? 
_cell.reciprocal_angle_alpha_esd   ? 
_cell.reciprocal_angle_beta_esd    ? 
_cell.reciprocal_angle_gamma_esd   ? 
_cell.reciprocal_length_a          ? 
_cell.reciprocal_length_b          ? 
_cell.reciprocal_length_c          ? 
_cell.reciprocal_length_a_esd      ? 
_cell.reciprocal_length_b_esd      ? 
_cell.reciprocal_length_c_esd      ? 
_cell.pdbx_unique_axis             ? 
# 
_symmetry.entry_id                         6YPI 
_symmetry.cell_setting                     ? 
_symmetry.Int_Tables_number                5 
_symmetry.space_group_name_Hall            ? 
_symmetry.space_group_name_H-M             'C 1 2 1' 
_symmetry.pdbx_full_space_group_name_H-M   ? 
# 
_exptl.absorpt_coefficient_mu     ? 
_exptl.absorpt_correction_T_max   ? 
_exptl.absorpt_correction_T_min   ? 
_exptl.absorpt_correction_type    ? 
_exptl.absorpt_process_details    ? 
_exptl.entry_id                   6YPI 
_exptl.crystals_number            1 
_exptl.details                    ? 
_exptl.method                     'X-RAY DIFFRACTION' 
_exptl.method_details             ? 
# 
_exptl_crystal.colour                      ? 
_exptl_crystal.density_diffrn              ? 
_exptl_crystal.density_Matthews            2.04 
_exptl_crystal.density_method              ? 
_exptl_crystal.density_percent_sol         39.63 
_exptl_crystal.description                 ? 
_exptl_crystal.F_000                       ? 
_exptl_crystal.id                          1 
_exptl_crystal.preparation                 ? 
_exptl_crystal.size_max                    ? 
_exptl_crystal.size_mid                    ? 
_exptl_crystal.size_min                    ? 
_exptl_crystal.size_rad                    ? 
_exptl_crystal.colour_lustre               ? 
_exptl_crystal.colour_modifier             ? 
_exptl_crystal.colour_primary              ? 
_exptl_crystal.density_meas                ? 
_exptl_crystal.density_meas_esd            ? 
_exptl_crystal.density_meas_gt             ? 
_exptl_crystal.density_meas_lt             ? 
_exptl_crystal.density_meas_temp           ? 
_exptl_crystal.density_meas_temp_esd       ? 
_exptl_crystal.density_meas_temp_gt        ? 
_exptl_crystal.density_meas_temp_lt        ? 
_exptl_crystal.pdbx_crystal_image_url      ? 
_exptl_crystal.pdbx_crystal_image_format   ? 
_exptl_crystal.pdbx_mosaicity              ? 
_exptl_crystal.pdbx_mosaicity_esd          ? 
# 
_exptl_crystal_grow.apparatus       ? 
_exptl_crystal_grow.atmosphere      ? 
_exptl_crystal_grow.crystal_id      1 
_exptl_crystal_grow.details         ? 
_exptl_crystal_grow.method          'VAPOR DIFFUSION, SITTING DROP' 
_exptl_crystal_grow.method_ref      ? 
_exptl_crystal_grow.pH              ? 
_exptl_crystal_grow.pressure        ? 
_exptl_crystal_grow.pressure_esd    ? 
_exptl_crystal_grow.seeding         ? 
_exptl_crystal_grow.seeding_ref     ? 
_exptl_crystal_grow.temp            277 
_exptl_crystal_grow.temp_details    ? 
_exptl_crystal_grow.temp_esd        ? 
_exptl_crystal_grow.time            ? 
_exptl_crystal_grow.pdbx_details    '100 mM HEPES pH 7.5, 2 M (NH4)2SO4, 2% (w/v) polyethylene glycol 400, and 100 mM NDSB-256' 
_exptl_crystal_grow.pdbx_pH_range   ? 
# 
_diffrn.ambient_environment              ? 
_diffrn.ambient_temp                     100 
_diffrn.ambient_temp_details             ? 
_diffrn.ambient_temp_esd                 ? 
_diffrn.crystal_id                       1 
_diffrn.crystal_support                  ? 
_diffrn.crystal_treatment                ? 
_diffrn.details                          ? 
_diffrn.id                               1 
_diffrn.ambient_pressure                 ? 
_diffrn.ambient_pressure_esd             ? 
_diffrn.ambient_pressure_gt              ? 
_diffrn.ambient_pressure_lt              ? 
_diffrn.ambient_temp_gt                  ? 
_diffrn.ambient_temp_lt                  ? 
_diffrn.pdbx_serial_crystal_experiment   N 
# 
_diffrn_detector.details                      ? 
_diffrn_detector.detector                     PIXEL 
_diffrn_detector.diffrn_id                    1 
_diffrn_detector.type                         'DECTRIS PILATUS 2M' 
_diffrn_detector.area_resol_mean              ? 
_diffrn_detector.dtime                        ? 
_diffrn_detector.pdbx_frames_total            ? 
_diffrn_detector.pdbx_collection_time_total   ? 
_diffrn_detector.pdbx_collection_date         2017-10-07 
_diffrn_detector.pdbx_frequency               ? 
# 
_diffrn_radiation.collimation                      ? 
_diffrn_radiation.diffrn_id                        1 
_diffrn_radiation.filter_edge                      ? 
_diffrn_radiation.inhomogeneity                    ? 
_diffrn_radiation.monochromator                    ? 
_diffrn_radiation.polarisn_norm                    ? 
_diffrn_radiation.polarisn_ratio                   ? 
_diffrn_radiation.probe                            ? 
_diffrn_radiation.type                             ? 
_diffrn_radiation.xray_symbol                      ? 
_diffrn_radiation.wavelength_id                    1 
_diffrn_radiation.pdbx_monochromatic_or_laue_m_l   M 
_diffrn_radiation.pdbx_wavelength_list             ? 
_diffrn_radiation.pdbx_wavelength                  ? 
_diffrn_radiation.pdbx_diffrn_protocol             'SINGLE WAVELENGTH' 
_diffrn_radiation.pdbx_analyzer                    ? 
_diffrn_radiation.pdbx_scattering_type             x-ray 
# 
_diffrn_radiation_wavelength.id           1 
_diffrn_radiation_wavelength.wavelength   1 
_diffrn_radiation_wavelength.wt           1.0 
# 
_diffrn_source.current                     ? 
_diffrn_source.details                     ? 
_diffrn_source.diffrn_id                   1 
_diffrn_source.power                       ? 
_diffrn_source.size                        ? 
_diffrn_source.source                      SYNCHROTRON 
_diffrn_source.target                      ? 
_diffrn_source.type                        'SLS BEAMLINE X06DA' 
_diffrn_source.voltage                     ? 
_diffrn_source.take-off_angle              ? 
_diffrn_source.pdbx_wavelength_list        1 
_diffrn_source.pdbx_wavelength             ? 
_diffrn_source.pdbx_synchrotron_beamline   X06DA 
_diffrn_source.pdbx_synchrotron_site       SLS 
# 
_reflns.B_iso_Wilson_estimate            23.540 
_reflns.entry_id                         6YPI 
_reflns.data_reduction_details           ? 
_reflns.data_reduction_method            ? 
_reflns.d_resolution_high                1.479 
_reflns.d_resolution_low                 40.67 
_reflns.details                          ? 
_reflns.limit_h_max                      ? 
_reflns.limit_h_min                      ? 
_reflns.limit_k_max                      ? 
_reflns.limit_k_min                      ? 
_reflns.limit_l_max                      ? 
_reflns.limit_l_min                      ? 
_reflns.number_all                       ? 
_reflns.number_obs                       14704 
_reflns.observed_criterion               ? 
_reflns.observed_criterion_F_max         ? 
_reflns.observed_criterion_F_min         ? 
_reflns.observed_criterion_I_max         ? 
_reflns.observed_criterion_I_min         ? 
_reflns.observed_criterion_sigma_F       ? 
_reflns.observed_criterion_sigma_I       ? 
_reflns.percent_possible_obs             99.5 
_reflns.R_free_details                   ? 
_reflns.Rmerge_F_all                     ? 
_reflns.Rmerge_F_obs                     ? 
_reflns.Friedel_coverage                 ? 
_reflns.number_gt                        ? 
_reflns.threshold_expression             ? 
_reflns.pdbx_redundancy                  3.3 
_reflns.pdbx_Rmerge_I_obs                0.025 
_reflns.pdbx_Rmerge_I_all                ? 
_reflns.pdbx_Rsym_value                  ? 
_reflns.pdbx_netI_over_av_sigmaI         ? 
_reflns.pdbx_netI_over_sigmaI            12.1 
_reflns.pdbx_res_netI_over_av_sigmaI_2   ? 
_reflns.pdbx_res_netI_over_sigmaI_2      ? 
_reflns.pdbx_chi_squared                 ? 
_reflns.pdbx_scaling_rejects             ? 
_reflns.pdbx_d_res_high_opt              ? 
_reflns.pdbx_d_res_low_opt               ? 
_reflns.pdbx_d_res_opt_method            ? 
_reflns.phase_calculation_details        ? 
_reflns.pdbx_Rrim_I_all                  ? 
_reflns.pdbx_Rpim_I_all                  ? 
_reflns.pdbx_d_opt                       ? 
_reflns.pdbx_number_measured_all         ? 
_reflns.pdbx_diffrn_id                   1 
_reflns.pdbx_ordinal                     1 
_reflns.pdbx_CC_half                     1.000 
_reflns.pdbx_CC_star                     ? 
_reflns.pdbx_R_split                     ? 
# 
_reflns_shell.d_res_high                  1.48 
_reflns_shell.d_res_low                   1.51 
_reflns_shell.meanI_over_sigI_all         ? 
_reflns_shell.meanI_over_sigI_obs         0.9 
_reflns_shell.number_measured_all         ? 
_reflns_shell.number_measured_obs         ? 
_reflns_shell.number_possible             ? 
_reflns_shell.number_unique_all           ? 
_reflns_shell.number_unique_obs           717 
_reflns_shell.percent_possible_all        ? 
_reflns_shell.percent_possible_obs        ? 
_reflns_shell.Rmerge_F_all                ? 
_reflns_shell.Rmerge_F_obs                ? 
_reflns_shell.Rmerge_I_all                ? 
_reflns_shell.Rmerge_I_obs                0.722 
_reflns_shell.meanI_over_sigI_gt          ? 
_reflns_shell.meanI_over_uI_all           ? 
_reflns_shell.meanI_over_uI_gt            ? 
_reflns_shell.number_measured_gt          ? 
_reflns_shell.number_unique_gt            ? 
_reflns_shell.percent_possible_gt         ? 
_reflns_shell.Rmerge_F_gt                 ? 
_reflns_shell.Rmerge_I_gt                 ? 
_reflns_shell.pdbx_redundancy             ? 
_reflns_shell.pdbx_Rsym_value             ? 
_reflns_shell.pdbx_chi_squared            ? 
_reflns_shell.pdbx_netI_over_sigmaI_all   ? 
_reflns_shell.pdbx_netI_over_sigmaI_obs   ? 
_reflns_shell.pdbx_Rrim_I_all             ? 
_reflns_shell.pdbx_Rpim_I_all             ? 
_reflns_shell.pdbx_rejects                ? 
_reflns_shell.pdbx_ordinal                1 
_reflns_shell.pdbx_diffrn_id              1 
_reflns_shell.pdbx_CC_half                0.610 
_reflns_shell.pdbx_CC_star                ? 
_reflns_shell.pdbx_R_split                ? 
# 
_refine.aniso_B[1][1]                            ? 
_refine.aniso_B[1][2]                            ? 
_refine.aniso_B[1][3]                            ? 
_refine.aniso_B[2][2]                            ? 
_refine.aniso_B[2][3]                            ? 
_refine.aniso_B[3][3]                            ? 
_refine.B_iso_max                                82.280 
_refine.B_iso_mean                               29.3173 
_refine.B_iso_min                                17.330 
_refine.correlation_coeff_Fo_to_Fc               ? 
_refine.correlation_coeff_Fo_to_Fc_free          ? 
_refine.details                                  ? 
_refine.diff_density_max                         ? 
_refine.diff_density_max_esd                     ? 
_refine.diff_density_min                         ? 
_refine.diff_density_min_esd                     ? 
_refine.diff_density_rms                         ? 
_refine.diff_density_rms_esd                     ? 
_refine.entry_id                                 6YPI 
_refine.pdbx_refine_id                           'X-RAY DIFFRACTION' 
_refine.ls_abs_structure_details                 ? 
_refine.ls_abs_structure_Flack                   ? 
_refine.ls_abs_structure_Flack_esd               ? 
_refine.ls_abs_structure_Rogers                  ? 
_refine.ls_abs_structure_Rogers_esd              ? 
_refine.ls_d_res_high                            1.4790 
_refine.ls_d_res_low                             40.6690 
_refine.ls_extinction_coef                       ? 
_refine.ls_extinction_coef_esd                   ? 
_refine.ls_extinction_expression                 ? 
_refine.ls_extinction_method                     ? 
_refine.ls_goodness_of_fit_all                   ? 
_refine.ls_goodness_of_fit_all_esd               ? 
_refine.ls_goodness_of_fit_obs                   ? 
_refine.ls_goodness_of_fit_obs_esd               ? 
_refine.ls_hydrogen_treatment                    ? 
_refine.ls_matrix_type                           ? 
_refine.ls_number_constraints                    ? 
_refine.ls_number_parameters                     ? 
_refine.ls_number_reflns_all                     ? 
_refine.ls_number_reflns_obs                     14698 
_refine.ls_number_reflns_R_free                  735 
_refine.ls_number_reflns_R_work                  13963 
_refine.ls_number_restraints                     ? 
_refine.ls_percent_reflns_obs                    99.3100 
_refine.ls_percent_reflns_R_free                 5.0000 
_refine.ls_R_factor_all                          ? 
_refine.ls_R_factor_obs                          0.2080 
_refine.ls_R_factor_R_free                       0.2296 
_refine.ls_R_factor_R_free_error                 ? 
_refine.ls_R_factor_R_free_error_details         ? 
_refine.ls_R_factor_R_work                       0.2069 
_refine.ls_R_Fsqd_factor_obs                     ? 
_refine.ls_R_I_factor_obs                        ? 
_refine.ls_redundancy_reflns_all                 ? 
_refine.ls_redundancy_reflns_obs                 ? 
_refine.ls_restrained_S_all                      ? 
_refine.ls_restrained_S_obs                      ? 
_refine.ls_shift_over_esd_max                    ? 
_refine.ls_shift_over_esd_mean                   ? 
_refine.ls_structure_factor_coef                 ? 
_refine.ls_weighting_details                     ? 
_refine.ls_weighting_scheme                      ? 
_refine.ls_wR_factor_all                         ? 
_refine.ls_wR_factor_obs                         ? 
_refine.ls_wR_factor_R_free                      ? 
_refine.ls_wR_factor_R_work                      ? 
_refine.occupancy_max                            ? 
_refine.occupancy_min                            ? 
_refine.solvent_model_details                    'FLAT BULK SOLVENT MODEL' 
_refine.solvent_model_param_bsol                 ? 
_refine.solvent_model_param_ksol                 ? 
_refine.pdbx_R_complete                          ? 
_refine.ls_R_factor_gt                           ? 
_refine.ls_goodness_of_fit_gt                    ? 
_refine.ls_goodness_of_fit_ref                   ? 
_refine.ls_shift_over_su_max                     ? 
_refine.ls_shift_over_su_max_lt                  ? 
_refine.ls_shift_over_su_mean                    ? 
_refine.ls_shift_over_su_mean_lt                 ? 
_refine.pdbx_ls_sigma_I                          ? 
_refine.pdbx_ls_sigma_F                          1.350 
_refine.pdbx_ls_sigma_Fsqd                       ? 
_refine.pdbx_data_cutoff_high_absF               ? 
_refine.pdbx_data_cutoff_high_rms_absF           ? 
_refine.pdbx_data_cutoff_low_absF                ? 
_refine.pdbx_isotropic_thermal_model             ? 
_refine.pdbx_ls_cross_valid_method               THROUGHOUT 
_refine.pdbx_method_to_determine_struct          SAD 
_refine.pdbx_starting_model                      ? 
_refine.pdbx_stereochemistry_target_values       MLHL 
_refine.pdbx_R_Free_selection_details            ? 
_refine.pdbx_stereochem_target_val_spec_case     ? 
_refine.pdbx_overall_ESU_R                       ? 
_refine.pdbx_overall_ESU_R_Free                  ? 
_refine.pdbx_solvent_vdw_probe_radii             1.1100 
_refine.pdbx_solvent_ion_probe_radii             ? 
_refine.pdbx_solvent_shrinkage_radii             0.9000 
_refine.pdbx_real_space_R                        ? 
_refine.pdbx_density_correlation                 ? 
_refine.pdbx_pd_number_of_powder_patterns        ? 
_refine.pdbx_pd_number_of_points                 ? 
_refine.pdbx_pd_meas_number_of_points            ? 
_refine.pdbx_pd_proc_ls_prof_R_factor            ? 
_refine.pdbx_pd_proc_ls_prof_wR_factor           ? 
_refine.pdbx_pd_Marquardt_correlation_coeff      ? 
_refine.pdbx_pd_Fsqrd_R_factor                   ? 
_refine.pdbx_pd_ls_matrix_band_width             ? 
_refine.pdbx_overall_phase_error                 29.9600 
_refine.pdbx_overall_SU_R_free_Cruickshank_DPI   ? 
_refine.pdbx_overall_SU_R_free_Blow_DPI          ? 
_refine.pdbx_overall_SU_R_Blow_DPI               ? 
_refine.pdbx_TLS_residual_ADP_flag               ? 
_refine.pdbx_diffrn_id                           1 
_refine.overall_SU_B                             ? 
_refine.overall_SU_ML                            0.2200 
_refine.overall_SU_R_Cruickshank_DPI             ? 
_refine.overall_SU_R_free                        ? 
_refine.overall_FOM_free_R_set                   ? 
_refine.overall_FOM_work_R_set                   ? 
_refine.pdbx_average_fsc_overall                 ? 
_refine.pdbx_average_fsc_work                    ? 
_refine.pdbx_average_fsc_free                    ? 
# 
_refine_hist.pdbx_refine_id                   'X-RAY DIFFRACTION' 
_refine_hist.cycle_id                         final 
_refine_hist.details                          ? 
_refine_hist.d_res_high                       1.4790 
_refine_hist.d_res_low                        40.6690 
_refine_hist.number_atoms_solvent             33 
_refine_hist.number_atoms_total               785 
_refine_hist.number_reflns_all                ? 
_refine_hist.number_reflns_obs                ? 
_refine_hist.number_reflns_R_free             ? 
_refine_hist.number_reflns_R_work             ? 
_refine_hist.R_factor_all                     ? 
_refine_hist.R_factor_obs                     ? 
_refine_hist.R_factor_R_free                  ? 
_refine_hist.R_factor_R_work                  ? 
_refine_hist.pdbx_number_residues_total       87 
_refine_hist.pdbx_B_iso_mean_ligand           33.98 
_refine_hist.pdbx_B_iso_mean_solvent          36.85 
_refine_hist.pdbx_number_atoms_protein        701 
_refine_hist.pdbx_number_atoms_nucleic_acid   0 
_refine_hist.pdbx_number_atoms_ligand         51 
_refine_hist.pdbx_number_atoms_lipid          ? 
_refine_hist.pdbx_number_atoms_carb           ? 
_refine_hist.pdbx_pseudo_atom_details         ? 
# 
loop_
_refine_ls_shell.pdbx_refine_id 
_refine_ls_shell.d_res_high 
_refine_ls_shell.d_res_low 
_refine_ls_shell.number_reflns_all 
_refine_ls_shell.number_reflns_obs 
_refine_ls_shell.number_reflns_R_free 
_refine_ls_shell.number_reflns_R_work 
_refine_ls_shell.percent_reflns_obs 
_refine_ls_shell.percent_reflns_R_free 
_refine_ls_shell.R_factor_all 
_refine_ls_shell.R_factor_obs 
_refine_ls_shell.R_factor_R_free 
_refine_ls_shell.R_factor_R_free_error 
_refine_ls_shell.R_factor_R_work 
_refine_ls_shell.redundancy_reflns_all 
_refine_ls_shell.redundancy_reflns_obs 
_refine_ls_shell.wR_factor_all 
_refine_ls_shell.wR_factor_obs 
_refine_ls_shell.wR_factor_R_free 
_refine_ls_shell.wR_factor_R_work 
_refine_ls_shell.pdbx_R_complete 
_refine_ls_shell.pdbx_total_number_of_bins_used 
_refine_ls_shell.pdbx_phase_error 
_refine_ls_shell.pdbx_fsc_work 
_refine_ls_shell.pdbx_fsc_free 
'X-RAY DIFFRACTION' 1.4794 1.5936  . . 146 2767 99.0000  . . . 0.3359 0.0000 0.3014 . . . . . . . . . . . 
'X-RAY DIFFRACTION' 1.5936 1.7540  . . 146 2775 99.0000  . . . 0.3099 0.0000 0.2351 . . . . . . . . . . . 
'X-RAY DIFFRACTION' 1.7540 2.0078  . . 145 2764 99.0000  . . . 0.2203 0.0000 0.2003 . . . . . . . . . . . 
'X-RAY DIFFRACTION' 2.0078 2.5296  . . 148 2813 100.0000 . . . 0.2249 0.0000 0.2089 . . . . . . . . . . . 
'X-RAY DIFFRACTION' 2.5296 40.6690 . . 150 2844 99.0000  . . . 0.2180 0.0000 0.1975 . . . . . . . . . . . 
# 
_struct.entry_id                     6YPI 
_struct.title                        'Structure of the engineered metallo-Diels-Alderase DA7 W16G,K58Q,L77R,T78R' 
_struct.pdbx_model_details           ? 
_struct.pdbx_formula_weight          ? 
_struct.pdbx_formula_weight_method   ? 
_struct.pdbx_model_type_details      ? 
_struct.pdbx_CASP_flag               N 
# 
_struct_keywords.entry_id        6YPI 
_struct_keywords.text            'De novo Diels-Alderase, DE NOVO PROTEIN' 
_struct_keywords.pdbx_keywords   'DE NOVO PROTEIN' 
# 
loop_
_struct_asym.id 
_struct_asym.pdbx_blank_PDB_chainid_flag 
_struct_asym.pdbx_modified 
_struct_asym.entity_id 
_struct_asym.details 
A N N 1 ? 
B N N 2 ? 
C N N 3 ? 
D N N 4 ? 
E N N 5 ? 
F N N 6 ? 
# 
_struct_ref.id                         1 
_struct_ref.db_name                    PDB 
_struct_ref.db_code                    6YPI 
_struct_ref.pdbx_db_accession          6YPI 
_struct_ref.pdbx_db_isoform            ? 
_struct_ref.entity_id                  1 
_struct_ref.pdbx_seq_one_letter_code   ? 
_struct_ref.pdbx_align_begin           1 
# 
_struct_ref_seq.align_id                      1 
_struct_ref_seq.ref_id                        1 
_struct_ref_seq.pdbx_PDB_id_code              6YPI 
_struct_ref_seq.pdbx_strand_id                A 
_struct_ref_seq.seq_align_beg                 1 
_struct_ref_seq.pdbx_seq_align_beg_ins_code   ? 
_struct_ref_seq.seq_align_end                 97 
_struct_ref_seq.pdbx_seq_align_end_ins_code   ? 
_struct_ref_seq.pdbx_db_accession             6YPI 
_struct_ref_seq.db_align_beg                  -1 
_struct_ref_seq.pdbx_db_align_beg_ins_code    ? 
_struct_ref_seq.db_align_end                  95 
_struct_ref_seq.pdbx_db_align_end_ins_code    ? 
_struct_ref_seq.pdbx_auth_seq_align_beg       -1 
_struct_ref_seq.pdbx_auth_seq_align_end       95 
# 
_pdbx_struct_assembly.id                   1 
_pdbx_struct_assembly.details              author_and_software_defined_assembly 
_pdbx_struct_assembly.method_details       PISA 
_pdbx_struct_assembly.oligomeric_details   monomeric 
_pdbx_struct_assembly.oligomeric_count     1 
# 
loop_
_pdbx_struct_assembly_prop.biol_id 
_pdbx_struct_assembly_prop.type 
_pdbx_struct_assembly_prop.value 
_pdbx_struct_assembly_prop.details 
1 'ABSA (A^2)' 1100 ? 
1 MORE         -24  ? 
1 'SSA (A^2)'  5820 ? 
# 
_pdbx_struct_assembly_gen.assembly_id       1 
_pdbx_struct_assembly_gen.oper_expression   1 
_pdbx_struct_assembly_gen.asym_id_list      A,B,C,D,E,F 
# 
_pdbx_struct_assembly_auth_evidence.id                     1 
_pdbx_struct_assembly_auth_evidence.assembly_id            1 
_pdbx_struct_assembly_auth_evidence.experimental_support   'gel filtration' 
_pdbx_struct_assembly_auth_evidence.details                ? 
# 
_pdbx_struct_oper_list.id                   1 
_pdbx_struct_oper_list.type                 'identity operation' 
_pdbx_struct_oper_list.name                 1_555 
_pdbx_struct_oper_list.symmetry_operation   x,y,z 
_pdbx_struct_oper_list.matrix[1][1]         1.0000000000 
_pdbx_struct_oper_list.matrix[1][2]         0.0000000000 
_pdbx_struct_oper_list.matrix[1][3]         0.0000000000 
_pdbx_struct_oper_list.vector[1]            0.0000000000 
_pdbx_struct_oper_list.matrix[2][1]         0.0000000000 
_pdbx_struct_oper_list.matrix[2][2]         1.0000000000 
_pdbx_struct_oper_list.matrix[2][3]         0.0000000000 
_pdbx_struct_oper_list.vector[2]            0.0000000000 
_pdbx_struct_oper_list.matrix[3][1]         0.0000000000 
_pdbx_struct_oper_list.matrix[3][2]         0.0000000000 
_pdbx_struct_oper_list.matrix[3][3]         1.0000000000 
_pdbx_struct_oper_list.vector[3]            0.0000000000 
# 
loop_
_struct_conf.conf_type_id 
_struct_conf.id 
_struct_conf.pdbx_PDB_helix_id 
_struct_conf.beg_label_comp_id 
_struct_conf.beg_label_asym_id 
_struct_conf.beg_label_seq_id 
_struct_conf.pdbx_beg_PDB_ins_code 
_struct_conf.end_label_comp_id 
_struct_conf.end_label_asym_id 
_struct_conf.end_label_seq_id 
_struct_conf.pdbx_end_PDB_ins_code 
_struct_conf.beg_auth_comp_id 
_struct_conf.beg_auth_asym_id 
_struct_conf.beg_auth_seq_id 
_struct_conf.end_auth_comp_id 
_struct_conf.end_auth_asym_id 
_struct_conf.end_auth_seq_id 
_struct_conf.pdbx_PDB_helix_class 
_struct_conf.details 
_struct_conf.pdbx_PDB_helix_length 
HELX_P HELX_P1 AA1 SER A 4  ? GLY A 24 ? SER A 2  GLY A 22 1 ? 21 
HELX_P HELX_P2 AA2 ARG A 25 ? PHE A 44 ? ARG A 23 PHE A 42 1 ? 20 
HELX_P HELX_P3 AA3 SER A 53 ? ALA A 72 ? SER A 51 ALA A 70 1 ? 20 
HELX_P HELX_P4 AA4 ARG A 74 ? GLN A 94 ? ARG A 72 GLN A 92 1 ? 21 
# 
_struct_conf_type.id          HELX_P 
_struct_conf_type.criteria    ? 
_struct_conf_type.reference   ? 
# 
loop_
_struct_conn.id 
_struct_conn.conn_type_id 
_struct_conn.pdbx_leaving_atom_flag 
_struct_conn.pdbx_PDB_id 
_struct_conn.ptnr1_label_asym_id 
_struct_conn.ptnr1_label_comp_id 
_struct_conn.ptnr1_label_seq_id 
_struct_conn.ptnr1_label_atom_id 
_struct_conn.pdbx_ptnr1_label_alt_id 
_struct_conn.pdbx_ptnr1_PDB_ins_code 
_struct_conn.pdbx_ptnr1_standard_comp_id 
_struct_conn.ptnr1_symmetry 
_struct_conn.ptnr2_label_asym_id 
_struct_conn.ptnr2_label_comp_id 
_struct_conn.ptnr2_label_seq_id 
_struct_conn.ptnr2_label_atom_id 
_struct_conn.pdbx_ptnr2_label_alt_id 
_struct_conn.pdbx_ptnr2_PDB_ins_code 
_struct_conn.ptnr1_auth_asym_id 
_struct_conn.ptnr1_auth_comp_id 
_struct_conn.ptnr1_auth_seq_id 
_struct_conn.ptnr2_auth_asym_id 
_struct_conn.ptnr2_auth_comp_id 
_struct_conn.ptnr2_auth_seq_id 
_struct_conn.ptnr2_symmetry 
_struct_conn.pdbx_ptnr3_label_atom_id 
_struct_conn.pdbx_ptnr3_label_seq_id 
_struct_conn.pdbx_ptnr3_label_comp_id 
_struct_conn.pdbx_ptnr3_label_asym_id 
_struct_conn.pdbx_ptnr3_label_alt_id 
_struct_conn.pdbx_ptnr3_PDB_ins_code 
_struct_conn.details 
_struct_conn.pdbx_dist_value 
_struct_conn.pdbx_value_order 
_struct_conn.pdbx_role 
metalc1 metalc ? ? A CYS 37 SG  ? ? ? 1_555 B ZN  . ZN ? ? A CYS 35  A ZN  101 1_555 ? ? ? ? ? ? ? 2.206 ? ? 
metalc2 metalc ? ? A HIS 63 NE2 ? ? ? 1_555 B ZN  . ZN ? ? A HIS 61  A ZN  101 1_555 ? ? ? ? ? ? ? 1.993 ? ? 
metalc3 metalc ? ? A HIS 67 NE2 ? ? ? 1_555 B ZN  . ZN ? ? A HIS 65  A ZN  101 1_555 ? ? ? ? ? ? ? 2.002 ? ? 
metalc4 metalc ? ? B ZN  .  ZN  ? ? ? 1_555 E BEZ . O2 ? ? A ZN  101 A BEZ 104 1_555 ? ? ? ? ? ? ? 1.933 ? ? 
# 
_struct_conn_type.id          metalc 
_struct_conn_type.criteria    ? 
_struct_conn_type.reference   ? 
# 
loop_
_pdbx_struct_conn_angle.id 
_pdbx_struct_conn_angle.ptnr1_label_atom_id 
_pdbx_struct_conn_angle.ptnr1_label_alt_id 
_pdbx_struct_conn_angle.ptnr1_label_asym_id 
_pdbx_struct_conn_angle.ptnr1_label_comp_id 
_pdbx_struct_conn_angle.ptnr1_label_seq_id 
_pdbx_struct_conn_angle.ptnr1_auth_atom_id 
_pdbx_struct_conn_angle.ptnr1_auth_asym_id 
_pdbx_struct_conn_angle.ptnr1_auth_comp_id 
_pdbx_struct_conn_angle.ptnr1_auth_seq_id 
_pdbx_struct_conn_angle.ptnr1_PDB_ins_code 
_pdbx_struct_conn_angle.ptnr1_symmetry 
_pdbx_struct_conn_angle.ptnr2_label_atom_id 
_pdbx_struct_conn_angle.ptnr2_label_alt_id 
_pdbx_struct_conn_angle.ptnr2_label_asym_id 
_pdbx_struct_conn_angle.ptnr2_label_comp_id 
_pdbx_struct_conn_angle.ptnr2_label_seq_id 
_pdbx_struct_conn_angle.ptnr2_auth_atom_id 
_pdbx_struct_conn_angle.ptnr2_auth_asym_id 
_pdbx_struct_conn_angle.ptnr2_auth_comp_id 
_pdbx_struct_conn_angle.ptnr2_auth_seq_id 
_pdbx_struct_conn_angle.ptnr2_PDB_ins_code 
_pdbx_struct_conn_angle.ptnr2_symmetry 
_pdbx_struct_conn_angle.ptnr3_label_atom_id 
_pdbx_struct_conn_angle.ptnr3_label_alt_id 
_pdbx_struct_conn_angle.ptnr3_label_asym_id 
_pdbx_struct_conn_angle.ptnr3_label_comp_id 
_pdbx_struct_conn_angle.ptnr3_label_seq_id 
_pdbx_struct_conn_angle.ptnr3_auth_atom_id 
_pdbx_struct_conn_angle.ptnr3_auth_asym_id 
_pdbx_struct_conn_angle.ptnr3_auth_comp_id 
_pdbx_struct_conn_angle.ptnr3_auth_seq_id 
_pdbx_struct_conn_angle.ptnr3_PDB_ins_code 
_pdbx_struct_conn_angle.ptnr3_symmetry 
_pdbx_struct_conn_angle.value 
_pdbx_struct_conn_angle.value_esd 
1 SG  ? A CYS 37 ? A CYS 35 ? 1_555 ZN ? B ZN . ? A ZN 101 ? 1_555 NE2 ? A HIS 63 ? A HIS 61  ? 1_555 123.7 ? 
2 SG  ? A CYS 37 ? A CYS 35 ? 1_555 ZN ? B ZN . ? A ZN 101 ? 1_555 NE2 ? A HIS 67 ? A HIS 65  ? 1_555 112.0 ? 
3 NE2 ? A HIS 63 ? A HIS 61 ? 1_555 ZN ? B ZN . ? A ZN 101 ? 1_555 NE2 ? A HIS 67 ? A HIS 65  ? 1_555 97.3  ? 
4 SG  ? A CYS 37 ? A CYS 35 ? 1_555 ZN ? B ZN . ? A ZN 101 ? 1_555 O2  ? E BEZ .  ? A BEZ 104 ? 1_555 115.1 ? 
5 NE2 ? A HIS 63 ? A HIS 61 ? 1_555 ZN ? B ZN . ? A ZN 101 ? 1_555 O2  ? E BEZ .  ? A BEZ 104 ? 1_555 92.6  ? 
6 NE2 ? A HIS 67 ? A HIS 65 ? 1_555 ZN ? B ZN . ? A ZN 101 ? 1_555 O2  ? E BEZ .  ? A BEZ 104 ? 1_555 114.0 ? 
# 
loop_
_struct_site.id 
_struct_site.pdbx_evidence_code 
_struct_site.pdbx_auth_asym_id 
_struct_site.pdbx_auth_comp_id 
_struct_site.pdbx_auth_seq_id 
_struct_site.pdbx_auth_ins_code 
_struct_site.pdbx_num_residues 
_struct_site.details 
AC1 Software A ZN  101 ? 4  'binding site for residue ZN A 101'  
AC2 Software A PEG 102 ? 4  'binding site for residue PEG A 102' 
AC3 Software A DMX 103 ? 9  'binding site for residue DMX A 103' 
AC4 Software A BEZ 104 ? 10 'binding site for residue BEZ A 104' 
# 
loop_
_struct_site_gen.id 
_struct_site_gen.site_id 
_struct_site_gen.pdbx_num_res 
_struct_site_gen.label_comp_id 
_struct_site_gen.label_asym_id 
_struct_site_gen.label_seq_id 
_struct_site_gen.pdbx_auth_ins_code 
_struct_site_gen.auth_comp_id 
_struct_site_gen.auth_asym_id 
_struct_site_gen.auth_seq_id 
_struct_site_gen.label_atom_id 
_struct_site_gen.label_alt_id 
_struct_site_gen.symmetry 
_struct_site_gen.details 
1  AC1 4  CYS A 37 ? CYS A 35  . ? 1_555 ? 
2  AC1 4  HIS A 63 ? HIS A 61  . ? 1_555 ? 
3  AC1 4  HIS A 67 ? HIS A 65  . ? 1_555 ? 
4  AC1 4  BEZ E .  ? BEZ A 104 . ? 1_555 ? 
5  AC2 4  GLY A 66 ? GLY A 64  . ? 1_555 ? 
6  AC2 4  GLN A 82 ? GLN A 80  . ? 1_555 ? 
7  AC2 4  BEZ E .  ? BEZ A 104 . ? 1_555 ? 
8  AC2 4  HOH F .  ? HOH A 202 . ? 1_555 ? 
9  AC3 9  GLN A 58 ? GLN A 56  . ? 1_555 ? 
10 AC3 9  ALA A 72 ? ALA A 70  . ? 2_656 ? 
11 AC3 9  GLY A 73 ? GLY A 71  . ? 2_656 ? 
12 AC3 9  ARG A 74 ? ARG A 72  . ? 2_656 ? 
13 AC3 9  GLU A 77 ? GLU A 75  . ? 1_555 ? 
14 AC3 9  ARG A 80 ? ARG A 78  . ? 1_555 ? 
15 AC3 9  ASN A 84 ? ASN A 82  . ? 1_555 ? 
16 AC3 9  HOH F .  ? HOH A 208 . ? 1_555 ? 
17 AC3 9  HOH F .  ? HOH A 216 . ? 1_555 ? 
18 AC4 10 GLN A 33 ? GLN A 31  . ? 1_555 ? 
19 AC4 10 LEU A 36 ? LEU A 34  . ? 1_555 ? 
20 AC4 10 CYS A 37 ? CYS A 35  . ? 1_555 ? 
21 AC4 10 MET A 40 ? MET A 38  . ? 1_555 ? 
22 AC4 10 HIS A 63 ? HIS A 61  . ? 1_555 ? 
23 AC4 10 HIS A 67 ? HIS A 65  . ? 1_555 ? 
24 AC4 10 LEU A 85 ? LEU A 83  . ? 1_555 ? 
25 AC4 10 TYR A 86 ? TYR A 84  . ? 1_555 ? 
26 AC4 10 ZN  B .  ? ZN  A 101 . ? 1_555 ? 
27 AC4 10 PEG C .  ? PEG A 102 . ? 1_555 ? 
# 
_pdbx_validate_close_contact.id               1 
_pdbx_validate_close_contact.PDB_model_num    1 
_pdbx_validate_close_contact.auth_atom_id_1   O 
_pdbx_validate_close_contact.auth_asym_id_1   A 
_pdbx_validate_close_contact.auth_comp_id_1   HOH 
_pdbx_validate_close_contact.auth_seq_id_1    213 
_pdbx_validate_close_contact.PDB_ins_code_1   ? 
_pdbx_validate_close_contact.label_alt_id_1   ? 
_pdbx_validate_close_contact.auth_atom_id_2   O 
_pdbx_validate_close_contact.auth_asym_id_2   A 
_pdbx_validate_close_contact.auth_comp_id_2   HOH 
_pdbx_validate_close_contact.auth_seq_id_2    219 
_pdbx_validate_close_contact.PDB_ins_code_2   ? 
_pdbx_validate_close_contact.label_alt_id_2   ? 
_pdbx_validate_close_contact.dist             2.07 
# 
_pdbx_validate_symm_contact.id                1 
_pdbx_validate_symm_contact.PDB_model_num     1 
_pdbx_validate_symm_contact.auth_atom_id_1    O 
_pdbx_validate_symm_contact.auth_asym_id_1    A 
_pdbx_validate_symm_contact.auth_comp_id_1    HOH 
_pdbx_validate_symm_contact.auth_seq_id_1     219 
_pdbx_validate_symm_contact.PDB_ins_code_1    ? 
_pdbx_validate_symm_contact.label_alt_id_1    ? 
_pdbx_validate_symm_contact.site_symmetry_1   1_555 
_pdbx_validate_symm_contact.auth_atom_id_2    O 
_pdbx_validate_symm_contact.auth_asym_id_2    A 
_pdbx_validate_symm_contact.auth_comp_id_2    HOH 
_pdbx_validate_symm_contact.auth_seq_id_2     219 
_pdbx_validate_symm_contact.PDB_ins_code_2    ? 
_pdbx_validate_symm_contact.label_alt_id_2    ? 
_pdbx_validate_symm_contact.site_symmetry_2   2_657 
_pdbx_validate_symm_contact.dist              2.00 
# 
_pdbx_entry_details.entry_id                 6YPI 
_pdbx_entry_details.has_ligand_of_interest   Y 
_pdbx_entry_details.compound_details         ? 
_pdbx_entry_details.source_details           ? 
_pdbx_entry_details.nonpolymer_details       ? 
_pdbx_entry_details.sequence_details         ? 
# 
loop_
_pdbx_unobs_or_zero_occ_residues.id 
_pdbx_unobs_or_zero_occ_residues.PDB_model_num 
_pdbx_unobs_or_zero_occ_residues.polymer_flag 
_pdbx_unobs_or_zero_occ_residues.occupancy_flag 
_pdbx_unobs_or_zero_occ_residues.auth_asym_id 
_pdbx_unobs_or_zero_occ_residues.auth_comp_id 
_pdbx_unobs_or_zero_occ_residues.auth_seq_id 
_pdbx_unobs_or_zero_occ_residues.PDB_ins_code 
_pdbx_unobs_or_zero_occ_residues.label_asym_id 
_pdbx_unobs_or_zero_occ_residues.label_comp_id 
_pdbx_unobs_or_zero_occ_residues.label_seq_id 
1  1 Y 1 A GLY -1 ? A GLY 1  
2  1 Y 1 A SER 0  ? A SER 2  
3  1 Y 1 A GLY 1  ? A GLY 3  
4  1 Y 1 A GLN 44 ? A GLN 46 
5  1 Y 1 A SER 45 ? A SER 47 
6  1 Y 1 A ASP 46 ? A ASP 48 
7  1 Y 1 A GLY 47 ? A GLY 49 
8  1 Y 1 A ASP 48 ? A ASP 50 
9  1 Y 1 A GLY 49 ? A GLY 51 
10 1 Y 1 A ASP 95 ? A ASP 97 
# 
loop_
_chem_comp_atom.comp_id 
_chem_comp_atom.atom_id 
_chem_comp_atom.type_symbol 
_chem_comp_atom.pdbx_aromatic_flag 
_chem_comp_atom.pdbx_stereo_config 
_chem_comp_atom.pdbx_ordinal 
ALA N    N  N N 1   
ALA CA   C  N S 2   
ALA C    C  N N 3   
ALA O    O  N N 4   
ALA CB   C  N N 5   
ALA OXT  O  N N 6   
ALA H    H  N N 7   
ALA H2   H  N N 8   
ALA HA   H  N N 9   
ALA HB1  H  N N 10  
ALA HB2  H  N N 11  
ALA HB3  H  N N 12  
ALA HXT  H  N N 13  
ARG N    N  N N 14  
ARG CA   C  N S 15  
ARG C    C  N N 16  
ARG O    O  N N 17  
ARG CB   C  N N 18  
ARG CG   C  N N 19  
ARG CD   C  N N 20  
ARG NE   N  N N 21  
ARG CZ   C  N N 22  
ARG NH1  N  N N 23  
ARG NH2  N  N N 24  
ARG OXT  O  N N 25  
ARG H    H  N N 26  
ARG H2   H  N N 27  
ARG HA   H  N N 28  
ARG HB2  H  N N 29  
ARG HB3  H  N N 30  
ARG HG2  H  N N 31  
ARG HG3  H  N N 32  
ARG HD2  H  N N 33  
ARG HD3  H  N N 34  
ARG HE   H  N N 35  
ARG HH11 H  N N 36  
ARG HH12 H  N N 37  
ARG HH21 H  N N 38  
ARG HH22 H  N N 39  
ARG HXT  H  N N 40  
ASN N    N  N N 41  
ASN CA   C  N S 42  
ASN C    C  N N 43  
ASN O    O  N N 44  
ASN CB   C  N N 45  
ASN CG   C  N N 46  
ASN OD1  O  N N 47  
ASN ND2  N  N N 48  
ASN OXT  O  N N 49  
ASN H    H  N N 50  
ASN H2   H  N N 51  
ASN HA   H  N N 52  
ASN HB2  H  N N 53  
ASN HB3  H  N N 54  
ASN HD21 H  N N 55  
ASN HD22 H  N N 56  
ASN HXT  H  N N 57  
ASP N    N  N N 58  
ASP CA   C  N S 59  
ASP C    C  N N 60  
ASP O    O  N N 61  
ASP CB   C  N N 62  
ASP CG   C  N N 63  
ASP OD1  O  N N 64  
ASP OD2  O  N N 65  
ASP OXT  O  N N 66  
ASP H    H  N N 67  
ASP H2   H  N N 68  
ASP HA   H  N N 69  
ASP HB2  H  N N 70  
ASP HB3  H  N N 71  
ASP HD2  H  N N 72  
ASP HXT  H  N N 73  
BEZ C    C  N N 74  
BEZ O1   O  N N 75  
BEZ O2   O  N N 76  
BEZ C1   C  Y N 77  
BEZ C2   C  Y N 78  
BEZ C3   C  Y N 79  
BEZ C4   C  Y N 80  
BEZ C5   C  Y N 81  
BEZ C6   C  Y N 82  
BEZ HO2  H  N N 83  
BEZ H2   H  N N 84  
BEZ H3   H  N N 85  
BEZ H4   H  N N 86  
BEZ H5   H  N N 87  
BEZ H6   H  N N 88  
CYS N    N  N N 89  
CYS CA   C  N R 90  
CYS C    C  N N 91  
CYS O    O  N N 92  
CYS CB   C  N N 93  
CYS SG   S  N N 94  
CYS OXT  O  N N 95  
CYS H    H  N N 96  
CYS H2   H  N N 97  
CYS HA   H  N N 98  
CYS HB2  H  N N 99  
CYS HB3  H  N N 100 
CYS HG   H  N N 101 
CYS HXT  H  N N 102 
DMX C1   C  Y N 103 
DMX C2   C  Y N 104 
DMX C3   C  Y N 105 
DMX C4   C  Y N 106 
DMX C5   C  Y N 107 
DMX C6   C  Y N 108 
DMX C7   C  N N 109 
DMX N8   N  N N 110 
DMX C9   C  N N 111 
DMX C10  C  N N 112 
DMX S11  S  N N 113 
DMX C12  C  N N 114 
DMX C13  C  N N 115 
DMX O14  O  N N 116 
DMX O15  O  N N 117 
DMX O16  O  N N 118 
DMX C17  C  N N 119 
DMX H1   H  N N 120 
DMX H2   H  N N 121 
DMX H3   H  N N 122 
DMX H5   H  N N 123 
DMX H6   H  N N 124 
DMX H71  H  N N 125 
DMX H72  H  N N 126 
DMX H91  H  N N 127 
DMX H92  H  N N 128 
DMX H101 H  N N 129 
DMX H102 H  N N 130 
DMX H121 H  N N 131 
DMX H122 H  N N 132 
DMX H123 H  N N 133 
DMX H131 H  N N 134 
DMX H132 H  N N 135 
DMX H133 H  N N 136 
DMX H171 H  N N 137 
DMX H172 H  N N 138 
GLN N    N  N N 139 
GLN CA   C  N S 140 
GLN C    C  N N 141 
GLN O    O  N N 142 
GLN CB   C  N N 143 
GLN CG   C  N N 144 
GLN CD   C  N N 145 
GLN OE1  O  N N 146 
GLN NE2  N  N N 147 
GLN OXT  O  N N 148 
GLN H    H  N N 149 
GLN H2   H  N N 150 
GLN HA   H  N N 151 
GLN HB2  H  N N 152 
GLN HB3  H  N N 153 
GLN HG2  H  N N 154 
GLN HG3  H  N N 155 
GLN HE21 H  N N 156 
GLN HE22 H  N N 157 
GLN HXT  H  N N 158 
GLU N    N  N N 159 
GLU CA   C  N S 160 
GLU C    C  N N 161 
GLU O    O  N N 162 
GLU CB   C  N N 163 
GLU CG   C  N N 164 
GLU CD   C  N N 165 
GLU OE1  O  N N 166 
GLU OE2  O  N N 167 
GLU OXT  O  N N 168 
GLU H    H  N N 169 
GLU H2   H  N N 170 
GLU HA   H  N N 171 
GLU HB2  H  N N 172 
GLU HB3  H  N N 173 
GLU HG2  H  N N 174 
GLU HG3  H  N N 175 
GLU HE2  H  N N 176 
GLU HXT  H  N N 177 
GLY N    N  N N 178 
GLY CA   C  N N 179 
GLY C    C  N N 180 
GLY O    O  N N 181 
GLY OXT  O  N N 182 
GLY H    H  N N 183 
GLY H2   H  N N 184 
GLY HA2  H  N N 185 
GLY HA3  H  N N 186 
GLY HXT  H  N N 187 
HIS N    N  N N 188 
HIS CA   C  N S 189 
HIS C    C  N N 190 
HIS O    O  N N 191 
HIS CB   C  N N 192 
HIS CG   C  Y N 193 
HIS ND1  N  Y N 194 
HIS CD2  C  Y N 195 
HIS CE1  C  Y N 196 
HIS NE2  N  Y N 197 
HIS OXT  O  N N 198 
HIS H    H  N N 199 
HIS H2   H  N N 200 
HIS HA   H  N N 201 
HIS HB2  H  N N 202 
HIS HB3  H  N N 203 
HIS HD1  H  N N 204 
HIS HD2  H  N N 205 
HIS HE1  H  N N 206 
HIS HE2  H  N N 207 
HIS HXT  H  N N 208 
HOH O    O  N N 209 
HOH H1   H  N N 210 
HOH H2   H  N N 211 
ILE N    N  N N 212 
ILE CA   C  N S 213 
ILE C    C  N N 214 
ILE O    O  N N 215 
ILE CB   C  N S 216 
ILE CG1  C  N N 217 
ILE CG2  C  N N 218 
ILE CD1  C  N N 219 
ILE OXT  O  N N 220 
ILE H    H  N N 221 
ILE H2   H  N N 222 
ILE HA   H  N N 223 
ILE HB   H  N N 224 
ILE HG12 H  N N 225 
ILE HG13 H  N N 226 
ILE HG21 H  N N 227 
ILE HG22 H  N N 228 
ILE HG23 H  N N 229 
ILE HD11 H  N N 230 
ILE HD12 H  N N 231 
ILE HD13 H  N N 232 
ILE HXT  H  N N 233 
LEU N    N  N N 234 
LEU CA   C  N S 235 
LEU C    C  N N 236 
LEU O    O  N N 237 
LEU CB   C  N N 238 
LEU CG   C  N N 239 
LEU CD1  C  N N 240 
LEU CD2  C  N N 241 
LEU OXT  O  N N 242 
LEU H    H  N N 243 
LEU H2   H  N N 244 
LEU HA   H  N N 245 
LEU HB2  H  N N 246 
LEU HB3  H  N N 247 
LEU HG   H  N N 248 
LEU HD11 H  N N 249 
LEU HD12 H  N N 250 
LEU HD13 H  N N 251 
LEU HD21 H  N N 252 
LEU HD22 H  N N 253 
LEU HD23 H  N N 254 
LEU HXT  H  N N 255 
LYS N    N  N N 256 
LYS CA   C  N S 257 
LYS C    C  N N 258 
LYS O    O  N N 259 
LYS CB   C  N N 260 
LYS CG   C  N N 261 
LYS CD   C  N N 262 
LYS CE   C  N N 263 
LYS NZ   N  N N 264 
LYS OXT  O  N N 265 
LYS H    H  N N 266 
LYS H2   H  N N 267 
LYS HA   H  N N 268 
LYS HB2  H  N N 269 
LYS HB3  H  N N 270 
LYS HG2  H  N N 271 
LYS HG3  H  N N 272 
LYS HD2  H  N N 273 
LYS HD3  H  N N 274 
LYS HE2  H  N N 275 
LYS HE3  H  N N 276 
LYS HZ1  H  N N 277 
LYS HZ2  H  N N 278 
LYS HZ3  H  N N 279 
LYS HXT  H  N N 280 
MET N    N  N N 281 
MET CA   C  N S 282 
MET C    C  N N 283 
MET O    O  N N 284 
MET CB   C  N N 285 
MET CG   C  N N 286 
MET SD   S  N N 287 
MET CE   C  N N 288 
MET OXT  O  N N 289 
MET H    H  N N 290 
MET H2   H  N N 291 
MET HA   H  N N 292 
MET HB2  H  N N 293 
MET HB3  H  N N 294 
MET HG2  H  N N 295 
MET HG3  H  N N 296 
MET HE1  H  N N 297 
MET HE2  H  N N 298 
MET HE3  H  N N 299 
MET HXT  H  N N 300 
PEG C1   C  N N 301 
PEG O1   O  N N 302 
PEG C2   C  N N 303 
PEG O2   O  N N 304 
PEG C3   C  N N 305 
PEG C4   C  N N 306 
PEG O4   O  N N 307 
PEG H11  H  N N 308 
PEG H12  H  N N 309 
PEG HO1  H  N N 310 
PEG H21  H  N N 311 
PEG H22  H  N N 312 
PEG H31  H  N N 313 
PEG H32  H  N N 314 
PEG H41  H  N N 315 
PEG H42  H  N N 316 
PEG HO4  H  N N 317 
PHE N    N  N N 318 
PHE CA   C  N S 319 
PHE C    C  N N 320 
PHE O    O  N N 321 
PHE CB   C  N N 322 
PHE CG   C  Y N 323 
PHE CD1  C  Y N 324 
PHE CD2  C  Y N 325 
PHE CE1  C  Y N 326 
PHE CE2  C  Y N 327 
PHE CZ   C  Y N 328 
PHE OXT  O  N N 329 
PHE H    H  N N 330 
PHE H2   H  N N 331 
PHE HA   H  N N 332 
PHE HB2  H  N N 333 
PHE HB3  H  N N 334 
PHE HD1  H  N N 335 
PHE HD2  H  N N 336 
PHE HE1  H  N N 337 
PHE HE2  H  N N 338 
PHE HZ   H  N N 339 
PHE HXT  H  N N 340 
PRO N    N  N N 341 
PRO CA   C  N S 342 
PRO C    C  N N 343 
PRO O    O  N N 344 
PRO CB   C  N N 345 
PRO CG   C  N N 346 
PRO CD   C  N N 347 
PRO OXT  O  N N 348 
PRO H    H  N N 349 
PRO HA   H  N N 350 
PRO HB2  H  N N 351 
PRO HB3  H  N N 352 
PRO HG2  H  N N 353 
PRO HG3  H  N N 354 
PRO HD2  H  N N 355 
PRO HD3  H  N N 356 
PRO HXT  H  N N 357 
SER N    N  N N 358 
SER CA   C  N S 359 
SER C    C  N N 360 
SER O    O  N N 361 
SER CB   C  N N 362 
SER OG   O  N N 363 
SER OXT  O  N N 364 
SER H    H  N N 365 
SER H2   H  N N 366 
SER HA   H  N N 367 
SER HB2  H  N N 368 
SER HB3  H  N N 369 
SER HG   H  N N 370 
SER HXT  H  N N 371 
THR N    N  N N 372 
THR CA   C  N S 373 
THR C    C  N N 374 
THR O    O  N N 375 
THR CB   C  N R 376 
THR OG1  O  N N 377 
THR CG2  C  N N 378 
THR OXT  O  N N 379 
THR H    H  N N 380 
THR H2   H  N N 381 
THR HA   H  N N 382 
THR HB   H  N N 383 
THR HG1  H  N N 384 
THR HG21 H  N N 385 
THR HG22 H  N N 386 
THR HG23 H  N N 387 
THR HXT  H  N N 388 
TRP N    N  N N 389 
TRP CA   C  N S 390 
TRP C    C  N N 391 
TRP O    O  N N 392 
TRP CB   C  N N 393 
TRP CG   C  Y N 394 
TRP CD1  C  Y N 395 
TRP CD2  C  Y N 396 
TRP NE1  N  Y N 397 
TRP CE2  C  Y N 398 
TRP CE3  C  Y N 399 
TRP CZ2  C  Y N 400 
TRP CZ3  C  Y N 401 
TRP CH2  C  Y N 402 
TRP OXT  O  N N 403 
TRP H    H  N N 404 
TRP H2   H  N N 405 
TRP HA   H  N N 406 
TRP HB2  H  N N 407 
TRP HB3  H  N N 408 
TRP HD1  H  N N 409 
TRP HE1  H  N N 410 
TRP HE3  H  N N 411 
TRP HZ2  H  N N 412 
TRP HZ3  H  N N 413 
TRP HH2  H  N N 414 
TRP HXT  H  N N 415 
TYR N    N  N N 416 
TYR CA   C  N S 417 
TYR C    C  N N 418 
TYR O    O  N N 419 
TYR CB   C  N N 420 
TYR CG   C  Y N 421 
TYR CD1  C  Y N 422 
TYR CD2  C  Y N 423 
TYR CE1  C  Y N 424 
TYR CE2  C  Y N 425 
TYR CZ   C  Y N 426 
TYR OH   O  N N 427 
TYR OXT  O  N N 428 
TYR H    H  N N 429 
TYR H2   H  N N 430 
TYR HA   H  N N 431 
TYR HB2  H  N N 432 
TYR HB3  H  N N 433 
TYR HD1  H  N N 434 
TYR HD2  H  N N 435 
TYR HE1  H  N N 436 
TYR HE2  H  N N 437 
TYR HH   H  N N 438 
TYR HXT  H  N N 439 
VAL N    N  N N 440 
VAL CA   C  N S 441 
VAL C    C  N N 442 
VAL O    O  N N 443 
VAL CB   C  N N 444 
VAL CG1  C  N N 445 
VAL CG2  C  N N 446 
VAL OXT  O  N N 447 
VAL H    H  N N 448 
VAL H2   H  N N 449 
VAL HA   H  N N 450 
VAL HB   H  N N 451 
VAL HG11 H  N N 452 
VAL HG12 H  N N 453 
VAL HG13 H  N N 454 
VAL HG21 H  N N 455 
VAL HG22 H  N N 456 
VAL HG23 H  N N 457 
VAL HXT  H  N N 458 
ZN  ZN   ZN N N 459 
# 
loop_
_chem_comp_bond.comp_id 
_chem_comp_bond.atom_id_1 
_chem_comp_bond.atom_id_2 
_chem_comp_bond.value_order 
_chem_comp_bond.pdbx_aromatic_flag 
_chem_comp_bond.pdbx_stereo_config 
_chem_comp_bond.pdbx_ordinal 
ALA N   CA   sing N N 1   
ALA N   H    sing N N 2   
ALA N   H2   sing N N 3   
ALA CA  C    sing N N 4   
ALA CA  CB   sing N N 5   
ALA CA  HA   sing N N 6   
ALA C   O    doub N N 7   
ALA C   OXT  sing N N 8   
ALA CB  HB1  sing N N 9   
ALA CB  HB2  sing N N 10  
ALA CB  HB3  sing N N 11  
ALA OXT HXT  sing N N 12  
ARG N   CA   sing N N 13  
ARG N   H    sing N N 14  
ARG N   H2   sing N N 15  
ARG CA  C    sing N N 16  
ARG CA  CB   sing N N 17  
ARG CA  HA   sing N N 18  
ARG C   O    doub N N 19  
ARG C   OXT  sing N N 20  
ARG CB  CG   sing N N 21  
ARG CB  HB2  sing N N 22  
ARG CB  HB3  sing N N 23  
ARG CG  CD   sing N N 24  
ARG CG  HG2  sing N N 25  
ARG CG  HG3  sing N N 26  
ARG CD  NE   sing N N 27  
ARG CD  HD2  sing N N 28  
ARG CD  HD3  sing N N 29  
ARG NE  CZ   sing N N 30  
ARG NE  HE   sing N N 31  
ARG CZ  NH1  sing N N 32  
ARG CZ  NH2  doub N N 33  
ARG NH1 HH11 sing N N 34  
ARG NH1 HH12 sing N N 35  
ARG NH2 HH21 sing N N 36  
ARG NH2 HH22 sing N N 37  
ARG OXT HXT  sing N N 38  
ASN N   CA   sing N N 39  
ASN N   H    sing N N 40  
ASN N   H2   sing N N 41  
ASN CA  C    sing N N 42  
ASN CA  CB   sing N N 43  
ASN CA  HA   sing N N 44  
ASN C   O    doub N N 45  
ASN C   OXT  sing N N 46  
ASN CB  CG   sing N N 47  
ASN CB  HB2  sing N N 48  
ASN CB  HB3  sing N N 49  
ASN CG  OD1  doub N N 50  
ASN CG  ND2  sing N N 51  
ASN ND2 HD21 sing N N 52  
ASN ND2 HD22 sing N N 53  
ASN OXT HXT  sing N N 54  
ASP N   CA   sing N N 55  
ASP N   H    sing N N 56  
ASP N   H2   sing N N 57  
ASP CA  C    sing N N 58  
ASP CA  CB   sing N N 59  
ASP CA  HA   sing N N 60  
ASP C   O    doub N N 61  
ASP C   OXT  sing N N 62  
ASP CB  CG   sing N N 63  
ASP CB  HB2  sing N N 64  
ASP CB  HB3  sing N N 65  
ASP CG  OD1  doub N N 66  
ASP CG  OD2  sing N N 67  
ASP OD2 HD2  sing N N 68  
ASP OXT HXT  sing N N 69  
BEZ C   O1   doub N N 70  
BEZ C   O2   sing N N 71  
BEZ C   C1   sing N N 72  
BEZ O2  HO2  sing N N 73  
BEZ C1  C2   doub Y N 74  
BEZ C1  C6   sing Y N 75  
BEZ C2  C3   sing Y N 76  
BEZ C2  H2   sing N N 77  
BEZ C3  C4   doub Y N 78  
BEZ C3  H3   sing N N 79  
BEZ C4  C5   sing Y N 80  
BEZ C4  H4   sing N N 81  
BEZ C5  C6   doub Y N 82  
BEZ C5  H5   sing N N 83  
BEZ C6  H6   sing N N 84  
CYS N   CA   sing N N 85  
CYS N   H    sing N N 86  
CYS N   H2   sing N N 87  
CYS CA  C    sing N N 88  
CYS CA  CB   sing N N 89  
CYS CA  HA   sing N N 90  
CYS C   O    doub N N 91  
CYS C   OXT  sing N N 92  
CYS CB  SG   sing N N 93  
CYS CB  HB2  sing N N 94  
CYS CB  HB3  sing N N 95  
CYS SG  HG   sing N N 96  
CYS OXT HXT  sing N N 97  
DMX C1  C2   sing Y N 98  
DMX C1  C6   doub Y N 99  
DMX C1  H1   sing N N 100 
DMX C2  C3   doub Y N 101 
DMX C2  H2   sing N N 102 
DMX C3  C4   sing Y N 103 
DMX C3  H3   sing N N 104 
DMX C4  C5   doub Y N 105 
DMX C4  C7   sing N N 106 
DMX C5  C6   sing Y N 107 
DMX C5  H5   sing N N 108 
DMX C6  H6   sing N N 109 
DMX C7  N8   sing N N 110 
DMX C7  H71  sing N N 111 
DMX C7  H72  sing N N 112 
DMX N8  C9   sing N N 113 
DMX N8  C12  sing N N 114 
DMX N8  C13  sing N N 115 
DMX C9  C17  sing N N 116 
DMX C9  H91  sing N N 117 
DMX C9  H92  sing N N 118 
DMX C10 S11  sing N N 119 
DMX C10 C17  sing N N 120 
DMX C10 H101 sing N N 121 
DMX C10 H102 sing N N 122 
DMX S11 O14  sing N N 123 
DMX S11 O15  doub N N 124 
DMX S11 O16  doub N N 125 
DMX C12 H121 sing N N 126 
DMX C12 H122 sing N N 127 
DMX C12 H123 sing N N 128 
DMX C13 H131 sing N N 129 
DMX C13 H132 sing N N 130 
DMX C13 H133 sing N N 131 
DMX C17 H171 sing N N 132 
DMX C17 H172 sing N N 133 
GLN N   CA   sing N N 134 
GLN N   H    sing N N 135 
GLN N   H2   sing N N 136 
GLN CA  C    sing N N 137 
GLN CA  CB   sing N N 138 
GLN CA  HA   sing N N 139 
GLN C   O    doub N N 140 
GLN C   OXT  sing N N 141 
GLN CB  CG   sing N N 142 
GLN CB  HB2  sing N N 143 
GLN CB  HB3  sing N N 144 
GLN CG  CD   sing N N 145 
GLN CG  HG2  sing N N 146 
GLN CG  HG3  sing N N 147 
GLN CD  OE1  doub N N 148 
GLN CD  NE2  sing N N 149 
GLN NE2 HE21 sing N N 150 
GLN NE2 HE22 sing N N 151 
GLN OXT HXT  sing N N 152 
GLU N   CA   sing N N 153 
GLU N   H    sing N N 154 
GLU N   H2   sing N N 155 
GLU CA  C    sing N N 156 
GLU CA  CB   sing N N 157 
GLU CA  HA   sing N N 158 
GLU C   O    doub N N 159 
GLU C   OXT  sing N N 160 
GLU CB  CG   sing N N 161 
GLU CB  HB2  sing N N 162 
GLU CB  HB3  sing N N 163 
GLU CG  CD   sing N N 164 
GLU CG  HG2  sing N N 165 
GLU CG  HG3  sing N N 166 
GLU CD  OE1  doub N N 167 
GLU CD  OE2  sing N N 168 
GLU OE2 HE2  sing N N 169 
GLU OXT HXT  sing N N 170 
GLY N   CA   sing N N 171 
GLY N   H    sing N N 172 
GLY N   H2   sing N N 173 
GLY CA  C    sing N N 174 
GLY CA  HA2  sing N N 175 
GLY CA  HA3  sing N N 176 
GLY C   O    doub N N 177 
GLY C   OXT  sing N N 178 
GLY OXT HXT  sing N N 179 
HIS N   CA   sing N N 180 
HIS N   H    sing N N 181 
HIS N   H2   sing N N 182 
HIS CA  C    sing N N 183 
HIS CA  CB   sing N N 184 
HIS CA  HA   sing N N 185 
HIS C   O    doub N N 186 
HIS C   OXT  sing N N 187 
HIS CB  CG   sing N N 188 
HIS CB  HB2  sing N N 189 
HIS CB  HB3  sing N N 190 
HIS CG  ND1  sing Y N 191 
HIS CG  CD2  doub Y N 192 
HIS ND1 CE1  doub Y N 193 
HIS ND1 HD1  sing N N 194 
HIS CD2 NE2  sing Y N 195 
HIS CD2 HD2  sing N N 196 
HIS CE1 NE2  sing Y N 197 
HIS CE1 HE1  sing N N 198 
HIS NE2 HE2  sing N N 199 
HIS OXT HXT  sing N N 200 
HOH O   H1   sing N N 201 
HOH O   H2   sing N N 202 
ILE N   CA   sing N N 203 
ILE N   H    sing N N 204 
ILE N   H2   sing N N 205 
ILE CA  C    sing N N 206 
ILE CA  CB   sing N N 207 
ILE CA  HA   sing N N 208 
ILE C   O    doub N N 209 
ILE C   OXT  sing N N 210 
ILE CB  CG1  sing N N 211 
ILE CB  CG2  sing N N 212 
ILE CB  HB   sing N N 213 
ILE CG1 CD1  sing N N 214 
ILE CG1 HG12 sing N N 215 
ILE CG1 HG13 sing N N 216 
ILE CG2 HG21 sing N N 217 
ILE CG2 HG22 sing N N 218 
ILE CG2 HG23 sing N N 219 
ILE CD1 HD11 sing N N 220 
ILE CD1 HD12 sing N N 221 
ILE CD1 HD13 sing N N 222 
ILE OXT HXT  sing N N 223 
LEU N   CA   sing N N 224 
LEU N   H    sing N N 225 
LEU N   H2   sing N N 226 
LEU CA  C    sing N N 227 
LEU CA  CB   sing N N 228 
LEU CA  HA   sing N N 229 
LEU C   O    doub N N 230 
LEU C   OXT  sing N N 231 
LEU CB  CG   sing N N 232 
LEU CB  HB2  sing N N 233 
LEU CB  HB3  sing N N 234 
LEU CG  CD1  sing N N 235 
LEU CG  CD2  sing N N 236 
LEU CG  HG   sing N N 237 
LEU CD1 HD11 sing N N 238 
LEU CD1 HD12 sing N N 239 
LEU CD1 HD13 sing N N 240 
LEU CD2 HD21 sing N N 241 
LEU CD2 HD22 sing N N 242 
LEU CD2 HD23 sing N N 243 
LEU OXT HXT  sing N N 244 
LYS N   CA   sing N N 245 
LYS N   H    sing N N 246 
LYS N   H2   sing N N 247 
LYS CA  C    sing N N 248 
LYS CA  CB   sing N N 249 
LYS CA  HA   sing N N 250 
LYS C   O    doub N N 251 
LYS C   OXT  sing N N 252 
LYS CB  CG   sing N N 253 
LYS CB  HB2  sing N N 254 
LYS CB  HB3  sing N N 255 
LYS CG  CD   sing N N 256 
LYS CG  HG2  sing N N 257 
LYS CG  HG3  sing N N 258 
LYS CD  CE   sing N N 259 
LYS CD  HD2  sing N N 260 
LYS CD  HD3  sing N N 261 
LYS CE  NZ   sing N N 262 
LYS CE  HE2  sing N N 263 
LYS CE  HE3  sing N N 264 
LYS NZ  HZ1  sing N N 265 
LYS NZ  HZ2  sing N N 266 
LYS NZ  HZ3  sing N N 267 
LYS OXT HXT  sing N N 268 
MET N   CA   sing N N 269 
MET N   H    sing N N 270 
MET N   H2   sing N N 271 
MET CA  C    sing N N 272 
MET CA  CB   sing N N 273 
MET CA  HA   sing N N 274 
MET C   O    doub N N 275 
MET C   OXT  sing N N 276 
MET CB  CG   sing N N 277 
MET CB  HB2  sing N N 278 
MET CB  HB3  sing N N 279 
MET CG  SD   sing N N 280 
MET CG  HG2  sing N N 281 
MET CG  HG3  sing N N 282 
MET SD  CE   sing N N 283 
MET CE  HE1  sing N N 284 
MET CE  HE2  sing N N 285 
MET CE  HE3  sing N N 286 
MET OXT HXT  sing N N 287 
PEG C1  O1   sing N N 288 
PEG C1  C2   sing N N 289 
PEG C1  H11  sing N N 290 
PEG C1  H12  sing N N 291 
PEG O1  HO1  sing N N 292 
PEG C2  O2   sing N N 293 
PEG C2  H21  sing N N 294 
PEG C2  H22  sing N N 295 
PEG O2  C3   sing N N 296 
PEG C3  C4   sing N N 297 
PEG C3  H31  sing N N 298 
PEG C3  H32  sing N N 299 
PEG C4  O4   sing N N 300 
PEG C4  H41  sing N N 301 
PEG C4  H42  sing N N 302 
PEG O4  HO4  sing N N 303 
PHE N   CA   sing N N 304 
PHE N   H    sing N N 305 
PHE N   H2   sing N N 306 
PHE CA  C    sing N N 307 
PHE CA  CB   sing N N 308 
PHE CA  HA   sing N N 309 
PHE C   O    doub N N 310 
PHE C   OXT  sing N N 311 
PHE CB  CG   sing N N 312 
PHE CB  HB2  sing N N 313 
PHE CB  HB3  sing N N 314 
PHE CG  CD1  doub Y N 315 
PHE CG  CD2  sing Y N 316 
PHE CD1 CE1  sing Y N 317 
PHE CD1 HD1  sing N N 318 
PHE CD2 CE2  doub Y N 319 
PHE CD2 HD2  sing N N 320 
PHE CE1 CZ   doub Y N 321 
PHE CE1 HE1  sing N N 322 
PHE CE2 CZ   sing Y N 323 
PHE CE2 HE2  sing N N 324 
PHE CZ  HZ   sing N N 325 
PHE OXT HXT  sing N N 326 
PRO N   CA   sing N N 327 
PRO N   CD   sing N N 328 
PRO N   H    sing N N 329 
PRO CA  C    sing N N 330 
PRO CA  CB   sing N N 331 
PRO CA  HA   sing N N 332 
PRO C   O    doub N N 333 
PRO C   OXT  sing N N 334 
PRO CB  CG   sing N N 335 
PRO CB  HB2  sing N N 336 
PRO CB  HB3  sing N N 337 
PRO CG  CD   sing N N 338 
PRO CG  HG2  sing N N 339 
PRO CG  HG3  sing N N 340 
PRO CD  HD2  sing N N 341 
PRO CD  HD3  sing N N 342 
PRO OXT HXT  sing N N 343 
SER N   CA   sing N N 344 
SER N   H    sing N N 345 
SER N   H2   sing N N 346 
SER CA  C    sing N N 347 
SER CA  CB   sing N N 348 
SER CA  HA   sing N N 349 
SER C   O    doub N N 350 
SER C   OXT  sing N N 351 
SER CB  OG   sing N N 352 
SER CB  HB2  sing N N 353 
SER CB  HB3  sing N N 354 
SER OG  HG   sing N N 355 
SER OXT HXT  sing N N 356 
THR N   CA   sing N N 357 
THR N   H    sing N N 358 
THR N   H2   sing N N 359 
THR CA  C    sing N N 360 
THR CA  CB   sing N N 361 
THR CA  HA   sing N N 362 
THR C   O    doub N N 363 
THR C   OXT  sing N N 364 
THR CB  OG1  sing N N 365 
THR CB  CG2  sing N N 366 
THR CB  HB   sing N N 367 
THR OG1 HG1  sing N N 368 
THR CG2 HG21 sing N N 369 
THR CG2 HG22 sing N N 370 
THR CG2 HG23 sing N N 371 
THR OXT HXT  sing N N 372 
TRP N   CA   sing N N 373 
TRP N   H    sing N N 374 
TRP N   H2   sing N N 375 
TRP CA  C    sing N N 376 
TRP CA  CB   sing N N 377 
TRP CA  HA   sing N N 378 
TRP C   O    doub N N 379 
TRP C   OXT  sing N N 380 
TRP CB  CG   sing N N 381 
TRP CB  HB2  sing N N 382 
TRP CB  HB3  sing N N 383 
TRP CG  CD1  doub Y N 384 
TRP CG  CD2  sing Y N 385 
TRP CD1 NE1  sing Y N 386 
TRP CD1 HD1  sing N N 387 
TRP CD2 CE2  doub Y N 388 
TRP CD2 CE3  sing Y N 389 
TRP NE1 CE2  sing Y N 390 
TRP NE1 HE1  sing N N 391 
TRP CE2 CZ2  sing Y N 392 
TRP CE3 CZ3  doub Y N 393 
TRP CE3 HE3  sing N N 394 
TRP CZ2 CH2  doub Y N 395 
TRP CZ2 HZ2  sing N N 396 
TRP CZ3 CH2  sing Y N 397 
TRP CZ3 HZ3  sing N N 398 
TRP CH2 HH2  sing N N 399 
TRP OXT HXT  sing N N 400 
TYR N   CA   sing N N 401 
TYR N   H    sing N N 402 
TYR N   H2   sing N N 403 
TYR CA  C    sing N N 404 
TYR CA  CB   sing N N 405 
TYR CA  HA   sing N N 406 
TYR C   O    doub N N 407 
TYR C   OXT  sing N N 408 
TYR CB  CG   sing N N 409 
TYR CB  HB2  sing N N 410 
TYR CB  HB3  sing N N 411 
TYR CG  CD1  doub Y N 412 
TYR CG  CD2  sing Y N 413 
TYR CD1 CE1  sing Y N 414 
TYR CD1 HD1  sing N N 415 
TYR CD2 CE2  doub Y N 416 
TYR CD2 HD2  sing N N 417 
TYR CE1 CZ   doub Y N 418 
TYR CE1 HE1  sing N N 419 
TYR CE2 CZ   sing Y N 420 
TYR CE2 HE2  sing N N 421 
TYR CZ  OH   sing N N 422 
TYR OH  HH   sing N N 423 
TYR OXT HXT  sing N N 424 
VAL N   CA   sing N N 425 
VAL N   H    sing N N 426 
VAL N   H2   sing N N 427 
VAL CA  C    sing N N 428 
VAL CA  CB   sing N N 429 
VAL CA  HA   sing N N 430 
VAL C   O    doub N N 431 
VAL C   OXT  sing N N 432 
VAL CB  CG1  sing N N 433 
VAL CB  CG2  sing N N 434 
VAL CB  HB   sing N N 435 
VAL CG1 HG11 sing N N 436 
VAL CG1 HG12 sing N N 437 
VAL CG1 HG13 sing N N 438 
VAL CG2 HG21 sing N N 439 
VAL CG2 HG22 sing N N 440 
VAL CG2 HG23 sing N N 441 
VAL OXT HXT  sing N N 442 
# 
_pdbx_entity_instance_feature.ordinal        1 
_pdbx_entity_instance_feature.comp_id        ZN 
_pdbx_entity_instance_feature.asym_id        ? 
_pdbx_entity_instance_feature.seq_num        ? 
_pdbx_entity_instance_feature.auth_comp_id   ZN 
_pdbx_entity_instance_feature.auth_asym_id   ? 
_pdbx_entity_instance_feature.auth_seq_num   ? 
_pdbx_entity_instance_feature.feature_type   'SUBJECT OF INVESTIGATION' 
_pdbx_entity_instance_feature.details        ? 
# 
_atom_sites.entry_id                    6YPI 
_atom_sites.Cartn_transf_matrix[1][1]   ? 
_atom_sites.Cartn_transf_matrix[1][2]   ? 
_atom_sites.Cartn_transf_matrix[1][3]   ? 
_atom_sites.Cartn_transf_matrix[2][1]   ? 
_atom_sites.Cartn_transf_matrix[2][2]   ? 
_atom_sites.Cartn_transf_matrix[2][3]   ? 
_atom_sites.Cartn_transf_matrix[3][1]   ? 
_atom_sites.Cartn_transf_matrix[3][2]   ? 
_atom_sites.Cartn_transf_matrix[3][3]   ? 
_atom_sites.Cartn_transf_vector[1]      ? 
_atom_sites.Cartn_transf_vector[2]      ? 
_atom_sites.Cartn_transf_vector[3]      ? 
_atom_sites.fract_transf_matrix[1][1]   0.00636334 
_atom_sites.fract_transf_matrix[1][2]   0.01556121 
_atom_sites.fract_transf_matrix[1][3]   0.00300831 
_atom_sites.fract_transf_matrix[2][1]   -0.01633532 
_atom_sites.fract_transf_matrix[2][2]   0.01070783 
_atom_sites.fract_transf_matrix[2][3]   -0.02083545 
_atom_sites.fract_transf_matrix[3][1]   -0.01379919 
_atom_sites.fract_transf_matrix[3][2]   0.01155082 
_atom_sites.fract_transf_matrix[3][3]   0.01675502 
_atom_sites.fract_transf_vector[1]      0.331706 
_atom_sites.fract_transf_vector[2]      0.574196 
_atom_sites.fract_transf_vector[3]      0.697893 
_atom_sites.solution_primary            ? 
_atom_sites.solution_secondary          ? 
_atom_sites.solution_hydrogens          ? 
_atom_sites.special_details             ? 
# 
loop_
_atom_type.symbol 
C  
N  
O  
S  
ZN 
# 
loop_
_atom_site.group_PDB 
_atom_site.id 
_atom_site.type_symbol 
_atom_site.label_atom_id 
_atom_site.label_alt_id 
_atom_site.label_comp_id 
_atom_site.label_asym_id 
_atom_site.label_entity_id 
_atom_site.label_seq_id 
_atom_site.pdbx_PDB_ins_code 
_atom_site.Cartn_x 
_atom_site.Cartn_y 
_atom_site.Cartn_z 
_atom_site.occupancy 
_atom_site.B_iso_or_equiv 
_atom_site.pdbx_formal_charge 
_atom_site.auth_seq_id 
_atom_site.auth_comp_id 
_atom_site.auth_asym_id 
_atom_site.auth_atom_id 
_atom_site.pdbx_PDB_model_num 
ATOM   1   N  N   . SER A 1 4  ? -15.728 6.765   -2.680  1.00 64.94 ? 2   SER A N   1 
ATOM   2   C  CA  . SER A 1 4  ? -16.286 6.111   -1.491  1.00 62.42 ? 2   SER A CA  1 
ATOM   3   C  C   . SER A 1 4  ? -16.439 4.592   -1.567  1.00 64.88 ? 2   SER A C   1 
ATOM   4   O  O   . SER A 1 4  ? -16.147 3.895   -0.592  1.00 69.67 ? 2   SER A O   1 
ATOM   5   C  CB  . SER A 1 4  ? -17.605 6.744   -1.040  1.00 74.38 ? 2   SER A CB  1 
ATOM   6   O  OG  . SER A 1 4  ? -17.356 7.720   -0.048  1.00 82.28 ? 2   SER A OG  1 
ATOM   7   N  N   . PRO A 1 5  ? -16.920 4.066   -2.696  1.00 65.28 ? 3   PRO A N   1 
ATOM   8   C  CA  . PRO A 1 5  ? -16.793 2.615   -2.887  1.00 52.04 ? 3   PRO A CA  1 
ATOM   9   C  C   . PRO A 1 5  ? -15.351 2.195   -3.071  1.00 51.25 ? 3   PRO A C   1 
ATOM   10  O  O   . PRO A 1 5  ? -14.929 1.162   -2.537  1.00 53.19 ? 3   PRO A O   1 
ATOM   11  C  CB  . PRO A 1 5  ? -17.640 2.327   -4.132  1.00 56.11 ? 3   PRO A CB  1 
ATOM   12  C  CG  . PRO A 1 5  ? -18.308 3.636   -4.491  1.00 66.81 ? 3   PRO A CG  1 
ATOM   13  C  CD  . PRO A 1 5  ? -17.509 4.722   -3.877  1.00 64.54 ? 3   PRO A CD  1 
ATOM   14  N  N   . LEU A 1 6  ? -14.576 3.005   -3.795  1.00 49.27 ? 4   LEU A N   1 
ATOM   15  C  CA  . LEU A 1 6  ? -13.154 2.742   -3.952  1.00 34.64 ? 4   LEU A CA  1 
ATOM   16  C  C   . LEU A 1 6  ? -12.444 2.782   -2.606  1.00 32.63 ? 4   LEU A C   1 
ATOM   17  O  O   . LEU A 1 6  ? -11.593 1.932   -2.321  1.00 31.87 ? 4   LEU A O   1 
ATOM   18  C  CB  . LEU A 1 6  ? -12.562 3.763   -4.919  1.00 37.73 ? 4   LEU A CB  1 
ATOM   19  C  CG  . LEU A 1 6  ? -11.266 3.367   -5.613  1.00 41.17 ? 4   LEU A CG  1 
ATOM   20  C  CD1 . LEU A 1 6  ? -11.431 2.028   -6.294  1.00 40.48 ? 4   LEU A CD1 1 
ATOM   21  C  CD2 . LEU A 1 6  ? -10.831 4.430   -6.607  1.00 36.25 ? 4   LEU A CD2 1 
ATOM   22  N  N   . ALA A 1 7  ? -12.788 3.757   -1.759  1.00 31.33 ? 5   ALA A N   1 
ATOM   23  C  CA  . ALA A 1 7  ? -12.206 3.800   -0.421  1.00 30.86 ? 5   ALA A CA  1 
ATOM   24  C  C   . ALA A 1 7  ? -12.550 2.548   0.373   1.00 33.61 ? 5   ALA A C   1 
ATOM   25  O  O   . ALA A 1 7  ? -11.715 2.029   1.122   1.00 33.32 ? 5   ALA A O   1 
ATOM   26  C  CB  . ALA A 1 7  ? -12.659 5.054   0.321   1.00 32.51 ? 5   ALA A CB  1 
ATOM   27  N  N   . GLN A 1 8  ? -13.772 2.039   0.223   1.00 38.29 ? 6   GLN A N   1 
ATOM   28  C  CA  . GLN A 1 8  ? -14.127 0.833   0.961   1.00 35.32 ? 6   GLN A CA  1 
ATOM   29  C  C   . GLN A 1 8  ? -13.381 -0.382  0.426   1.00 31.25 ? 6   GLN A C   1 
ATOM   30  O  O   . GLN A 1 8  ? -12.950 -1.241  1.204   1.00 31.87 ? 6   GLN A O   1 
ATOM   31  C  CB  . GLN A 1 8  ? -15.637 0.610   0.938   1.00 43.77 ? 6   GLN A CB  1 
ATOM   32  C  CG  . GLN A 1 8  ? -16.117 -0.371  2.004   1.00 51.79 ? 6   GLN A CG  1 
ATOM   33  C  CD  . GLN A 1 8  ? -15.517 -0.098  3.380   1.00 53.87 ? 6   GLN A CD  1 
ATOM   34  O  OE1 . GLN A 1 8  ? -15.671 0.992   3.937   1.00 58.09 ? 6   GLN A OE1 1 
ATOM   35  N  NE2 . GLN A 1 8  ? -14.832 -1.095  3.935   1.00 55.03 ? 6   GLN A NE2 1 
ATOM   36  N  N   . GLN A 1 9  ? -13.228 -0.475  -0.897  1.00 30.38 ? 7   GLN A N   1 
ATOM   37  C  CA  . GLN A 1 9  ? -12.445 -1.559  -1.483  1.00 25.45 ? 7   GLN A CA  1 
ATOM   38  C  C   . GLN A 1 9  ? -11.026 -1.551  -0.934  1.00 31.35 ? 7   GLN A C   1 
ATOM   39  O  O   . GLN A 1 9  ? -10.459 -2.609  -0.622  1.00 25.94 ? 7   GLN A O   1 
ATOM   40  C  CB  . GLN A 1 9  ? -12.399 -1.385  -2.996  1.00 32.44 ? 7   GLN A CB  1 
ATOM   41  C  CG  . GLN A 1 9  ? -13.681 -1.722  -3.734  1.00 40.08 ? 7   GLN A CG  1 
ATOM   42  C  CD  . GLN A 1 9  ? -13.493 -1.649  -5.243  1.00 48.67 ? 7   GLN A CD  1 
ATOM   43  O  OE1 . GLN A 1 9  ? -13.087 -2.624  -5.881  1.00 42.43 ? 7   GLN A OE1 1 
ATOM   44  N  NE2 . GLN A 1 9  ? -13.767 -0.479  -5.815  1.00 46.45 ? 7   GLN A NE2 1 
ATOM   45  N  N   . ILE A 1 10 ? -10.443 -0.356  -0.803  1.00 25.15 ? 8   ILE A N   1 
ATOM   46  C  CA  . ILE A 1 10 ? -9.073  -0.218  -0.309  1.00 22.70 ? 8   ILE A CA  1 
ATOM   47  C  C   . ILE A 1 10 ? -8.986  -0.635  1.156   1.00 25.11 ? 8   ILE A C   1 
ATOM   48  O  O   . ILE A 1 10 ? -8.062  -1.353  1.562   1.00 25.49 ? 8   ILE A O   1 
ATOM   49  C  CB  . ILE A 1 10 ? -8.589  1.228   -0.532  1.00 22.42 ? 8   ILE A CB  1 
ATOM   50  C  CG1 . ILE A 1 10 ? -8.283  1.455   -2.011  1.00 23.01 ? 8   ILE A CG1 1 
ATOM   51  C  CG2 . ILE A 1 10 ? -7.395  1.567   0.370   1.00 20.90 ? 8   ILE A CG2 1 
ATOM   52  C  CD1 . ILE A 1 10 ? -7.970  2.913   -2.368  1.00 23.89 ? 8   ILE A CD1 1 
ATOM   53  N  N   . LYS A 1 11 ? -9.940  -0.178  1.975   1.00 27.73 ? 9   LYS A N   1 
ATOM   54  C  CA  . LYS A 1 11 ? -9.983  -0.583  3.378   1.00 26.63 ? 9   LYS A CA  1 
ATOM   55  C  C   . LYS A 1 11 ? -10.090 -2.101  3.510   1.00 29.46 ? 9   LYS A C   1 
ATOM   56  O  O   . LYS A 1 11 ? -9.446  -2.705  4.376   1.00 30.06 ? 9   LYS A O   1 
ATOM   57  C  CB  . LYS A 1 11 ? -11.150 0.114   4.087   1.00 28.37 ? 9   LYS A CB  1 
ATOM   58  C  CG  . LYS A 1 11 ? -10.895 1.583   4.393   1.00 30.04 ? 9   LYS A CG  1 
ATOM   59  C  CD  . LYS A 1 11 ? -12.152 2.256   4.928   1.00 31.32 ? 9   LYS A CD  1 
ATOM   60  C  CE  . LYS A 1 11 ? -12.559 1.665   6.262   1.00 44.99 ? 9   LYS A CE  1 
ATOM   61  N  NZ  . LYS A 1 11 ? -11.455 1.732   7.264   1.00 42.77 ? 9   LYS A NZ  1 
ATOM   62  N  N   A ASN A 1 12 ? -10.880 -2.733  2.636   0.59 25.11 ? 10  ASN A N   1 
ATOM   63  N  N   B ASN A 1 12 ? -10.934 -2.729  2.690   0.41 25.27 ? 10  ASN A N   1 
ATOM   64  C  CA  A ASN A 1 12 ? -11.049 -4.183  2.694   0.59 28.10 ? 10  ASN A CA  1 
ATOM   65  C  CA  B ASN A 1 12 ? -11.073 -4.180  2.763   0.41 28.09 ? 10  ASN A CA  1 
ATOM   66  C  C   A ASN A 1 12 ? -9.759  -4.905  2.328   0.59 30.34 ? 10  ASN A C   1 
ATOM   67  C  C   B ASN A 1 12 ? -9.731  -4.856  2.521   0.41 30.32 ? 10  ASN A C   1 
ATOM   68  O  O   A ASN A 1 12 ? -9.455  -5.965  2.889   0.59 30.01 ? 10  ASN A O   1 
ATOM   69  O  O   B ASN A 1 12 ? -9.307  -5.721  3.297   0.41 28.91 ? 10  ASN A O   1 
ATOM   70  C  CB  A ASN A 1 12 ? -12.188 -4.620  1.774   0.59 27.83 ? 10  ASN A CB  1 
ATOM   71  C  CB  B ASN A 1 12 ? -12.117 -4.658  1.753   0.41 27.83 ? 10  ASN A CB  1 
ATOM   72  C  CG  A ASN A 1 12 ? -13.540 -4.148  2.260   0.59 31.49 ? 10  ASN A CG  1 
ATOM   73  C  CG  B ASN A 1 12 ? -12.279 -6.168  1.751   0.41 28.82 ? 10  ASN A CG  1 
ATOM   74  O  OD1 A ASN A 1 12 ? -13.687 -3.767  3.419   0.59 30.56 ? 10  ASN A OD1 1 
ATOM   75  O  OD1 B ASN A 1 12 ? -12.366 -6.797  2.807   0.41 31.81 ? 10  ASN A OD1 1 
ATOM   76  N  ND2 A ASN A 1 12 ? -14.537 -4.176  1.378   0.59 31.23 ? 10  ASN A ND2 1 
ATOM   77  N  ND2 B ASN A 1 12 ? -12.314 -6.758  0.558   0.41 35.25 ? 10  ASN A ND2 1 
ATOM   78  N  N   A ILE A 1 13 ? -8.990  -4.354  1.386   0.59 25.54 ? 11  ILE A N   1 
ATOM   79  N  N   B ILE A 1 13 ? -9.028  -4.433  1.468   0.41 25.79 ? 11  ILE A N   1 
ATOM   80  C  CA  A ILE A 1 13 ? -7.715  -4.973  1.033   0.59 23.10 ? 11  ILE A CA  1 
ATOM   81  C  CA  B ILE A 1 13 ? -7.752  -5.050  1.116   0.41 23.22 ? 11  ILE A CA  1 
ATOM   82  C  C   A ILE A 1 13 ? -6.701  -4.791  2.155   0.59 25.27 ? 11  ILE A C   1 
ATOM   83  C  C   B ILE A 1 13 ? -6.710  -4.813  2.199   0.41 25.35 ? 11  ILE A C   1 
ATOM   84  O  O   A ILE A 1 13 ? -5.946  -5.716  2.481   0.59 25.90 ? 11  ILE A O   1 
ATOM   85  O  O   B ILE A 1 13 ? -5.934  -5.717  2.533   0.41 25.86 ? 11  ILE A O   1 
ATOM   86  C  CB  A ILE A 1 13 ? -7.195  -4.439  -0.313  0.59 23.70 ? 11  ILE A CB  1 
ATOM   87  C  CB  B ILE A 1 13 ? -7.279  -4.557  -0.261  0.41 23.48 ? 11  ILE A CB  1 
ATOM   88  C  CG1 A ILE A 1 13 ? -8.155  -4.810  -1.446  0.59 26.80 ? 11  ILE A CG1 1 
ATOM   89  C  CG1 B ILE A 1 13 ? -8.252  -5.022  -1.340  0.41 27.01 ? 11  ILE A CG1 1 
ATOM   90  C  CG2 A ILE A 1 13 ? -5.800  -4.974  -0.603  0.59 25.83 ? 11  ILE A CG2 1 
ATOM   91  C  CG2 B ILE A 1 13 ? -5.867  -5.045  -0.558  0.41 25.82 ? 11  ILE A CG2 1 
ATOM   92  C  CD1 A ILE A 1 13 ? -8.111  -6.275  -1.831  0.59 27.55 ? 11  ILE A CD1 1 
ATOM   93  C  CD1 B ILE A 1 13 ? -7.866  -4.576  -2.705  0.41 25.35 ? 11  ILE A CD1 1 
ATOM   94  N  N   . LEU A 1 14 ? -6.654  -3.597  2.753   1.00 24.48 ? 12  LEU A N   1 
ATOM   95  C  CA  . LEU A 1 14 ? -5.738  -3.361  3.864   1.00 24.46 ? 12  LEU A CA  1 
ATOM   96  C  C   . LEU A 1 14 ? -5.988  -4.352  4.996   1.00 28.45 ? 12  LEU A C   1 
ATOM   97  O  O   . LEU A 1 14 ? -5.040  -4.917  5.558   1.00 28.08 ? 12  LEU A O   1 
ATOM   98  C  CB  . LEU A 1 14 ? -5.858  -1.923  4.373   1.00 23.95 ? 12  LEU A CB  1 
ATOM   99  C  CG  . LEU A 1 14 ? -5.342  -0.804  3.465   1.00 23.51 ? 12  LEU A CG  1 
ATOM   100 C  CD1 . LEU A 1 14 ? -5.666  0.585   4.005   1.00 22.28 ? 12  LEU A CD1 1 
ATOM   101 C  CD2 . LEU A 1 14 ? -3.843  -0.931  3.259   1.00 27.58 ? 12  LEU A CD2 1 
ATOM   102 N  N   . SER A 1 15 ? -7.258  -4.618  5.307   1.00 28.70 ? 13  SER A N   1 
ATOM   103 C  CA  . SER A 1 15 ? -7.542  -5.557  6.381   1.00 28.53 ? 13  SER A CA  1 
ATOM   104 C  C   . SER A 1 15 ? -7.136  -6.972  5.985   1.00 29.97 ? 13  SER A C   1 
ATOM   105 O  O   . SER A 1 15 ? -6.584  -7.711  6.806   1.00 32.03 ? 13  SER A O   1 
ATOM   106 C  CB  . SER A 1 15 ? -9.016  -5.481  6.782   1.00 35.64 ? 13  SER A CB  1 
ATOM   107 O  OG  . SER A 1 15 ? -9.252  -6.226  7.963   1.00 49.82 ? 13  SER A OG  1 
ATOM   108 N  N   . LEU A 1 16 ? -7.373  -7.351  4.726   1.00 24.79 ? 14  LEU A N   1 
ATOM   109 C  CA  . LEU A 1 16 ? -6.981  -8.686  4.267   1.00 24.07 ? 14  LEU A CA  1 
ATOM   110 C  C   . LEU A 1 16 ? -5.469  -8.852  4.307   1.00 29.60 ? 14  LEU A C   1 
ATOM   111 O  O   . LEU A 1 16 ? -4.967  -9.938  4.627   1.00 28.82 ? 14  LEU A O   1 
ATOM   112 C  CB  . LEU A 1 16 ? -7.501  -8.955  2.856   1.00 29.69 ? 14  LEU A CB  1 
ATOM   113 C  CG  . LEU A 1 16 ? -9.012  -9.125  2.716   1.00 31.75 ? 14  LEU A CG  1 
ATOM   114 C  CD1 . LEU A 1 16 ? -9.371  -9.357  1.253   1.00 32.52 ? 14  LEU A CD1 1 
ATOM   115 C  CD2 . LEU A 1 16 ? -9.466  -10.285 3.583   1.00 35.65 ? 14  LEU A CD2 1 
ATOM   116 N  N   . ILE A 1 17 ? -4.728  -7.791  3.974   1.00 26.40 ? 15  ILE A N   1 
ATOM   117 C  CA  . ILE A 1 17 ? -3.269  -7.851  4.040   1.00 24.07 ? 15  ILE A CA  1 
ATOM   118 C  C   . ILE A 1 17 ? -2.812  -8.103  5.469   1.00 26.65 ? 15  ILE A C   1 
ATOM   119 O  O   . ILE A 1 17 ? -1.925  -8.931  5.719   1.00 25.97 ? 15  ILE A O   1 
ATOM   120 C  CB  . ILE A 1 17 ? -2.649  -6.573  3.446   1.00 23.85 ? 15  ILE A CB  1 
ATOM   121 C  CG1 . ILE A 1 17 ? -2.844  -6.567  1.925   1.00 26.77 ? 15  ILE A CG1 1 
ATOM   122 C  CG2 . ILE A 1 17 ? -1.167  -6.446  3.841   1.00 24.10 ? 15  ILE A CG2 1 
ATOM   123 C  CD1 . ILE A 1 17 ? -2.546  -5.227  1.255   1.00 24.49 ? 15  ILE A CD1 1 
ATOM   124 N  N   . GLY A 1 18 ? -3.432  -7.416  6.434   1.00 26.34 ? 16  GLY A N   1 
ATOM   125 C  CA  . GLY A 1 18 ? -3.053  -7.619  7.824   1.00 27.37 ? 16  GLY A CA  1 
ATOM   126 C  C   . GLY A 1 18 ? -3.292  -9.043  8.282   1.00 29.45 ? 16  GLY A C   1 
ATOM   127 O  O   . GLY A 1 18 ? -2.454  -9.631  8.970   1.00 33.46 ? 16  GLY A O   1 
ATOM   128 N  N   . GLN A 1 19 ? -4.428  -9.622  7.886   1.00 30.15 ? 17  GLN A N   1 
ATOM   129 C  CA  . GLN A 1 19 ? -4.718  -11.018 8.219   1.00 30.79 ? 17  GLN A CA  1 
ATOM   130 C  C   . GLN A 1 19 ? -3.737  -11.970 7.543   1.00 33.89 ? 17  GLN A C   1 
ATOM   131 O  O   . GLN A 1 19 ? -3.284  -12.943 8.159   1.00 34.28 ? 17  GLN A O   1 
ATOM   132 C  CB  . GLN A 1 19 ? -6.146  -11.364 7.807   1.00 28.79 ? 17  GLN A CB  1 
ATOM   133 C  CG  . GLN A 1 19 ? -7.227  -10.511 8.421   1.00 42.20 ? 17  GLN A CG  1 
ATOM   134 C  CD  . GLN A 1 19 ? -8.596  -10.900 7.905   1.00 46.07 ? 17  GLN A CD  1 
ATOM   135 O  OE1 . GLN A 1 19 ? -8.808  -12.038 7.482   1.00 52.46 ? 17  GLN A OE1 1 
ATOM   136 N  NE2 . GLN A 1 19 ? -9.529  -9.955  7.926   1.00 58.49 ? 17  GLN A NE2 1 
ATOM   137 N  N   . ALA A 1 20 ? -3.416  -11.723 6.270   1.00 29.25 ? 18  ALA A N   1 
ATOM   138 C  CA  . ALA A 1 20 ? -2.473  -12.586 5.564   1.00 27.91 ? 18  ALA A CA  1 
ATOM   139 C  C   . ALA A 1 20 ? -1.088  -12.518 6.192   1.00 27.00 ? 18  ALA A C   1 
ATOM   140 O  O   . ALA A 1 20 ? -0.411  -13.545 6.337   1.00 28.34 ? 18  ALA A O   1 
ATOM   141 C  CB  . ALA A 1 20 ? -2.400  -12.189 4.093   1.00 28.14 ? 18  ALA A CB  1 
ATOM   142 N  N   . ASP A 1 21 ? -0.638  -11.314 6.551   1.00 23.62 ? 19  ASP A N   1 
ATOM   143 C  CA  . ASP A 1 21 ? 0.656   -11.185 7.210   1.00 27.67 ? 19  ASP A CA  1 
ATOM   144 C  C   . ASP A 1 21 ? 0.652   -11.892 8.554   1.00 27.88 ? 19  ASP A C   1 
ATOM   145 O  O   . ASP A 1 21 ? 1.626   -12.571 8.907   1.00 27.84 ? 19  ASP A O   1 
ATOM   146 C  CB  . ASP A 1 21 ? 1.009   -9.710  7.388   1.00 23.78 ? 19  ASP A CB  1 
ATOM   147 C  CG  . ASP A 1 21 ? 2.403   -9.512  7.934   1.00 30.57 ? 19  ASP A CG  1 
ATOM   148 O  OD1 . ASP A 1 21 ? 3.372   -9.814  7.214   1.00 34.28 ? 19  ASP A OD1 1 
ATOM   149 O  OD2 . ASP A 1 21 ? 2.526   -9.037  9.077   1.00 41.68 ? 19  ASP A OD2 1 
ATOM   150 N  N   . ALA A 1 22 ? -0.450  -11.771 9.299   1.00 28.18 ? 20  ALA A N   1 
ATOM   151 C  CA  . ALA A 1 22 ? -0.564  -12.430 10.598  1.00 31.57 ? 20  ALA A CA  1 
ATOM   152 C  C   . ALA A 1 22 ? -0.527  -13.944 10.469  1.00 29.08 ? 20  ALA A C   1 
ATOM   153 O  O   . ALA A 1 22 ? -0.084  -14.635 11.393  1.00 33.20 ? 20  ALA A O   1 
ATOM   154 C  CB  . ALA A 1 22 ? -1.866  -12.006 11.268  1.00 34.20 ? 20  ALA A CB  1 
ATOM   155 N  N   . ALA A 1 23 ? -1.001  -14.472 9.347   1.00 27.00 ? 21  ALA A N   1 
ATOM   156 C  CA  . ALA A 1 23 ? -1.002  -15.898 9.075   1.00 25.43 ? 21  ALA A CA  1 
ATOM   157 C  C   . ALA A 1 23 ? 0.307   -16.395 8.482   1.00 24.90 ? 21  ALA A C   1 
ATOM   158 O  O   . ALA A 1 23 ? 0.472   -17.612 8.328   1.00 30.13 ? 21  ALA A O   1 
ATOM   159 C  CB  . ALA A 1 23 ? -2.139  -16.240 8.114   1.00 27.52 ? 21  ALA A CB  1 
ATOM   160 N  N   . GLY A 1 24 ? 1.227   -15.502 8.122   1.00 24.24 ? 22  GLY A N   1 
ATOM   161 C  CA  . GLY A 1 24 ? 2.448   -15.931 7.458   1.00 24.90 ? 22  GLY A CA  1 
ATOM   162 C  C   . GLY A 1 24 ? 2.251   -16.342 6.018   1.00 22.61 ? 22  GLY A C   1 
ATOM   163 O  O   . GLY A 1 24 ? 2.995   -17.192 5.511   1.00 25.77 ? 22  GLY A O   1 
ATOM   164 N  N   A ARG A 1 25 ? 1.259   -15.765 5.344   0.55 22.57 ? 23  ARG A N   1 
ATOM   165 N  N   B ARG A 1 25 ? 1.255   -15.768 5.345   0.45 22.60 ? 23  ARG A N   1 
ATOM   166 C  CA  A ARG A 1 25 ? 0.932   -16.119 3.967   0.55 23.66 ? 23  ARG A CA  1 
ATOM   167 C  CA  B ARG A 1 25 ? 0.930   -16.123 3.966   0.45 23.72 ? 23  ARG A CA  1 
ATOM   168 C  C   A ARG A 1 25 ? 1.516   -15.059 3.039   0.55 26.89 ? 23  ARG A C   1 
ATOM   169 C  C   B ARG A 1 25 ? 1.515   -15.059 3.044   0.45 26.86 ? 23  ARG A C   1 
ATOM   170 O  O   A ARG A 1 25 ? 0.825   -14.153 2.567   0.55 25.72 ? 23  ARG A O   1 
ATOM   171 O  O   B ARG A 1 25 ? 0.828   -14.145 2.583   0.45 25.76 ? 23  ARG A O   1 
ATOM   172 C  CB  A ARG A 1 25 ? -0.576  -16.258 3.804   0.55 29.61 ? 23  ARG A CB  1 
ATOM   173 C  CB  B ARG A 1 25 ? -0.580  -16.259 3.800   0.45 29.61 ? 23  ARG A CB  1 
ATOM   174 C  CG  A ARG A 1 25 ? -1.170  -17.442 4.541   0.55 29.21 ? 23  ARG A CG  1 
ATOM   175 C  CG  B ARG A 1 25 ? -1.233  -17.281 4.723   0.45 29.39 ? 23  ARG A CG  1 
ATOM   176 C  CD  A ARG A 1 25 ? -2.530  -17.798 3.962   0.55 37.02 ? 23  ARG A CD  1 
ATOM   177 C  CD  B ARG A 1 25 ? -2.755  -17.151 4.676   0.45 36.95 ? 23  ARG A CD  1 
ATOM   178 N  NE  A ARG A 1 25 ? -3.205  -18.846 4.723   0.55 51.95 ? 23  ARG A NE  1 
ATOM   179 N  NE  B ARG A 1 25 ? -3.433  -18.023 5.633   0.45 39.34 ? 23  ARG A NE  1 
ATOM   180 C  CZ  A ARG A 1 25 ? -3.055  -20.147 4.506   0.55 43.52 ? 23  ARG A CZ  1 
ATOM   181 C  CZ  B ARG A 1 25 ? -4.616  -17.755 6.178   0.45 40.15 ? 23  ARG A CZ  1 
ATOM   182 N  NH1 A ARG A 1 25 ? -2.246  -20.582 3.548   0.55 40.15 ? 23  ARG A NH1 1 
ATOM   183 N  NH1 B ARG A 1 25 ? -5.250  -16.629 5.870   0.45 35.39 ? 23  ARG A NH1 1 
ATOM   184 N  NH2 A ARG A 1 25 ? -3.720  -21.015 5.253   0.55 47.43 ? 23  ARG A NH2 1 
ATOM   185 N  NH2 B ARG A 1 25 ? -5.163  -18.608 7.036   0.45 35.64 ? 23  ARG A NH2 1 
ATOM   186 N  N   . MET A 1 26 ? 2.816   -15.200 2.755   1.00 23.37 ? 24  MET A N   1 
ATOM   187 C  CA  . MET A 1 26 ? 3.530   -14.164 2.010   1.00 24.21 ? 24  MET A CA  1 
ATOM   188 C  C   . MET A 1 26 ? 3.100   -14.078 0.553   1.00 26.01 ? 24  MET A C   1 
ATOM   189 O  O   . MET A 1 26 ? 3.136   -12.986 -0.026  1.00 26.85 ? 24  MET A O   1 
ATOM   190 C  CB  . MET A 1 26 ? 5.047   -14.354 2.098   1.00 26.68 ? 24  MET A CB  1 
ATOM   191 C  CG  . MET A 1 26 ? 5.624   -14.232 3.498   1.00 23.92 ? 24  MET A CG  1 
ATOM   192 S  SD  . MET A 1 26 ? 5.315   -12.627 4.260   1.00 34.42 ? 24  MET A SD  1 
ATOM   193 C  CE  . MET A 1 26 ? 3.946   -13.019 5.339   1.00 27.99 ? 24  MET A CE  1 
ATOM   194 N  N   . ASP A 1 27 ? 2.730   -15.198 -0.072  1.00 25.16 ? 25  ASP A N   1 
ATOM   195 C  CA  . ASP A 1 27 ? 2.258   -15.073 -1.443  1.00 21.72 ? 25  ASP A CA  1 
ATOM   196 C  C   . ASP A 1 27 ? 0.889   -14.416 -1.487  1.00 26.30 ? 25  ASP A C   1 
ATOM   197 O  O   . ASP A 1 27 ? 0.593   -13.676 -2.433  1.00 24.83 ? 25  ASP A O   1 
ATOM   198 C  CB  . ASP A 1 27 ? 2.275   -16.407 -2.192  1.00 27.15 ? 25  ASP A CB  1 
ATOM   199 C  CG  . ASP A 1 27 ? 2.105   -16.217 -3.695  1.00 37.26 ? 25  ASP A CG  1 
ATOM   200 O  OD1 . ASP A 1 27 ? 3.064   -15.748 -4.353  1.00 41.78 ? 25  ASP A OD1 1 
ATOM   201 O  OD2 . ASP A 1 27 ? 0.999   -16.495 -4.211  1.00 39.31 ? 25  ASP A OD2 1 
ATOM   202 N  N   . GLU A 1 28 ? 0.052   -14.655 -0.475  1.00 23.87 ? 26  GLU A N   1 
ATOM   203 C  CA  . GLU A 1 28 ? -1.206  -13.926 -0.404  1.00 25.24 ? 26  GLU A CA  1 
ATOM   204 C  C   . GLU A 1 28 ? -0.968  -12.447 -0.140  1.00 24.15 ? 26  GLU A C   1 
ATOM   205 O  O   . GLU A 1 28 ? -1.668  -11.597 -0.701  1.00 26.62 ? 26  GLU A O   1 
ATOM   206 C  CB  . GLU A 1 28 ? -2.137  -14.508 0.654   1.00 28.87 ? 26  GLU A CB  1 
ATOM   207 C  CG  . GLU A 1 28 ? -3.529  -13.914 0.540   1.00 28.88 ? 26  GLU A CG  1 
ATOM   208 C  CD  . GLU A 1 28 ? -4.565  -14.650 1.351   1.00 55.68 ? 26  GLU A CD  1 
ATOM   209 O  OE1 . GLU A 1 28 ? -5.759  -14.511 1.013   1.00 67.15 ? 26  GLU A OE1 1 
ATOM   210 O  OE2 . GLU A 1 28 ? -4.196  -15.349 2.324   1.00 60.28 ? 26  GLU A OE2 1 
ATOM   211 N  N   . VAL A 1 29 ? 0.012   -12.117 0.710   1.00 22.94 ? 27  VAL A N   1 
ATOM   212 C  CA  . VAL A 1 29 ? 0.378   -10.709 0.865   1.00 21.08 ? 27  VAL A CA  1 
ATOM   213 C  C   . VAL A 1 29 ? 0.801   -10.125 -0.475  1.00 24.12 ? 27  VAL A C   1 
ATOM   214 O  O   . VAL A 1 29 ? 0.411   -9.002  -0.834  1.00 23.48 ? 27  VAL A O   1 
ATOM   215 C  CB  . VAL A 1 29 ? 1.467   -10.519 1.938   1.00 21.49 ? 27  VAL A CB  1 
ATOM   216 C  CG1 . VAL A 1 29 ? 1.919   -9.053  1.930   1.00 24.38 ? 27  VAL A CG1 1 
ATOM   217 C  CG2 . VAL A 1 29 ? 0.958   -10.890 3.320   1.00 23.39 ? 27  VAL A CG2 1 
ATOM   218 N  N   A ARG A 1 30 ? 1.590   -10.877 -1.250  0.39 23.79 ? 28  ARG A N   1 
ATOM   219 N  N   B ARG A 1 30 ? 1.597   -10.876 -1.248  0.61 23.78 ? 28  ARG A N   1 
ATOM   220 C  CA  A ARG A 1 30 ? 2.056   -10.371 -2.536  0.39 22.76 ? 28  ARG A CA  1 
ATOM   221 C  CA  B ARG A 1 30 ? 2.056   -10.380 -2.540  0.61 22.69 ? 28  ARG A CA  1 
ATOM   222 C  C   A ARG A 1 30 ? 0.887   -10.026 -3.447  0.39 25.07 ? 28  ARG A C   1 
ATOM   223 C  C   B ARG A 1 30 ? 0.883   -10.024 -3.440  0.61 25.03 ? 28  ARG A C   1 
ATOM   224 O  O   A ARG A 1 30 ? 0.841   -8.937  -4.033  0.39 24.32 ? 28  ARG A O   1 
ATOM   225 O  O   B ARG A 1 30 ? 0.834   -8.934  -4.020  0.61 24.31 ? 28  ARG A O   1 
ATOM   226 C  CB  A ARG A 1 30 ? 2.963   -11.391 -3.221  0.39 23.65 ? 28  ARG A CB  1 
ATOM   227 C  CB  B ARG A 1 30 ? 2.931   -11.425 -3.227  0.61 23.54 ? 28  ARG A CB  1 
ATOM   228 C  CG  A ARG A 1 30 ? 3.427   -10.914 -4.582  0.39 26.07 ? 28  ARG A CG  1 
ATOM   229 C  CG  B ARG A 1 30 ? 3.486   -10.952 -4.557  0.61 26.04 ? 28  ARG A CG  1 
ATOM   230 C  CD  A ARG A 1 30 ? 4.123   -11.996 -5.383  0.39 28.68 ? 28  ARG A CD  1 
ATOM   231 C  CD  B ARG A 1 30 ? 4.225   -12.070 -5.269  0.61 28.47 ? 28  ARG A CD  1 
ATOM   232 N  NE  A ARG A 1 30 ? 4.494   -11.485 -6.698  0.39 33.95 ? 28  ARG A NE  1 
ATOM   233 N  NE  B ARG A 1 30 ? 3.317   -13.111 -5.727  0.61 28.46 ? 28  ARG A NE  1 
ATOM   234 C  CZ  A ARG A 1 30 ? 3.766   -11.648 -7.796  0.39 30.52 ? 28  ARG A CZ  1 
ATOM   235 C  CZ  B ARG A 1 30 ? 2.738   -13.116 -6.922  0.61 28.30 ? 28  ARG A CZ  1 
ATOM   236 N  NH1 A ARG A 1 30 ? 4.181   -11.133 -8.946  0.39 34.65 ? 28  ARG A NH1 1 
ATOM   237 N  NH1 B ARG A 1 30 ? 1.921   -14.104 -7.253  0.61 34.79 ? 28  ARG A NH1 1 
ATOM   238 N  NH2 A ARG A 1 30 ? 2.633   -12.337 -7.751  0.39 30.62 ? 28  ARG A NH2 1 
ATOM   239 N  NH2 B ARG A 1 30 ? 2.982   -12.132 -7.780  0.61 32.90 ? 28  ARG A NH2 1 
ATOM   240 N  N   . THR A 1 31 ? -0.063  -10.948 -3.597  1.00 25.04 ? 29  THR A N   1 
ATOM   241 C  CA  . THR A 1 31 ? -1.148  -10.705 -4.543  1.00 23.17 ? 29  THR A CA  1 
ATOM   242 C  C   . THR A 1 31 ? -2.109  -9.644  -4.031  1.00 23.30 ? 29  THR A C   1 
ATOM   243 O  O   . THR A 1 31 ? -2.588  -8.828  -4.818  1.00 25.67 ? 29  THR A O   1 
ATOM   244 C  CB  . THR A 1 31 ? -1.864  -12.003 -4.910  1.00 23.34 ? 29  THR A CB  1 
ATOM   245 O  OG1 . THR A 1 31 ? -2.367  -12.636 -3.729  1.00 26.33 ? 29  THR A OG1 1 
ATOM   246 C  CG2 . THR A 1 31 ? -0.918  -12.944 -5.659  1.00 28.56 ? 29  THR A CG2 1 
ATOM   247 N  N   . LEU A 1 32 ? -2.383  -9.613  -2.725  1.00 20.16 ? 30  LEU A N   1 
ATOM   248 C  CA  . LEU A 1 32 ? -3.215  -8.538  -2.182  1.00 19.77 ? 30  LEU A CA  1 
ATOM   249 C  C   . LEU A 1 32 ? -2.543  -7.185  -2.362  1.00 27.16 ? 30  LEU A C   1 
ATOM   250 O  O   . LEU A 1 32 ? -3.218  -6.176  -2.608  1.00 25.79 ? 30  LEU A O   1 
ATOM   251 C  CB  . LEU A 1 32 ? -3.530  -8.776  -0.706  1.00 21.52 ? 30  LEU A CB  1 
ATOM   252 C  CG  . LEU A 1 32 ? -4.469  -9.942  -0.400  1.00 28.14 ? 30  LEU A CG  1 
ATOM   253 C  CD1 . LEU A 1 32 ? -4.355  -10.312 1.066   1.00 26.51 ? 30  LEU A CD1 1 
ATOM   254 C  CD2 . LEU A 1 32 ? -5.902  -9.552  -0.749  1.00 28.41 ? 30  LEU A CD2 1 
ATOM   255 N  N   . GLN A 1 33 ? -1.215  -7.134  -2.248  1.00 24.63 ? 31  GLN A N   1 
ATOM   256 C  CA  . GLN A 1 33 ? -0.537  -5.865  -2.490  1.00 22.86 ? 31  GLN A CA  1 
ATOM   257 C  C   . GLN A 1 33 ? -0.681  -5.440  -3.940  1.00 20.43 ? 31  GLN A C   1 
ATOM   258 O  O   . GLN A 1 33 ? -0.821  -4.242  -4.232  1.00 25.51 ? 31  GLN A O   1 
ATOM   259 C  CB  . GLN A 1 33 ? 0.938   -5.958  -2.123  1.00 24.72 ? 31  GLN A CB  1 
ATOM   260 C  CG  . GLN A 1 33 ? 1.200   -5.913  -0.667  1.00 29.37 ? 31  GLN A CG  1 
ATOM   261 C  CD  . GLN A 1 33 ? 2.677   -5.866  -0.367  1.00 40.45 ? 31  GLN A CD  1 
ATOM   262 O  OE1 . GLN A 1 33 ? 3.512   -6.125  -1.247  1.00 45.77 ? 31  GLN A OE1 1 
ATOM   263 N  NE2 . GLN A 1 33 ? 3.013   -5.575  0.877   1.00 38.13 ? 31  GLN A NE2 1 
ATOM   264 N  N   . LEU A 1 34 ? -0.655  -6.399  -4.863  1.00 20.44 ? 32  LEU A N   1 
ATOM   265 C  CA  . LEU A 1 34 ? -0.884  -6.075  -6.262  1.00 21.15 ? 32  LEU A CA  1 
ATOM   266 C  C   . LEU A 1 34 ? -2.285  -5.503  -6.450  1.00 23.04 ? 32  LEU A C   1 
ATOM   267 O  O   . LEU A 1 34 ? -2.480  -4.561  -7.229  1.00 26.25 ? 32  LEU A O   1 
ATOM   268 C  CB  . LEU A 1 34 ? -0.654  -7.315  -7.132  1.00 24.88 ? 32  LEU A CB  1 
ATOM   269 C  CG  . LEU A 1 34 ? 0.808   -7.787  -7.247  1.00 23.01 ? 32  LEU A CG  1 
ATOM   270 C  CD1 . LEU A 1 34 ? 0.893   -9.156  -7.878  1.00 23.84 ? 32  LEU A CD1 1 
ATOM   271 C  CD2 . LEU A 1 34 ? 1.622   -6.805  -8.073  1.00 28.44 ? 32  LEU A CD2 1 
ATOM   272 N  N   . ASN A 1 35 ? -3.271  -6.045  -5.730  1.00 24.80 ? 33  ASN A N   1 
ATOM   273 C  CA  . ASN A 1 35 ? -4.627  -5.501  -5.829  1.00 20.75 ? 33  ASN A CA  1 
ATOM   274 C  C   . ASN A 1 35 ? -4.690  -4.112  -5.233  1.00 21.76 ? 33  ASN A C   1 
ATOM   275 O  O   . ASN A 1 35 ? -5.304  -3.207  -5.814  1.00 25.43 ? 33  ASN A O   1 
ATOM   276 C  CB  . ASN A 1 35 ? -5.627  -6.407  -5.120  1.00 22.32 ? 33  ASN A CB  1 
ATOM   277 C  CG  . ASN A 1 35 ? -5.679  -7.795  -5.723  1.00 25.66 ? 33  ASN A CG  1 
ATOM   278 O  OD1 . ASN A 1 35 ? -5.207  -8.019  -6.837  1.00 27.56 ? 33  ASN A OD1 1 
ATOM   279 N  ND2 . ASN A 1 35 ? -6.254  -8.739  -4.984  1.00 27.59 ? 33  ASN A ND2 1 
ATOM   280 N  N   . LEU A 1 36 ? -4.078  -3.935  -4.063  1.00 23.42 ? 34  LEU A N   1 
ATOM   281 C  CA  . LEU A 1 36 ? -4.024  -2.620  -3.447  1.00 23.04 ? 34  LEU A CA  1 
ATOM   282 C  C   . LEU A 1 36 ? -3.371  -1.616  -4.381  1.00 25.07 ? 34  LEU A C   1 
ATOM   283 O  O   . LEU A 1 36 ? -3.813  -0.460  -4.471  1.00 23.50 ? 34  LEU A O   1 
ATOM   284 C  CB  . LEU A 1 36 ? -3.259  -2.714  -2.125  1.00 23.04 ? 34  LEU A CB  1 
ATOM   285 C  CG  . LEU A 1 36 ? -3.151  -1.432  -1.312  1.00 24.16 ? 34  LEU A CG  1 
ATOM   286 C  CD1 . LEU A 1 36 ? -4.509  -1.037  -0.769  1.00 26.15 ? 34  LEU A CD1 1 
ATOM   287 C  CD2 . LEU A 1 36 ? -2.134  -1.593  -0.183  1.00 24.13 ? 34  LEU A CD2 1 
ATOM   288 N  N   . CYS A 1 37 ? -2.315  -2.036  -5.086  1.00 24.30 ? 35  CYS A N   1 
ATOM   289 C  CA  . CYS A 1 37 ? -1.660  -1.154  -6.044  1.00 22.17 ? 35  CYS A CA  1 
ATOM   290 C  C   . CYS A 1 37 ? -2.637  -0.714  -7.130  1.00 26.45 ? 35  CYS A C   1 
ATOM   291 O  O   . CYS A 1 37 ? -2.730  0.478   -7.453  1.00 23.96 ? 35  CYS A O   1 
ATOM   292 C  CB  . CYS A 1 37 ? -0.446  -1.864  -6.654  1.00 23.17 ? 35  CYS A CB  1 
ATOM   293 S  SG  . CYS A 1 37 ? 0.468   -0.866  -7.861  1.00 24.14 ? 35  CYS A SG  1 
ATOM   294 N  N   . GLN A 1 38 ? -3.371  -1.677  -7.709  1.00 25.67 ? 36  GLN A N   1 
ATOM   295 C  CA  . GLN A 1 38 ? -4.392  -1.372  -8.708  1.00 27.89 ? 36  GLN A CA  1 
ATOM   296 C  C   . GLN A 1 38 ? -5.319  -0.277  -8.208  1.00 26.77 ? 36  GLN A C   1 
ATOM   297 O  O   . GLN A 1 38 ? -5.619  0.680   -8.926  1.00 29.20 ? 36  GLN A O   1 
ATOM   298 C  CB  . GLN A 1 38 ? -5.237  -2.613  -9.006  1.00 29.68 ? 36  GLN A CB  1 
ATOM   299 C  CG  . GLN A 1 38 ? -4.551  -3.761  -9.710  1.00 35.77 ? 36  GLN A CG  1 
ATOM   300 C  CD  . GLN A 1 38 ? -5.559  -4.807  -10.170 1.00 43.74 ? 36  GLN A CD  1 
ATOM   301 O  OE1 . GLN A 1 38 ? -5.538  -5.964  -9.734  1.00 36.05 ? 36  GLN A OE1 1 
ATOM   302 N  NE2 . GLN A 1 38 ? -6.462  -4.393  -11.047 1.00 44.24 ? 36  GLN A NE2 1 
ATOM   303 N  N   . LEU A 1 39 ? -5.806  -0.427  -6.977  1.00 21.92 ? 37  LEU A N   1 
ATOM   304 C  CA  . LEU A 1 39 ? -6.758  0.541   -6.448  1.00 23.85 ? 37  LEU A CA  1 
ATOM   305 C  C   . LEU A 1 39 ? -6.094  1.867   -6.125  1.00 24.65 ? 37  LEU A C   1 
ATOM   306 O  O   . LEU A 1 39 ? -6.724  2.918   -6.287  1.00 24.44 ? 37  LEU A O   1 
ATOM   307 C  CB  . LEU A 1 39 ? -7.454  -0.012  -5.211  1.00 23.34 ? 37  LEU A CB  1 
ATOM   308 C  CG  . LEU A 1 39 ? -8.299  -1.263  -5.456  1.00 22.50 ? 37  LEU A CG  1 
ATOM   309 C  CD1 . LEU A 1 39 ? -8.998  -1.656  -4.191  1.00 28.73 ? 37  LEU A CD1 1 
ATOM   310 C  CD2 . LEU A 1 39 ? -9.296  -1.012  -6.548  1.00 26.42 ? 37  LEU A CD2 1 
ATOM   311 N  N   . MET A 1 40 ? -4.839  1.841   -5.669  1.00 21.78 ? 38  MET A N   1 
ATOM   312 C  CA  . MET A 1 40 ? -4.151  3.096   -5.367  1.00 26.01 ? 38  MET A CA  1 
ATOM   313 C  C   . MET A 1 40 ? -3.868  3.896   -6.626  1.00 23.28 ? 38  MET A C   1 
ATOM   314 O  O   . MET A 1 40 ? -3.952  5.129   -6.604  1.00 26.23 ? 38  MET A O   1 
ATOM   315 C  CB  . MET A 1 40 ? -2.841  2.837   -4.622  1.00 24.85 ? 38  MET A CB  1 
ATOM   316 C  CG  . MET A 1 40 ? -3.037  2.490   -3.181  1.00 23.88 ? 38  MET A CG  1 
ATOM   317 S  SD  . MET A 1 40 ? -1.499  1.993   -2.434  1.00 29.06 ? 38  MET A SD  1 
ATOM   318 C  CE  . MET A 1 40 ? -0.675  3.570   -2.452  1.00 27.15 ? 38  MET A CE  1 
ATOM   319 N  N   . VAL A 1 41 ? -3.510  3.226   -7.727  1.00 26.31 ? 39  VAL A N   1 
ATOM   320 C  CA  . VAL A 1 41 ? -3.225  3.962   -8.955  1.00 31.67 ? 39  VAL A CA  1 
ATOM   321 C  C   . VAL A 1 41 ? -4.486  4.660   -9.448  1.00 32.72 ? 39  VAL A C   1 
ATOM   322 O  O   . VAL A 1 41 ? -4.424  5.765   -10.009 1.00 32.21 ? 39  VAL A O   1 
ATOM   323 C  CB  . VAL A 1 41 ? -2.591  3.026   -10.003 1.00 40.93 ? 39  VAL A CB  1 
ATOM   324 C  CG1 . VAL A 1 41 ? -2.343  3.757   -11.291 1.00 40.90 ? 39  VAL A CG1 1 
ATOM   325 C  CG2 . VAL A 1 41 ? -1.274  2.472   -9.485  1.00 39.77 ? 39  VAL A CG2 1 
ATOM   326 N  N   A GLU A 1 42 ? -5.652  4.051   -9.227  0.48 26.24 ? 40  GLU A N   1 
ATOM   327 N  N   B GLU A 1 42 ? -5.650  4.042   -9.222  0.52 26.21 ? 40  GLU A N   1 
ATOM   328 C  CA  A GLU A 1 42 ? -6.899  4.670   -9.658  0.48 28.57 ? 40  GLU A CA  1 
ATOM   329 C  CA  B GLU A 1 42 ? -6.931  4.603   -9.636  0.52 28.55 ? 40  GLU A CA  1 
ATOM   330 C  C   A GLU A 1 42 ? -7.368  5.741   -8.683  0.48 29.34 ? 40  GLU A C   1 
ATOM   331 C  C   B GLU A 1 42 ? -7.387  5.708   -8.688  0.52 29.32 ? 40  GLU A C   1 
ATOM   332 O  O   A GLU A 1 42 ? -7.813  6.815   -9.104  0.48 32.47 ? 40  GLU A O   1 
ATOM   333 O  O   B GLU A 1 42 ? -7.830  6.774   -9.130  0.52 32.45 ? 40  GLU A O   1 
ATOM   334 C  CB  A GLU A 1 42 ? -7.981  3.610   -9.843  0.48 28.16 ? 40  GLU A CB  1 
ATOM   335 C  CB  B GLU A 1 42 ? -7.977  3.485   -9.689  0.52 27.81 ? 40  GLU A CB  1 
ATOM   336 C  CG  A GLU A 1 42 ? -7.699  2.642   -10.971 0.48 29.30 ? 40  GLU A CG  1 
ATOM   337 C  CG  B GLU A 1 42 ? -9.408  3.954   -9.917  0.52 29.77 ? 40  GLU A CG  1 
ATOM   338 C  CD  A GLU A 1 42 ? -7.446  3.332   -12.300 0.48 29.89 ? 40  GLU A CD  1 
ATOM   339 C  CD  B GLU A 1 42 ? -9.765  4.051   -11.386 0.52 34.37 ? 40  GLU A CD  1 
ATOM   340 O  OE1 A GLU A 1 42 ? -8.013  4.423   -12.544 0.48 31.18 ? 40  GLU A OE1 1 
ATOM   341 O  OE1 B GLU A 1 42 ? -8.870  3.856   -12.233 0.52 28.19 ? 40  GLU A OE1 1 
ATOM   342 O  OE2 A GLU A 1 42 ? -6.670  2.775   -13.101 0.48 33.42 ? 40  GLU A OE2 1 
ATOM   343 O  OE2 B GLU A 1 42 ? -10.944 4.322   -11.697 0.52 35.44 ? 40  GLU A OE2 1 
ATOM   344 N  N   . TYR A 1 43 ? -7.282  5.467   -7.379  1.00 26.35 ? 41  TYR A N   1 
ATOM   345 C  CA  . TYR A 1 43 ? -7.780  6.427   -6.397  1.00 26.54 ? 41  TYR A CA  1 
ATOM   346 C  C   . TYR A 1 43 ? -6.941  7.700   -6.375  1.00 29.81 ? 41  TYR A C   1 
ATOM   347 O  O   . TYR A 1 43 ? -7.487  8.808   -6.291  1.00 30.90 ? 41  TYR A O   1 
ATOM   348 C  CB  . TYR A 1 43 ? -7.812  5.765   -5.019  1.00 25.90 ? 41  TYR A CB  1 
ATOM   349 C  CG  . TYR A 1 43 ? -8.501  6.568   -3.947  1.00 24.19 ? 41  TYR A CG  1 
ATOM   350 C  CD1 . TYR A 1 43 ? -7.812  7.550   -3.257  1.00 26.53 ? 41  TYR A CD1 1 
ATOM   351 C  CD2 . TYR A 1 43 ? -9.831  6.339   -3.622  1.00 32.25 ? 41  TYR A CD2 1 
ATOM   352 C  CE1 . TYR A 1 43 ? -8.428  8.297   -2.265  1.00 27.56 ? 41  TYR A CE1 1 
ATOM   353 C  CE2 . TYR A 1 43 ? -10.459 7.081   -2.631  1.00 30.97 ? 41  TYR A CE2 1 
ATOM   354 C  CZ  . TYR A 1 43 ? -9.746  8.056   -1.962  1.00 29.46 ? 41  TYR A CZ  1 
ATOM   355 O  OH  . TYR A 1 43 ? -10.342 8.809   -0.973  1.00 30.28 ? 41  TYR A OH  1 
ATOM   356 N  N   . PHE A 1 44 ? -5.623  7.563   -6.439  1.00 29.30 ? 42  PHE A N   1 
ATOM   357 C  CA  . PHE A 1 44 ? -4.678  8.667   -6.292  1.00 35.89 ? 42  PHE A CA  1 
ATOM   358 C  C   . PHE A 1 44 ? -4.028  9.037   -7.623  1.00 50.72 ? 42  PHE A C   1 
ATOM   359 O  O   . PHE A 1 44 ? -2.839  9.359   -7.680  1.00 47.19 ? 42  PHE A O   1 
ATOM   360 C  CB  . PHE A 1 44 ? -3.575  8.291   -5.310  1.00 32.62 ? 42  PHE A CB  1 
ATOM   361 C  CG  . PHE A 1 44 ? -4.043  8.080   -3.903  1.00 29.67 ? 42  PHE A CG  1 
ATOM   362 C  CD1 . PHE A 1 44 ? -4.365  9.169   -3.100  1.00 34.84 ? 42  PHE A CD1 1 
ATOM   363 C  CD2 . PHE A 1 44 ? -4.101  6.804   -3.359  1.00 30.21 ? 42  PHE A CD2 1 
ATOM   364 C  CE1 . PHE A 1 44 ? -4.780  8.979   -1.797  1.00 30.76 ? 42  PHE A CE1 1 
ATOM   365 C  CE2 . PHE A 1 44 ? -4.521  6.606   -2.042  1.00 31.38 ? 42  PHE A CE2 1 
ATOM   366 C  CZ  . PHE A 1 44 ? -4.854  7.704   -1.263  1.00 32.36 ? 42  PHE A CZ  1 
ATOM   367 N  N   . GLN A 1 45 ? -4.783  8.971   -8.713  1.00 55.60 ? 43  GLN A N   1 
ATOM   368 C  CA  . GLN A 1 45 ? -4.216  9.256   -10.027 1.00 54.16 ? 43  GLN A CA  1 
ATOM   369 C  C   . GLN A 1 45 ? -3.906  10.740  -10.139 1.00 52.69 ? 43  GLN A C   1 
ATOM   370 O  O   . GLN A 1 45 ? -4.485  11.551  -9.413  1.00 57.66 ? 43  GLN A O   1 
ATOM   371 C  CB  . GLN A 1 45 ? -5.192  8.845   -11.120 1.00 44.53 ? 43  GLN A CB  1 
ATOM   372 C  CG  . GLN A 1 45 ? -6.582  9.400   -10.899 1.00 39.54 ? 43  GLN A CG  1 
ATOM   373 C  CD  . GLN A 1 45 ? -7.550  8.949   -11.963 1.00 44.47 ? 43  GLN A CD  1 
ATOM   374 O  OE1 . GLN A 1 45 ? -7.796  9.666   -12.933 1.00 51.55 ? 43  GLN A OE1 1 
ATOM   375 N  NE2 . GLN A 1 45 ? -8.112  7.756   -11.790 1.00 44.06 ? 43  GLN A NE2 1 
ATOM   376 N  N   . GLY A 1 52 ? -5.285  17.827  -4.019  1.00 57.17 ? 50  GLY A N   1 
ATOM   377 C  CA  . GLY A 1 52 ? -5.770  17.075  -2.875  1.00 50.19 ? 50  GLY A CA  1 
ATOM   378 C  C   . GLY A 1 52 ? -5.017  17.382  -1.593  1.00 43.10 ? 50  GLY A C   1 
ATOM   379 O  O   . GLY A 1 52 ? -4.112  18.221  -1.586  1.00 43.72 ? 50  GLY A O   1 
ATOM   380 N  N   . SER A 1 53 ? -5.384  16.685  -0.511  1.00 32.08 ? 51  SER A N   1 
ATOM   381 C  CA  . SER A 1 53 ? -4.799  16.950  0.800   1.00 25.30 ? 51  SER A CA  1 
ATOM   382 C  C   . SER A 1 53 ? -3.298  16.678  0.775   1.00 28.18 ? 51  SER A C   1 
ATOM   383 O  O   . SER A 1 53 ? -2.803  15.957  -0.094  1.00 27.95 ? 51  SER A O   1 
ATOM   384 C  CB  . SER A 1 53 ? -5.451  16.058  1.851   1.00 27.87 ? 51  SER A CB  1 
ATOM   385 O  OG  . SER A 1 53 ? -5.268  14.680  1.528   1.00 29.44 ? 51  SER A OG  1 
ATOM   386 N  N   . PRO A 1 54 ? -2.548  17.241  1.723   1.00 20.95 ? 52  PRO A N   1 
ATOM   387 C  CA  . PRO A 1 54 ? -1.110  16.938  1.770   1.00 22.48 ? 52  PRO A CA  1 
ATOM   388 C  C   . PRO A 1 54 ? -0.830  15.457  1.955   1.00 24.80 ? 52  PRO A C   1 
ATOM   389 O  O   . PRO A 1 54 ? 0.142   14.940  1.387   1.00 24.15 ? 52  PRO A O   1 
ATOM   390 C  CB  . PRO A 1 54 ? -0.616  17.773  2.955   1.00 25.95 ? 52  PRO A CB  1 
ATOM   391 C  CG  . PRO A 1 54 ? -1.567  18.921  2.987   1.00 22.88 ? 52  PRO A CG  1 
ATOM   392 C  CD  . PRO A 1 54 ? -2.901  18.353  2.632   1.00 21.10 ? 52  PRO A CD  1 
ATOM   393 N  N   . LEU A 1 55 ? -1.661  14.758  2.739   1.00 20.02 ? 53  LEU A N   1 
ATOM   394 C  CA  . LEU A 1 55 ? -1.457  13.318  2.908   1.00 18.62 ? 53  LEU A CA  1 
ATOM   395 C  C   . LEU A 1 55 ? -1.720  12.572  1.609   1.00 21.15 ? 53  LEU A C   1 
ATOM   396 O  O   . LEU A 1 55 ? -0.973  11.646  1.262   1.00 20.33 ? 53  LEU A O   1 
ATOM   397 C  CB  . LEU A 1 55 ? -2.339  12.779  4.035   1.00 19.52 ? 53  LEU A CB  1 
ATOM   398 C  CG  . LEU A 1 55 ? -2.221  11.258  4.270   1.00 20.10 ? 53  LEU A CG  1 
ATOM   399 C  CD1 . LEU A 1 55 ? -0.797  10.833  4.561   1.00 19.31 ? 53  LEU A CD1 1 
ATOM   400 C  CD2 . LEU A 1 55 ? -3.108  10.911  5.464   1.00 22.75 ? 53  LEU A CD2 1 
ATOM   401 N  N   . ALA A 1 56 ? -2.776  12.948  0.873   1.00 21.50 ? 54  ALA A N   1 
ATOM   402 C  CA  . ALA A 1 56 ? -3.035  12.276  -0.401  1.00 21.18 ? 54  ALA A CA  1 
ATOM   403 C  C   . ALA A 1 56 ? -1.869  12.464  -1.361  1.00 23.99 ? 54  ALA A C   1 
ATOM   404 O  O   . ALA A 1 56 ? -1.474  11.520  -2.063  1.00 22.87 ? 54  ALA A O   1 
ATOM   405 C  CB  . ALA A 1 56 ? -4.339  12.761  -1.028  1.00 23.21 ? 54  ALA A CB  1 
ATOM   406 N  N   . GLN A 1 57 ? -1.297  13.665  -1.395  1.00 21.32 ? 55  GLN A N   1 
ATOM   407 C  CA  . GLN A 1 57 ? -0.137  13.923  -2.243  1.00 21.53 ? 55  GLN A CA  1 
ATOM   408 C  C   . GLN A 1 57 ? 1.065   13.116  -1.785  1.00 23.07 ? 55  GLN A C   1 
ATOM   409 O  O   . GLN A 1 57 ? 1.814   12.576  -2.614  1.00 24.25 ? 55  GLN A O   1 
ATOM   410 C  CB  . GLN A 1 57 ? 0.211   15.412  -2.181  1.00 25.01 ? 55  GLN A CB  1 
ATOM   411 C  CG  . GLN A 1 57 ? -0.450  16.257  -3.222  1.00 35.72 ? 55  GLN A CG  1 
ATOM   412 C  CD  . GLN A 1 57 ? 0.056   17.682  -3.175  1.00 46.44 ? 55  GLN A CD  1 
ATOM   413 O  OE1 . GLN A 1 57 ? -0.676  18.595  -2.811  1.00 46.55 ? 55  GLN A OE1 1 
ATOM   414 N  NE2 . GLN A 1 57 ? 1.325   17.874  -3.527  1.00 59.64 ? 55  GLN A NE2 1 
ATOM   415 N  N   . GLN A 1 58 ? 1.276   13.036  -0.467  1.00 21.52 ? 56  GLN A N   1 
ATOM   416 C  CA  . GLN A 1 58 ? 2.377   12.241  0.063   1.00 21.19 ? 56  GLN A CA  1 
ATOM   417 C  C   . GLN A 1 58 ? 2.236   10.769  -0.313  1.00 20.34 ? 56  GLN A C   1 
ATOM   418 O  O   . GLN A 1 58 ? 3.227   10.123  -0.670  1.00 22.07 ? 56  GLN A O   1 
ATOM   419 C  CB  . GLN A 1 58 ? 2.460   12.391  1.584   1.00 18.05 ? 56  GLN A CB  1 
ATOM   420 C  CG  . GLN A 1 58 ? 3.693   11.748  2.175   1.00 22.29 ? 56  GLN A CG  1 
ATOM   421 C  CD  . GLN A 1 58 ? 4.951   12.500  1.813   1.00 25.44 ? 56  GLN A CD  1 
ATOM   422 O  OE1 . GLN A 1 58 ? 4.887   13.586  1.222   1.00 32.97 ? 56  GLN A OE1 1 
ATOM   423 N  NE2 . GLN A 1 58 ? 6.097   11.959  2.191   1.00 25.26 ? 56  GLN A NE2 1 
ATOM   424 N  N   . ILE A 1 59 ? 1.015   10.223  -0.241  1.00 18.81 ? 57  ILE A N   1 
ATOM   425 C  CA  . ILE A 1 59 ? 0.819   8.822   -0.636  1.00 17.60 ? 57  ILE A CA  1 
ATOM   426 C  C   . ILE A 1 59 ? 1.161   8.645   -2.106  1.00 20.25 ? 57  ILE A C   1 
ATOM   427 O  O   . ILE A 1 59 ? 1.815   7.666   -2.491  1.00 20.01 ? 57  ILE A O   1 
ATOM   428 C  CB  . ILE A 1 59 ? -0.615  8.357   -0.312  1.00 20.10 ? 57  ILE A CB  1 
ATOM   429 C  CG1 . ILE A 1 59 ? -0.806  8.275   1.204   1.00 21.05 ? 57  ILE A CG1 1 
ATOM   430 C  CG2 . ILE A 1 59 ? -0.918  7.004   -0.973  1.00 21.07 ? 57  ILE A CG2 1 
ATOM   431 C  CD1 . ILE A 1 59 ? -2.269  8.160   1.640   1.00 19.71 ? 57  ILE A CD1 1 
ATOM   432 N  N   . GLN A 1 60 ? 0.713   9.571   -2.958  1.00 20.64 ? 58  GLN A N   1 
ATOM   433 C  CA  . GLN A 1 60 ? 1.025   9.446   -4.383  1.00 20.55 ? 58  GLN A CA  1 
ATOM   434 C  C   . GLN A 1 60 ? 2.524   9.490   -4.614  1.00 22.71 ? 58  GLN A C   1 
ATOM   435 O  O   . GLN A 1 60 ? 3.065   8.704   -5.404  1.00 21.08 ? 58  GLN A O   1 
ATOM   436 C  CB  . GLN A 1 60 ? 0.372   10.580  -5.170  1.00 27.26 ? 58  GLN A CB  1 
ATOM   437 C  CG  . GLN A 1 60 ? -1.105  10.511  -5.153  1.00 42.07 ? 58  GLN A CG  1 
ATOM   438 C  CD  . GLN A 1 60 ? -1.753  11.695  -5.814  1.00 56.43 ? 58  GLN A CD  1 
ATOM   439 O  OE1 . GLN A 1 60 ? -1.545  11.943  -7.004  1.00 45.75 ? 58  GLN A OE1 1 
ATOM   440 N  NE2 . GLN A 1 60 ? -2.538  12.450  -5.044  1.00 58.65 ? 58  GLN A NE2 1 
ATOM   441 N  N   . ASN A 1 61 ? 3.211   10.399  -3.933  1.00 21.90 ? 59  ASN A N   1 
ATOM   442 C  CA  . ASN A 1 61 ? 4.637   10.583  -4.157  1.00 17.33 ? 59  ASN A CA  1 
ATOM   443 C  C   . ASN A 1 61 ? 5.433   9.412   -3.614  1.00 25.84 ? 59  ASN A C   1 
ATOM   444 O  O   . ASN A 1 61 ? 6.345   8.905   -4.283  1.00 21.31 ? 59  ASN A O   1 
ATOM   445 C  CB  . ASN A 1 61 ? 5.079   11.892  -3.508  1.00 18.91 ? 59  ASN A CB  1 
ATOM   446 C  CG  . ASN A 1 61 ? 4.505   13.096  -4.220  1.00 26.13 ? 59  ASN A CG  1 
ATOM   447 O  OD1 . ASN A 1 61 ? 4.039   12.992  -5.360  1.00 26.76 ? 59  ASN A OD1 1 
ATOM   448 N  ND2 . ASN A 1 61 ? 4.545   14.252  -3.563  1.00 28.10 ? 59  ASN A ND2 1 
ATOM   449 N  N   . ILE A 1 62 ? 5.076   8.943   -2.421  1.00 20.18 ? 60  ILE A N   1 
ATOM   450 C  CA  . ILE A 1 62 ? 5.796   7.827   -1.824  1.00 20.65 ? 60  ILE A CA  1 
ATOM   451 C  C   . ILE A 1 62 ? 5.513   6.547   -2.590  1.00 20.38 ? 60  ILE A C   1 
ATOM   452 O  O   . ILE A 1 62 ? 6.402   5.707   -2.756  1.00 19.94 ? 60  ILE A O   1 
ATOM   453 C  CB  . ILE A 1 62 ? 5.421   7.708   -0.338  1.00 18.39 ? 60  ILE A CB  1 
ATOM   454 C  CG1 . ILE A 1 62 ? 5.901   8.950   0.413   1.00 22.17 ? 60  ILE A CG1 1 
ATOM   455 C  CG2 . ILE A 1 62 ? 6.037   6.459   0.272   1.00 21.68 ? 60  ILE A CG2 1 
ATOM   456 C  CD1 . ILE A 1 62 ? 7.377   9.254   0.194   1.00 22.50 ? 60  ILE A CD1 1 
ATOM   457 N  N   . HIS A 1 63 ? 4.276   6.380   -3.074  1.00 19.60 ? 61  HIS A N   1 
ATOM   458 C  CA  . HIS A 1 63 ? 3.957   5.207   -3.897  1.00 18.35 ? 61  HIS A CA  1 
ATOM   459 C  C   . HIS A 1 63 ? 4.802   5.185   -5.166  1.00 23.54 ? 61  HIS A C   1 
ATOM   460 O  O   . HIS A 1 63 ? 5.353   4.140   -5.543  1.00 20.57 ? 61  HIS A O   1 
ATOM   461 C  CB  . HIS A 1 63 ? 2.467   5.230   -4.245  1.00 18.73 ? 61  HIS A CB  1 
ATOM   462 C  CG  . HIS A 1 63 ? 2.038   4.082   -5.100  1.00 19.76 ? 61  HIS A CG  1 
ATOM   463 N  ND1 . HIS A 1 63 ? 1.544   4.253   -6.373  1.00 26.17 ? 61  HIS A ND1 1 
ATOM   464 C  CD2 . HIS A 1 63 ? 2.054   2.752   -4.870  1.00 20.62 ? 61  HIS A CD2 1 
ATOM   465 C  CE1 . HIS A 1 63 ? 1.253   3.071   -6.886  1.00 28.00 ? 61  HIS A CE1 1 
ATOM   466 N  NE2 . HIS A 1 63 ? 1.552   2.141   -5.992  1.00 18.67 ? 61  HIS A NE2 1 
ATOM   467 N  N   . SER A 1 64 ? 4.934   6.340   -5.822  1.00 20.19 ? 62  SER A N   1 
ATOM   468 C  CA  . SER A 1 64 ? 5.760   6.421   -7.024  1.00 17.81 ? 62  SER A CA  1 
ATOM   469 C  C   . SER A 1 64 ? 7.217   6.112   -6.722  1.00 21.75 ? 62  SER A C   1 
ATOM   470 O  O   . SER A 1 64 ? 7.872   5.357   -7.460  1.00 21.39 ? 62  SER A O   1 
ATOM   471 C  CB  . SER A 1 64 ? 5.610   7.806   -7.655  1.00 20.48 ? 62  SER A CB  1 
ATOM   472 O  OG  . SER A 1 64 ? 6.546   7.981   -8.711  1.00 26.42 ? 62  SER A OG  1 
ATOM   473 N  N   . PHE A 1 65 ? 7.736   6.684   -5.637  1.00 18.72 ? 63  PHE A N   1 
ATOM   474 C  CA  . PHE A 1 65 ? 9.117   6.474   -5.225  1.00 17.57 ? 63  PHE A CA  1 
ATOM   475 C  C   . PHE A 1 65 ? 9.404   4.994   -4.988  1.00 19.51 ? 63  PHE A C   1 
ATOM   476 O  O   . PHE A 1 65 ? 10.436  4.471   -5.428  1.00 19.65 ? 63  PHE A O   1 
ATOM   477 C  CB  . PHE A 1 65 ? 9.310   7.314   -3.959  1.00 20.08 ? 63  PHE A CB  1 
ATOM   478 C  CG  . PHE A 1 65 ? 10.647  7.202   -3.309  1.00 21.94 ? 63  PHE A CG  1 
ATOM   479 C  CD1 . PHE A 1 65 ? 11.811  7.118   -4.048  1.00 25.29 ? 63  PHE A CD1 1 
ATOM   480 C  CD2 . PHE A 1 65 ? 10.733  7.287   -1.915  1.00 29.33 ? 63  PHE A CD2 1 
ATOM   481 C  CE1 . PHE A 1 65 ? 13.046  7.022   -3.416  1.00 27.44 ? 63  PHE A CE1 1 
ATOM   482 C  CE2 . PHE A 1 65 ? 11.961  7.216   -1.269  1.00 28.83 ? 63  PHE A CE2 1 
ATOM   483 C  CZ  . PHE A 1 65 ? 13.118  7.075   -2.024  1.00 27.51 ? 63  PHE A CZ  1 
ATOM   484 N  N   . GLY A 1 66 ? 8.491   4.300   -4.306  1.00 18.83 ? 64  GLY A N   1 
ATOM   485 C  CA  . GLY A 1 66 ? 8.706   2.886   -4.048  1.00 18.40 ? 64  GLY A CA  1 
ATOM   486 C  C   . GLY A 1 66 ? 8.750   2.068   -5.321  1.00 21.36 ? 64  GLY A C   1 
ATOM   487 O  O   . GLY A 1 66 ? 9.510   1.099   -5.418  1.00 20.71 ? 64  GLY A O   1 
ATOM   488 N  N   . HIS A 1 67 ? 7.918   2.427   -6.306  1.00 20.68 ? 65  HIS A N   1 
ATOM   489 C  CA  . HIS A 1 67 ? 7.960   1.687   -7.565  1.00 19.46 ? 65  HIS A CA  1 
ATOM   490 C  C   . HIS A 1 67 ? 9.251   1.952   -8.317  1.00 20.90 ? 65  HIS A C   1 
ATOM   491 O  O   . HIS A 1 67 ? 9.794   1.049   -8.968  1.00 20.93 ? 65  HIS A O   1 
ATOM   492 C  CB  . HIS A 1 67 ? 6.747   2.013   -8.428  1.00 18.71 ? 65  HIS A CB  1 
ATOM   493 C  CG  . HIS A 1 67 ? 5.546   1.216   -8.057  1.00 19.06 ? 65  HIS A CG  1 
ATOM   494 N  ND1 . HIS A 1 67 ? 5.422   -0.129  -8.359  1.00 20.65 ? 65  HIS A ND1 1 
ATOM   495 C  CD2 . HIS A 1 67 ? 4.441   1.551   -7.352  1.00 23.77 ? 65  HIS A CD2 1 
ATOM   496 C  CE1 . HIS A 1 67 ? 4.276   -0.572  -7.870  1.00 20.62 ? 65  HIS A CE1 1 
ATOM   497 N  NE2 . HIS A 1 67 ? 3.656   0.429   -7.269  1.00 20.06 ? 65  HIS A NE2 1 
ATOM   498 N  N   A GLN A 1 68 ? 9.760   3.182   -8.251  0.65 22.44 ? 66  GLN A N   1 
ATOM   499 N  N   B GLN A 1 68 ? 9.763   3.182   -8.247  0.35 22.40 ? 66  GLN A N   1 
ATOM   500 C  CA  A GLN A 1 68 ? 11.058  3.442   -8.856  0.65 20.54 ? 66  GLN A CA  1 
ATOM   501 C  CA  B GLN A 1 68 ? 11.058  3.447   -8.862  0.35 20.71 ? 66  GLN A CA  1 
ATOM   502 C  C   A GLN A 1 68 ? 12.161  2.694   -8.121  0.65 23.21 ? 66  GLN A C   1 
ATOM   503 C  C   B GLN A 1 68 ? 12.175  2.722   -8.119  0.35 23.19 ? 66  GLN A C   1 
ATOM   504 O  O   A GLN A 1 68 ? 13.095  2.179   -8.745  0.65 23.00 ? 66  GLN A O   1 
ATOM   505 O  O   B GLN A 1 68 ? 13.139  2.255   -8.737  0.35 22.96 ? 66  GLN A O   1 
ATOM   506 C  CB  A GLN A 1 68 ? 11.323  4.940   -8.878  0.65 24.99 ? 66  GLN A CB  1 
ATOM   507 C  CB  B GLN A 1 68 ? 11.324  4.948   -8.941  0.35 24.97 ? 66  GLN A CB  1 
ATOM   508 C  CG  A GLN A 1 68 ? 10.408  5.658   -9.830  0.65 21.04 ? 66  GLN A CG  1 
ATOM   509 C  CG  B GLN A 1 68 ? 12.429  5.292   -9.911  0.35 33.03 ? 66  GLN A CG  1 
ATOM   510 C  CD  A GLN A 1 68 ? 11.119  6.772   -10.538 0.65 32.66 ? 66  GLN A CD  1 
ATOM   511 C  CD  B GLN A 1 68 ? 12.028  6.327   -10.930 0.35 36.81 ? 66  GLN A CD  1 
ATOM   512 O  OE1 A GLN A 1 68 ? 10.735  7.927   -10.423 0.65 38.94 ? 66  GLN A OE1 1 
ATOM   513 O  OE1 B GLN A 1 68 ? 11.451  7.361   -10.584 0.35 22.57 ? 66  GLN A OE1 1 
ATOM   514 N  NE2 A GLN A 1 68 ? 12.185  6.433   -11.262 0.65 42.05 ? 66  GLN A NE2 1 
ATOM   515 N  NE2 B GLN A 1 68 ? 12.338  6.060   -12.201 0.35 34.43 ? 66  GLN A NE2 1 
ATOM   516 N  N   . ALA A 1 69 ? 12.062  2.610   -6.790  1.00 19.52 ? 67  ALA A N   1 
ATOM   517 C  CA  . ALA A 1 69 ? 13.059  1.865   -6.035  1.00 18.49 ? 67  ALA A CA  1 
ATOM   518 C  C   . ALA A 1 69 ? 13.036  0.399   -6.427  1.00 20.41 ? 67  ALA A C   1 
ATOM   519 O  O   . ALA A 1 69 ? 14.089  -0.225  -6.592  1.00 22.76 ? 67  ALA A O   1 
ATOM   520 C  CB  . ALA A 1 69 ? 12.796  1.990   -4.535  1.00 19.14 ? 67  ALA A CB  1 
ATOM   521 N  N   . TRP A 1 70 ? 11.838  -0.174  -6.561  1.00 19.80 ? 68  TRP A N   1 
ATOM   522 C  CA  . TRP A 1 70 ? 11.743  -1.590  -6.906  1.00 21.36 ? 68  TRP A CA  1 
ATOM   523 C  C   . TRP A 1 70 ? 12.305  -1.836  -8.295  1.00 24.97 ? 68  TRP A C   1 
ATOM   524 O  O   . TRP A 1 70 ? 13.046  -2.803  -8.509  1.00 22.93 ? 68  TRP A O   1 
ATOM   525 C  CB  . TRP A 1 70 ? 10.283  -2.034  -6.799  1.00 20.14 ? 68  TRP A CB  1 
ATOM   526 C  CG  . TRP A 1 70 ? 10.018  -3.421  -7.255  1.00 22.46 ? 68  TRP A CG  1 
ATOM   527 C  CD1 . TRP A 1 70 ? 9.312   -3.789  -8.356  1.00 30.07 ? 68  TRP A CD1 1 
ATOM   528 C  CD2 . TRP A 1 70 ? 10.438  -4.634  -6.613  1.00 22.74 ? 68  TRP A CD2 1 
ATOM   529 N  NE1 . TRP A 1 70 ? 9.271   -5.162  -8.450  1.00 30.32 ? 68  TRP A NE1 1 
ATOM   530 C  CE2 . TRP A 1 70 ? 9.945   -5.700  -7.384  1.00 29.29 ? 68  TRP A CE2 1 
ATOM   531 C  CE3 . TRP A 1 70 ? 11.178  -4.920  -5.459  1.00 28.69 ? 68  TRP A CE3 1 
ATOM   532 C  CZ2 . TRP A 1 70 ? 10.182  -7.034  -7.050  1.00 28.11 ? 68  TRP A CZ2 1 
ATOM   533 C  CZ3 . TRP A 1 70 ? 11.404  -6.241  -5.125  1.00 30.46 ? 68  TRP A CZ3 1 
ATOM   534 C  CH2 . TRP A 1 70 ? 10.908  -7.282  -5.921  1.00 31.50 ? 68  TRP A CH2 1 
ATOM   535 N  N   . ALA A 1 71 ? 11.996  -0.946  -9.239  1.00 22.56 ? 69  ALA A N   1 
ATOM   536 C  CA  . ALA A 1 71 ? 12.511  -1.085  -10.597 1.00 23.48 ? 69  ALA A CA  1 
ATOM   537 C  C   . ALA A 1 71 ? 14.029  -1.017  -10.631 1.00 25.12 ? 69  ALA A C   1 
ATOM   538 O  O   . ALA A 1 71 ? 14.662  -1.684  -11.459 1.00 26.09 ? 69  ALA A O   1 
ATOM   539 C  CB  . ALA A 1 71 ? 11.896  -0.017  -11.507 1.00 25.46 ? 69  ALA A CB  1 
ATOM   540 N  N   . ALA A 1 72 ? 14.632  -0.238  -9.744  1.00 24.03 ? 70  ALA A N   1 
ATOM   541 C  CA  . ALA A 1 72 ? 16.078  -0.138  -9.658  1.00 22.77 ? 70  ALA A CA  1 
ATOM   542 C  C   . ALA A 1 72 ? 16.703  -1.193  -8.757  1.00 25.08 ? 70  ALA A C   1 
ATOM   543 O  O   . ALA A 1 72 ? 17.920  -1.171  -8.555  1.00 27.28 ? 70  ALA A O   1 
ATOM   544 C  CB  . ALA A 1 72 ? 16.469  1.269   -9.183  1.00 22.69 ? 70  ALA A CB  1 
ATOM   545 N  N   . GLY A 1 73 ? 15.913  -2.111  -8.204  1.00 23.32 ? 71  GLY A N   1 
ATOM   546 C  CA  . GLY A 1 73 ? 16.468  -3.150  -7.365  1.00 24.89 ? 71  GLY A CA  1 
ATOM   547 C  C   . GLY A 1 73 ? 16.995  -2.675  -6.034  1.00 22.05 ? 71  GLY A C   1 
ATOM   548 O  O   . GLY A 1 73 ? 17.818  -3.362  -5.422  1.00 26.74 ? 71  GLY A O   1 
ATOM   549 N  N   . ARG A 1 74 ? 16.527  -1.525  -5.547  1.00 23.32 ? 72  ARG A N   1 
ATOM   550 C  CA  . ARG A 1 74 ? 17.036  -0.951  -4.304  1.00 22.24 ? 72  ARG A CA  1 
ATOM   551 C  C   . ARG A 1 74 ? 16.160  -1.447  -3.159  1.00 20.60 ? 72  ARG A C   1 
ATOM   552 O  O   . ARG A 1 74 ? 15.233  -0.782  -2.697  1.00 20.57 ? 72  ARG A O   1 
ATOM   553 C  CB  . ARG A 1 74 ? 17.089  0.563   -4.425  1.00 23.64 ? 72  ARG A CB  1 
ATOM   554 C  CG  . ARG A 1 74 ? 17.991  1.006   -5.593  1.00 31.33 ? 72  ARG A CG  1 
ATOM   555 C  CD  . ARG A 1 74 ? 19.411  0.490   -5.396  1.00 37.06 ? 72  ARG A CD  1 
ATOM   556 N  NE  . ARG A 1 74 ? 19.987  1.101   -4.204  1.00 30.91 ? 72  ARG A NE  1 
ATOM   557 C  CZ  . ARG A 1 74 ? 20.846  0.515   -3.383  1.00 29.74 ? 72  ARG A CZ  1 
ATOM   558 N  NH1 . ARG A 1 74 ? 21.291  -0.720  -3.624  1.00 38.06 ? 72  ARG A NH1 1 
ATOM   559 N  NH2 . ARG A 1 74 ? 21.275  1.175   -2.319  1.00 40.49 ? 72  ARG A NH2 1 
ATOM   560 N  N   . LEU A 1 75 ? 16.480  -2.661  -2.691  1.00 21.00 ? 73  LEU A N   1 
ATOM   561 C  CA  . LEU A 1 75 ? 15.544  -3.429  -1.884  1.00 20.34 ? 73  LEU A CA  1 
ATOM   562 C  C   . LEU A 1 75 ? 15.423  -2.925  -0.456  1.00 20.64 ? 73  LEU A C   1 
ATOM   563 O  O   . LEU A 1 75 ? 14.337  -3.028  0.131   1.00 21.53 ? 73  LEU A O   1 
ATOM   564 C  CB  . LEU A 1 75 ? 15.960  -4.906  -1.893  1.00 19.25 ? 73  LEU A CB  1 
ATOM   565 C  CG  . LEU A 1 75 ? 16.104  -5.501  -3.290  1.00 25.60 ? 73  LEU A CG  1 
ATOM   566 C  CD1 . LEU A 1 75 ? 16.538  -6.964  -3.217  1.00 23.95 ? 73  LEU A CD1 1 
ATOM   567 C  CD2 . LEU A 1 75 ? 14.808  -5.378  -4.076  1.00 28.66 ? 73  LEU A CD2 1 
ATOM   568 N  N   . ASP A 1 76 ? 16.502  -2.395  0.129   1.00 19.84 ? 74  ASP A N   1 
ATOM   569 C  CA  . ASP A 1 76 ? 16.387  -1.813  1.460   1.00 21.01 ? 74  ASP A CA  1 
ATOM   570 C  C   . ASP A 1 76 ? 15.398  -0.659  1.453   1.00 19.98 ? 74  ASP A C   1 
ATOM   571 O  O   . ASP A 1 76 ? 14.521  -0.562  2.323   1.00 21.54 ? 74  ASP A O   1 
ATOM   572 C  CB  . ASP A 1 76 ? 17.753  -1.337  1.954   1.00 25.77 ? 74  ASP A CB  1 
ATOM   573 C  CG  . ASP A 1 76 ? 18.713  -2.488  2.229   1.00 30.48 ? 74  ASP A CG  1 
ATOM   574 O  OD1 . ASP A 1 76 ? 18.316  -3.445  2.927   1.00 28.98 ? 74  ASP A OD1 1 
ATOM   575 O  OD2 . ASP A 1 76 ? 19.870  -2.427  1.754   1.00 46.41 ? 74  ASP A OD2 1 
ATOM   576 N  N   . GLU A 1 77 ? 15.506  0.215   0.453   1.00 21.42 ? 75  GLU A N   1 
ATOM   577 C  CA  . GLU A 1 77 ? 14.599  1.351   0.374   1.00 19.75 ? 75  GLU A CA  1 
ATOM   578 C  C   . GLU A 1 77 ? 13.182  0.903   0.053   1.00 19.75 ? 75  GLU A C   1 
ATOM   579 O  O   . GLU A 1 77 ? 12.223  1.443   0.606   1.00 22.35 ? 75  GLU A O   1 
ATOM   580 C  CB  . GLU A 1 77 ? 15.129  2.364   -0.641  1.00 21.44 ? 75  GLU A CB  1 
ATOM   581 C  CG  . GLU A 1 77 ? 14.586  3.776   -0.469  1.00 27.97 ? 75  GLU A CG  1 
ATOM   582 C  CD  . GLU A 1 77 ? 14.769  4.378   0.929   1.00 24.75 ? 75  GLU A CD  1 
ATOM   583 O  OE1 . GLU A 1 77 ? 15.773  4.104   1.639   1.00 24.93 ? 75  GLU A OE1 1 
ATOM   584 O  OE2 . GLU A 1 77 ? 13.875  5.146   1.305   1.00 35.72 ? 75  GLU A OE2 1 
ATOM   585 N  N   . VAL A 1 78 ? 13.026  -0.120  -0.792  1.00 18.50 ? 76  VAL A N   1 
ATOM   586 C  CA  . VAL A 1 78 ? 11.688  -0.654  -1.043  1.00 19.54 ? 76  VAL A CA  1 
ATOM   587 C  C   . VAL A 1 78 ? 11.016  -1.034  0.265   1.00 20.01 ? 76  VAL A C   1 
ATOM   588 O  O   . VAL A 1 78 ? 9.856   -0.685  0.520   1.00 23.09 ? 76  VAL A O   1 
ATOM   589 C  CB  . VAL A 1 78 ? 11.736  -1.850  -2.006  1.00 19.70 ? 76  VAL A CB  1 
ATOM   590 C  CG1 . VAL A 1 78 ? 10.373  -2.559  -1.999  1.00 21.29 ? 76  VAL A CG1 1 
ATOM   591 C  CG2 . VAL A 1 78 ? 12.083  -1.373  -3.395  1.00 22.03 ? 76  VAL A CG2 1 
ATOM   592 N  N   A ARG A 1 79 ? 11.738  -1.771  1.117   0.50 21.77 ? 77  ARG A N   1 
ATOM   593 N  N   B ARG A 1 79 ? 11.747  -1.756  1.116   0.50 21.76 ? 77  ARG A N   1 
ATOM   594 C  CA  A ARG A 1 79 ? 11.159  -2.224  2.376   0.50 23.38 ? 77  ARG A CA  1 
ATOM   595 C  CA  B ARG A 1 79 ? 11.184  -2.232  2.369   0.50 23.36 ? 77  ARG A CA  1 
ATOM   596 C  C   A ARG A 1 79 ? 10.752  -1.040  3.244   0.50 23.52 ? 77  ARG A C   1 
ATOM   597 C  C   B ARG A 1 79 ? 10.777  -1.063  3.261   0.50 23.55 ? 77  ARG A C   1 
ATOM   598 O  O   A ARG A 1 79 ? 9.654   -1.016  3.810   0.50 24.58 ? 77  ARG A O   1 
ATOM   599 O  O   B ARG A 1 79 ? 9.688   -1.069  3.849   0.50 24.62 ? 77  ARG A O   1 
ATOM   600 C  CB  A ARG A 1 79 ? 12.147  -3.137  3.113   0.50 28.88 ? 77  ARG A CB  1 
ATOM   601 C  CB  B ARG A 1 79 ? 12.214  -3.137  3.049   0.50 28.83 ? 77  ARG A CB  1 
ATOM   602 C  CG  A ARG A 1 79 ? 11.746  -3.424  4.557   0.50 35.65 ? 77  ARG A CG  1 
ATOM   603 C  CG  B ARG A 1 79 ? 11.822  -3.663  4.403   0.50 34.98 ? 77  ARG A CG  1 
ATOM   604 C  CD  A ARG A 1 79 ? 12.758  -4.310  5.274   0.50 28.15 ? 77  ARG A CD  1 
ATOM   605 C  CD  B ARG A 1 79 ? 12.796  -4.739  4.843   0.50 34.48 ? 77  ARG A CD  1 
ATOM   606 N  NE  A ARG A 1 79 ? 13.999  -3.620  5.615   0.50 30.69 ? 77  ARG A NE  1 
ATOM   607 N  NE  B ARG A 1 79 ? 14.139  -4.545  4.300   0.50 25.03 ? 77  ARG A NE  1 
ATOM   608 C  CZ  A ARG A 1 79 ? 15.135  -3.741  4.931   0.50 29.16 ? 77  ARG A CZ  1 
ATOM   609 C  CZ  B ARG A 1 79 ? 15.059  -3.737  4.830   0.50 29.23 ? 77  ARG A CZ  1 
ATOM   610 N  NH1 A ARG A 1 79 ? 15.189  -4.524  3.861   0.50 21.34 ? 77  ARG A NH1 1 
ATOM   611 N  NH1 B ARG A 1 79 ? 14.791  -3.020  5.925   0.50 23.88 ? 77  ARG A NH1 1 
ATOM   612 N  NH2 A ARG A 1 79 ? 16.218  -3.077  5.312   0.50 26.99 ? 77  ARG A NH2 1 
ATOM   613 N  NH2 B ARG A 1 79 ? 16.249  -3.638  4.260   0.50 30.30 ? 77  ARG A NH2 1 
ATOM   614 N  N   . ARG A 1 80 ? 11.629  -0.040  3.354   1.00 20.98 ? 78  ARG A N   1 
ATOM   615 C  CA  . ARG A 1 80 ? 11.327  1.111   4.200   1.00 23.33 ? 78  ARG A CA  1 
ATOM   616 C  C   . ARG A 1 80 ? 10.185  1.940   3.624   1.00 23.84 ? 78  ARG A C   1 
ATOM   617 O  O   . ARG A 1 80 ? 9.351   2.466   4.373   1.00 24.99 ? 78  ARG A O   1 
ATOM   618 C  CB  . ARG A 1 80 ? 12.588  1.959   4.378   1.00 26.07 ? 78  ARG A CB  1 
ATOM   619 C  CG  . ARG A 1 80 ? 13.777  1.176   4.954   1.00 24.56 ? 78  ARG A CG  1 
ATOM   620 C  CD  . ARG A 1 80 ? 15.054  1.983   4.879   1.00 34.02 ? 78  ARG A CD  1 
ATOM   621 N  NE  . ARG A 1 80 ? 16.252  1.199   5.182   1.00 48.29 ? 78  ARG A NE  1 
ATOM   622 C  CZ  . ARG A 1 80 ? 17.388  1.294   4.496   1.00 49.49 ? 78  ARG A CZ  1 
ATOM   623 N  NH1 . ARG A 1 80 ? 17.476  2.125   3.455   1.00 46.40 ? 78  ARG A NH1 1 
ATOM   624 N  NH2 . ARG A 1 80 ? 18.431  0.551   4.839   1.00 62.00 ? 78  ARG A NH2 1 
ATOM   625 N  N   . ILE A 1 81 ? 10.147  2.085   2.298   1.00 24.60 ? 79  ILE A N   1 
ATOM   626 C  CA  . ILE A 1 81 ? 9.076   2.841   1.661   1.00 20.11 ? 79  ILE A CA  1 
ATOM   627 C  C   . ILE A 1 81 ? 7.751   2.128   1.853   1.00 19.79 ? 79  ILE A C   1 
ATOM   628 O  O   . ILE A 1 81 ? 6.736   2.753   2.175   1.00 23.91 ? 79  ILE A O   1 
ATOM   629 C  CB  . ILE A 1 81 ? 9.374   3.020   0.162   1.00 18.41 ? 79  ILE A CB  1 
ATOM   630 C  CG1 . ILE A 1 81 ? 10.572  3.936   -0.069  1.00 22.92 ? 79  ILE A CG1 1 
ATOM   631 C  CG2 . ILE A 1 81 ? 8.121   3.544   -0.567  1.00 23.49 ? 79  ILE A CG2 1 
ATOM   632 C  CD1 . ILE A 1 81 ? 11.134  3.820   -1.534  1.00 21.38 ? 79  ILE A CD1 1 
ATOM   633 N  N   A GLN A 1 82 ? 7.725   0.809   1.652   0.49 21.02 ? 80  GLN A N   1 
ATOM   634 N  N   B GLN A 1 82 ? 7.746   0.805   1.664   0.51 21.00 ? 80  GLN A N   1 
ATOM   635 C  CA  A GLN A 1 82 ? 6.462   0.089   1.792   0.49 20.95 ? 80  GLN A CA  1 
ATOM   636 C  CA  B GLN A 1 82 ? 6.527   0.030   1.850   0.51 21.12 ? 80  GLN A CA  1 
ATOM   637 C  C   A GLN A 1 82 ? 5.949   0.159   3.223   0.49 22.66 ? 80  GLN A C   1 
ATOM   638 C  C   B GLN A 1 82 ? 6.003   0.171   3.270   0.51 22.59 ? 80  GLN A C   1 
ATOM   639 O  O   A GLN A 1 82 ? 4.738   0.233   3.453   0.49 23.17 ? 80  GLN A O   1 
ATOM   640 O  O   B GLN A 1 82 ? 4.796   0.331   3.481   0.51 22.97 ? 80  GLN A O   1 
ATOM   641 C  CB  A GLN A 1 82 ? 6.620   -1.362  1.334   0.49 22.13 ? 80  GLN A CB  1 
ATOM   642 C  CB  B GLN A 1 82 ? 6.810   -1.440  1.525   0.51 21.54 ? 80  GLN A CB  1 
ATOM   643 C  CG  A GLN A 1 82 ? 6.629   -1.518  -0.180  0.49 20.57 ? 80  GLN A CG  1 
ATOM   644 C  CG  B GLN A 1 82 ? 5.633   -2.372  1.734   0.51 22.34 ? 80  GLN A CG  1 
ATOM   645 C  CD  A GLN A 1 82 ? 6.868   -2.944  -0.627  0.49 23.86 ? 80  GLN A CD  1 
ATOM   646 C  CD  B GLN A 1 82 ? 5.846   -3.737  1.098   0.51 22.87 ? 80  GLN A CD  1 
ATOM   647 O  OE1 A GLN A 1 82 ? 7.173   -3.818  0.182   0.49 23.45 ? 80  GLN A OE1 1 
ATOM   648 O  OE1 B GLN A 1 82 ? 5.593   -4.769  1.720   0.51 28.46 ? 80  GLN A OE1 1 
ATOM   649 N  NE2 A GLN A 1 82 ? 6.737   -3.185  -1.926  0.49 22.22 ? 80  GLN A NE2 1 
ATOM   650 N  NE2 B GLN A 1 82 ? 6.299   -3.747  -0.153  0.51 24.63 ? 80  GLN A NE2 1 
ATOM   651 N  N   A GLU A 1 83 ? 6.856   0.142   4.198   0.49 23.45 ? 81  GLU A N   1 
ATOM   652 N  N   B GLU A 1 83 ? 6.895   0.115   4.257   0.51 23.53 ? 81  GLU A N   1 
ATOM   653 C  CA  A GLU A 1 83 ? 6.435   0.282   5.586   0.49 24.29 ? 81  GLU A CA  1 
ATOM   654 C  CA  B GLU A 1 83 ? 6.466   0.291   5.639   0.51 24.32 ? 81  GLU A CA  1 
ATOM   655 C  C   A GLU A 1 83 ? 5.825   1.653   5.833   0.49 24.36 ? 81  GLU A C   1 
ATOM   656 C  C   B GLU A 1 83 ? 5.820   1.655   5.830   0.51 24.36 ? 81  GLU A C   1 
ATOM   657 O  O   A GLU A 1 83 ? 4.769   1.764   6.466   0.49 25.92 ? 81  GLU A O   1 
ATOM   658 O  O   B GLU A 1 83 ? 4.737   1.763   6.415   0.51 25.95 ? 81  GLU A O   1 
ATOM   659 C  CB  A GLU A 1 83 ? 7.621   0.034   6.518   0.49 26.69 ? 81  GLU A CB  1 
ATOM   660 C  CB  B GLU A 1 83 ? 7.654   0.127   6.584   0.51 26.65 ? 81  GLU A CB  1 
ATOM   661 C  CG  A GLU A 1 83 ? 8.062   -1.415  6.542   0.49 32.42 ? 81  GLU A CG  1 
ATOM   662 C  CG  B GLU A 1 83 ? 7.289   0.329   8.043   0.51 25.94 ? 81  GLU A CG  1 
ATOM   663 C  CD  A GLU A 1 83 ? 9.184   -1.677  7.522   0.49 40.21 ? 81  GLU A CD  1 
ATOM   664 C  CD  B GLU A 1 83 ? 8.492   0.273   8.952   0.51 32.48 ? 81  GLU A CD  1 
ATOM   665 O  OE1 A GLU A 1 83 ? 9.848   -2.731  7.386   0.49 40.54 ? 81  GLU A OE1 1 
ATOM   666 O  OE1 B GLU A 1 83 ? 9.594   0.655   8.504   0.51 37.88 ? 81  GLU A OE1 1 
ATOM   667 O  OE2 A GLU A 1 83 ? 9.397   -0.836  8.423   0.49 38.46 ? 81  GLU A OE2 1 
ATOM   668 O  OE2 B GLU A 1 83 ? 8.334   -0.153  10.115  0.51 41.75 ? 81  GLU A OE2 1 
ATOM   669 N  N   . ASN A 1 84 ? 6.467   2.707   5.322   1.00 23.98 ? 82  ASN A N   1 
ATOM   670 C  CA  . ASN A 1 84 ? 5.916   4.048   5.463   1.00 21.36 ? 82  ASN A CA  1 
ATOM   671 C  C   . ASN A 1 84 ? 4.599   4.174   4.720   1.00 22.06 ? 82  ASN A C   1 
ATOM   672 O  O   . ASN A 1 84 ? 3.650   4.795   5.213   1.00 22.56 ? 82  ASN A O   1 
ATOM   673 C  CB  . ASN A 1 84 ? 6.903   5.080   4.921   1.00 22.02 ? 82  ASN A CB  1 
ATOM   674 C  CG  . ASN A 1 84 ? 6.399   6.508   5.104   1.00 26.27 ? 82  ASN A CG  1 
ATOM   675 O  OD1 . ASN A 1 84 ? 6.019   7.171   4.142   1.00 27.19 ? 82  ASN A OD1 1 
ATOM   676 N  ND2 . ASN A 1 84 ? 6.365   6.966   6.345   1.00 28.46 ? 82  ASN A ND2 1 
ATOM   677 N  N   . LEU A 1 85 ? 4.531   3.614   3.514   1.00 19.91 ? 83  LEU A N   1 
ATOM   678 C  CA  . LEU A 1 85 ? 3.318   3.731   2.723   1.00 20.66 ? 83  LEU A CA  1 
ATOM   679 C  C   . LEU A 1 85 ? 2.145   3.041   3.405   1.00 24.77 ? 83  LEU A C   1 
ATOM   680 O  O   . LEU A 1 85 ? 1.019   3.551   3.375   1.00 21.70 ? 83  LEU A O   1 
ATOM   681 C  CB  . LEU A 1 85 ? 3.565   3.141   1.342   1.00 21.15 ? 83  LEU A CB  1 
ATOM   682 C  CG  . LEU A 1 85 ? 2.525   3.398   0.272   1.00 24.77 ? 83  LEU A CG  1 
ATOM   683 C  CD1 . LEU A 1 85 ? 2.206   4.893   0.126   1.00 21.21 ? 83  LEU A CD1 1 
ATOM   684 C  CD2 . LEU A 1 85 ? 3.091   2.863   -1.013  1.00 24.13 ? 83  LEU A CD2 1 
ATOM   685 N  N   . TYR A 1 86 ? 2.383   1.872   4.010   1.00 20.80 ? 84  TYR A N   1 
ATOM   686 C  CA  . TYR A 1 86 ? 1.326   1.222   4.782   1.00 21.93 ? 84  TYR A CA  1 
ATOM   687 C  C   . TYR A 1 86 ? 0.837   2.108   5.905   1.00 23.05 ? 84  TYR A C   1 
ATOM   688 O  O   . TYR A 1 86 ? -0.372  2.173   6.163   1.00 24.85 ? 84  TYR A O   1 
ATOM   689 C  CB  . TYR A 1 86 ? 1.819   -0.094  5.365   1.00 20.68 ? 84  TYR A CB  1 
ATOM   690 C  CG  . TYR A 1 86 ? 1.550   -1.233  4.455   1.00 23.28 ? 84  TYR A CG  1 
ATOM   691 C  CD1 . TYR A 1 86 ? 0.251   -1.542  4.069   1.00 23.37 ? 84  TYR A CD1 1 
ATOM   692 C  CD2 . TYR A 1 86 ? 2.592   -2.014  3.967   1.00 21.03 ? 84  TYR A CD2 1 
ATOM   693 C  CE1 . TYR A 1 86 ? 0.003   -2.602  3.200   1.00 26.52 ? 84  TYR A CE1 1 
ATOM   694 C  CE2 . TYR A 1 86 ? 2.361   -3.063  3.107   1.00 24.56 ? 84  TYR A CE2 1 
ATOM   695 C  CZ  . TYR A 1 86 ? 1.068   -3.362  2.729   1.00 29.02 ? 84  TYR A CZ  1 
ATOM   696 O  OH  . TYR A 1 86 ? 0.849   -4.427  1.872   1.00 30.84 ? 84  TYR A OH  1 
ATOM   697 N  N   . GLN A 1 87 ? 1.762   2.765   6.607   1.00 20.52 ? 85  GLN A N   1 
ATOM   698 C  CA  . GLN A 1 87 ? 1.387   3.660   7.693   1.00 23.70 ? 85  GLN A CA  1 
ATOM   699 C  C   . GLN A 1 87 ? 0.553   4.818   7.171   1.00 23.22 ? 85  GLN A C   1 
ATOM   700 O  O   . GLN A 1 87 ? -0.491  5.149   7.742   1.00 24.37 ? 85  GLN A O   1 
ATOM   701 C  CB  . GLN A 1 87 ? 2.635   4.162   8.415   1.00 24.25 ? 85  GLN A CB  1 
ATOM   702 C  CG  . GLN A 1 87 ? 2.343   4.903   9.718   1.00 32.17 ? 85  GLN A CG  1 
ATOM   703 C  CD  . GLN A 1 87 ? 1.324   4.177   10.599  1.00 63.11 ? 85  GLN A CD  1 
ATOM   704 O  OE1 . GLN A 1 87 ? 1.348   2.941   10.723  1.00 52.23 ? 85  GLN A OE1 1 
ATOM   705 N  NE2 . GLN A 1 87 ? 0.426   4.945   11.219  1.00 51.35 ? 85  GLN A NE2 1 
ATOM   706 N  N   . LEU A 1 88 ? 0.989   5.435   6.064   1.00 21.35 ? 86  LEU A N   1 
ATOM   707 C  CA  . LEU A 1 88 ? 0.241   6.558   5.506   1.00 20.37 ? 86  LEU A CA  1 
ATOM   708 C  C   . LEU A 1 88 ? -1.155  6.127   5.083   1.00 21.67 ? 86  LEU A C   1 
ATOM   709 O  O   . LEU A 1 88 ? -2.126  6.866   5.278   1.00 22.12 ? 86  LEU A O   1 
ATOM   710 C  CB  . LEU A 1 88 ? 0.971   7.158   4.300   1.00 20.29 ? 86  LEU A CB  1 
ATOM   711 C  CG  . LEU A 1 88 ? 2.358   7.744   4.492   1.00 19.86 ? 86  LEU A CG  1 
ATOM   712 C  CD1 . LEU A 1 88 ? 2.914   8.212   3.169   1.00 21.42 ? 86  LEU A CD1 1 
ATOM   713 C  CD2 . LEU A 1 88 ? 2.246   8.929   5.429   1.00 21.15 ? 86  LEU A CD2 1 
ATOM   714 N  N   A MET A 1 89 ? -1.267  4.933   4.473   0.72 20.09 ? 87  MET A N   1 
ATOM   715 N  N   B MET A 1 89 ? -1.285  4.941   4.493   0.28 20.10 ? 87  MET A N   1 
ATOM   716 C  CA  A MET A 1 89 ? -2.555  4.436   4.006   0.72 20.14 ? 87  MET A CA  1 
ATOM   717 C  CA  B MET A 1 89 ? -2.602  4.525   4.032   0.28 20.12 ? 87  MET A CA  1 
ATOM   718 C  C   A MET A 1 89 ? -3.486  4.127   5.169   0.72 18.50 ? 87  MET A C   1 
ATOM   719 C  C   B MET A 1 89 ? -3.507  4.134   5.185   0.28 18.65 ? 87  MET A C   1 
ATOM   720 O  O   A MET A 1 89 ? -4.699  4.373   5.085   0.72 20.81 ? 87  MET A O   1 
ATOM   721 O  O   B MET A 1 89 ? -4.725  4.341   5.111   0.28 20.56 ? 87  MET A O   1 
ATOM   722 C  CB  A MET A 1 89 ? -2.362  3.178   3.150   0.72 19.63 ? 87  MET A CB  1 
ATOM   723 C  CB  B MET A 1 89 ? -2.473  3.376   3.051   0.28 20.42 ? 87  MET A CB  1 
ATOM   724 C  CG  A MET A 1 89 ? -1.790  3.436   1.764   0.72 23.05 ? 87  MET A CG  1 
ATOM   725 C  CG  B MET A 1 89 ? -1.733  3.769   1.825   0.28 23.06 ? 87  MET A CG  1 
ATOM   726 S  SD  A MET A 1 89 ? -2.950  4.159   0.590   0.72 21.37 ? 87  MET A SD  1 
ATOM   727 S  SD  B MET A 1 89 ? -1.648  2.321   0.813   0.28 27.77 ? 87  MET A SD  1 
ATOM   728 C  CE  A MET A 1 89 ? -3.978  2.736   0.224   0.72 20.63 ? 87  MET A CE  1 
ATOM   729 C  CE  B MET A 1 89 ? -3.397  1.995   0.620   0.28 23.94 ? 87  MET A CE  1 
ATOM   730 N  N   . LYS A 1 90 ? -2.944  3.557   6.246   1.00 20.67 ? 88  LYS A N   1 
ATOM   731 C  CA  . LYS A 1 90 ? -3.766  3.267   7.410   1.00 21.97 ? 88  LYS A CA  1 
ATOM   732 C  C   . LYS A 1 90 ? -4.316  4.556   8.022   1.00 24.26 ? 88  LYS A C   1 
ATOM   733 O  O   . LYS A 1 90 ? -5.465  4.589   8.480   1.00 24.19 ? 88  LYS A O   1 
ATOM   734 C  CB  . LYS A 1 90 ? -2.977  2.433   8.409   1.00 27.65 ? 88  LYS A CB  1 
ATOM   735 C  CG  . LYS A 1 90 ? -2.744  1.009   7.925   1.00 30.90 ? 88  LYS A CG  1 
ATOM   736 C  CD  . LYS A 1 90 ? -2.052  0.193   8.997   1.00 37.80 ? 88  LYS A CD  1 
ATOM   737 C  CE  . LYS A 1 90 ? -1.673  -1.170  8.468   1.00 44.78 ? 88  LYS A CE  1 
ATOM   738 N  NZ  . LYS A 1 90 ? -0.817  -1.890  9.447   1.00 62.24 ? 88  LYS A NZ  1 
ATOM   739 N  N   A GLU A 1 91 ? -3.519  5.629   8.014   0.57 22.00 ? 89  GLU A N   1 
ATOM   740 N  N   B GLU A 1 91 ? -3.526  5.631   8.015   0.43 21.97 ? 89  GLU A N   1 
ATOM   741 C  CA  A GLU A 1 91 ? -3.997  6.923   8.512   0.57 20.26 ? 89  GLU A CA  1 
ATOM   742 C  CA  B GLU A 1 91 ? -4.025  6.913   8.517   0.43 20.35 ? 89  GLU A CA  1 
ATOM   743 C  C   A GLU A 1 91 ? -5.069  7.500   7.592   0.57 21.73 ? 89  GLU A C   1 
ATOM   744 C  C   B GLU A 1 91 ? -5.087  7.488   7.588   0.43 21.73 ? 89  GLU A C   1 
ATOM   745 O  O   A GLU A 1 91 ? -6.145  7.909   8.051   0.57 21.98 ? 89  GLU A O   1 
ATOM   746 O  O   B GLU A 1 91 ? -6.168  7.893   8.036   0.43 21.90 ? 89  GLU A O   1 
ATOM   747 C  CB  A GLU A 1 91 ? -2.829  7.904   8.658   0.57 23.11 ? 89  GLU A CB  1 
ATOM   748 C  CB  B GLU A 1 91 ? -2.880  7.910   8.688   0.43 23.11 ? 89  GLU A CB  1 
ATOM   749 C  CG  A GLU A 1 91 ? -1.738  7.432   9.624   0.57 26.03 ? 89  GLU A CG  1 
ATOM   750 C  CG  B GLU A 1 91 ? -1.898  7.549   9.789   0.43 26.38 ? 89  GLU A CG  1 
ATOM   751 C  CD  A GLU A 1 91 ? -0.413  8.177   9.476   0.57 26.38 ? 89  GLU A CD  1 
ATOM   752 C  CD  B GLU A 1 91 ? -2.486  7.709   11.181  0.43 33.42 ? 89  GLU A CD  1 
ATOM   753 O  OE1 A GLU A 1 91 ? 0.532   7.852   10.227  0.57 29.43 ? 89  GLU A OE1 1 
ATOM   754 O  OE1 B GLU A 1 91 ? -3.491  8.438   11.337  0.43 29.64 ? 89  GLU A OE1 1 
ATOM   755 O  OE2 A GLU A 1 91 ? -0.307  9.083   8.616   0.57 23.25 ? 89  GLU A OE2 1 
ATOM   756 O  OE2 B GLU A 1 91 ? -1.935  7.098   12.123  0.43 40.09 ? 89  GLU A OE2 1 
ATOM   757 N  N   . TYR A 1 92 ? -4.788  7.543   6.288   1.00 18.23 ? 90  TYR A N   1 
ATOM   758 C  CA  . TYR A 1 92 ? -5.717  8.144   5.340   1.00 19.87 ? 90  TYR A CA  1 
ATOM   759 C  C   . TYR A 1 92 ? -7.052  7.398   5.303   1.00 19.65 ? 90  TYR A C   1 
ATOM   760 O  O   . TYR A 1 92 ? -8.121  8.017   5.236   1.00 19.75 ? 90  TYR A O   1 
ATOM   761 C  CB  . TYR A 1 92 ? -5.069  8.169   3.955   1.00 20.96 ? 90  TYR A CB  1 
ATOM   762 C  CG  . TYR A 1 92 ? -5.828  8.963   2.931   1.00 23.29 ? 90  TYR A CG  1 
ATOM   763 C  CD1 . TYR A 1 92 ? -6.812  8.373   2.157   1.00 22.00 ? 90  TYR A CD1 1 
ATOM   764 C  CD2 . TYR A 1 92 ? -5.553  10.308  2.732   1.00 28.26 ? 90  TYR A CD2 1 
ATOM   765 C  CE1 . TYR A 1 92 ? -7.518  9.109   1.221   1.00 25.71 ? 90  TYR A CE1 1 
ATOM   766 C  CE2 . TYR A 1 92 ? -6.240  11.043  1.793   1.00 32.17 ? 90  TYR A CE2 1 
ATOM   767 C  CZ  . TYR A 1 92 ? -7.215  10.433  1.031   1.00 26.15 ? 90  TYR A CZ  1 
ATOM   768 O  OH  . TYR A 1 92 ? -7.903  11.168  0.091   1.00 29.34 ? 90  TYR A OH  1 
ATOM   769 N  N   . PHE A 1 93 ? -7.016  6.066   5.285   1.00 20.83 ? 91  PHE A N   1 
ATOM   770 C  CA  . PHE A 1 93 ? -8.238  5.284   5.188   1.00 18.60 ? 91  PHE A CA  1 
ATOM   771 C  C   . PHE A 1 93 ? -8.766  4.841   6.538   1.00 23.59 ? 91  PHE A C   1 
ATOM   772 O  O   . PHE A 1 93 ? -9.775  4.121   6.589   1.00 24.82 ? 91  PHE A O   1 
ATOM   773 C  CB  . PHE A 1 93 ? -7.999  4.083   4.254   1.00 19.73 ? 91  PHE A CB  1 
ATOM   774 C  CG  . PHE A 1 93 ? -7.809  4.502   2.839   1.00 18.98 ? 91  PHE A CG  1 
ATOM   775 C  CD1 . PHE A 1 93 ? -8.901  4.861   2.060   1.00 22.89 ? 91  PHE A CD1 1 
ATOM   776 C  CD2 . PHE A 1 93 ? -6.539  4.644   2.307   1.00 21.18 ? 91  PHE A CD2 1 
ATOM   777 C  CE1 . PHE A 1 93 ? -8.731  5.290   0.747   1.00 21.92 ? 91  PHE A CE1 1 
ATOM   778 C  CE2 . PHE A 1 93 ? -6.365  5.092   1.007   1.00 22.22 ? 91  PHE A CE2 1 
ATOM   779 C  CZ  . PHE A 1 93 ? -7.468  5.411   0.221   1.00 21.17 ? 91  PHE A CZ  1 
ATOM   780 N  N   . GLN A 1 94 ? -8.123  5.276   7.622   1.00 21.92 ? 92  GLN A N   1 
ATOM   781 C  CA  . GLN A 1 94 ? -8.555  4.985   8.986   1.00 23.42 ? 92  GLN A CA  1 
ATOM   782 C  C   . GLN A 1 94 ? -8.775  3.487   9.184   1.00 28.44 ? 92  GLN A C   1 
ATOM   783 O  O   . GLN A 1 94 ? -9.858  3.028   9.556   1.00 31.18 ? 92  GLN A O   1 
ATOM   784 C  CB  . GLN A 1 94 ? -9.781  5.823   9.357   1.00 24.68 ? 92  GLN A CB  1 
ATOM   785 C  CG  . GLN A 1 94 ? -9.449  7.297   9.568   1.00 25.79 ? 92  GLN A CG  1 
ATOM   786 C  CD  . GLN A 1 94 ? -8.616  7.506   10.810  1.00 24.13 ? 92  GLN A CD  1 
ATOM   787 O  OE1 . GLN A 1 94 ? -9.110  7.361   11.928  1.00 26.17 ? 92  GLN A OE1 1 
ATOM   788 N  NE2 . GLN A 1 94 ? -7.343  7.815   10.631  1.00 23.93 ? 92  GLN A NE2 1 
ATOM   789 N  N   . GLN A 1 95 ? -7.715  2.723   8.907   1.00 22.22 ? 93  GLN A N   1 
ATOM   790 C  CA  . GLN A 1 95 ? -7.736  1.268   8.992   1.00 24.32 ? 93  GLN A CA  1 
ATOM   791 C  C   . GLN A 1 95 ? -6.829  0.844   10.135  1.00 35.03 ? 93  GLN A C   1 
ATOM   792 O  O   . GLN A 1 95 ? -5.621  1.087   10.089  1.00 45.51 ? 93  GLN A O   1 
ATOM   793 C  CB  . GLN A 1 95 ? -7.224  0.658   7.689   1.00 32.92 ? 93  GLN A CB  1 
ATOM   794 C  CG  . GLN A 1 95 ? -8.326  0.250   6.761   1.00 44.51 ? 93  GLN A CG  1 
ATOM   795 C  CD  . GLN A 1 95 ? -9.045  -0.972  7.261   1.00 48.47 ? 93  GLN A CD  1 
ATOM   796 O  OE1 . GLN A 1 95 ? -10.208 -0.904  7.668   1.00 59.75 ? 93  GLN A OE1 1 
ATOM   797 N  NE2 . GLN A 1 95 ? -8.356  -2.106  7.242   1.00 49.51 ? 93  GLN A NE2 1 
ATOM   798 N  N   . SER A 1 96 ? -7.405  0.209   11.151  1.00 42.37 ? 94  SER A N   1 
ATOM   799 C  CA  . SER A 1 96 ? -6.625  -0.282  12.287  1.00 54.22 ? 94  SER A CA  1 
ATOM   800 C  C   . SER A 1 96 ? -6.139  -1.704  12.054  1.00 44.32 ? 94  SER A C   1 
ATOM   801 O  O   . SER A 1 96 ? -6.946  -2.618  11.905  1.00 50.61 ? 94  SER A O   1 
ATOM   802 C  CB  . SER A 1 96 ? -7.455  -0.237  13.568  1.00 55.33 ? 94  SER A CB  1 
ATOM   803 O  OG  . SER A 1 96 ? -7.849  1.088   13.870  1.00 72.92 ? 94  SER A OG  1 
HETATM 804 ZN ZN  . ZN  B 2 .  ? 1.816   0.234   -6.504  0.68 17.98 ? 101 ZN  A ZN  1 
HETATM 805 C  C1  . PEG C 3 .  ? 7.306   -5.820  -4.346  1.00 39.38 ? 102 PEG A C1  1 
HETATM 806 O  O1  . PEG C 3 .  ? 6.953   -5.650  -2.966  1.00 49.34 ? 102 PEG A O1  1 
HETATM 807 C  C2  . PEG C 3 .  ? 6.605   -4.747  -5.161  1.00 42.52 ? 102 PEG A C2  1 
HETATM 808 O  O2  . PEG C 3 .  ? 6.904   -3.469  -4.595  1.00 42.28 ? 102 PEG A O2  1 
HETATM 809 C  C3  . PEG C 3 .  ? 6.484   -2.404  -5.455  1.00 33.08 ? 102 PEG A C3  1 
HETATM 810 C  C4  . PEG C 3 .  ? 6.650   -1.027  -4.799  1.00 31.92 ? 102 PEG A C4  1 
HETATM 811 O  O4  . PEG C 3 .  ? 5.789   -0.868  -3.660  1.00 42.76 ? 102 PEG A O4  1 
HETATM 812 C  C1  A DMX D 4 .  ? 10.867  5.996   3.154   0.50 25.55 ? 103 DMX A C1  1 
HETATM 813 C  C1  B DMX D 4 .  ? 10.700  5.690   3.603   0.46 31.49 ? 103 DMX A C1  1 
HETATM 814 C  C2  A DMX D 4 .  ? 10.052  6.975   2.590   0.50 31.25 ? 103 DMX A C2  1 
HETATM 815 C  C2  B DMX D 4 .  ? 9.885   6.530   2.851   0.46 31.94 ? 103 DMX A C2  1 
HETATM 816 C  C3  A DMX D 4 .  ? 9.452   7.938   3.400   0.50 30.22 ? 103 DMX A C3  1 
HETATM 817 C  C3  B DMX D 4 .  ? 9.321   7.658   3.438   0.46 30.11 ? 103 DMX A C3  1 
HETATM 818 C  C4  A DMX D 4 .  ? 9.673   7.949   4.779   0.50 31.99 ? 103 DMX A C4  1 
HETATM 819 C  C4  B DMX D 4 .  ? 9.578   7.977   4.773   0.46 32.02 ? 103 DMX A C4  1 
HETATM 820 C  C5  A DMX D 4 .  ? 10.473  6.953   5.335   0.50 30.01 ? 103 DMX A C5  1 
HETATM 821 C  C5  B DMX D 4 .  ? 10.381  7.114   5.520   0.46 30.90 ? 103 DMX A C5  1 
HETATM 822 C  C6  A DMX D 4 .  ? 11.076  5.988   4.532   0.50 33.17 ? 103 DMX A C6  1 
HETATM 823 C  C6  B DMX D 4 .  ? 10.947  5.984   4.942   0.46 31.99 ? 103 DMX A C6  1 
HETATM 824 C  C7  A DMX D 4 .  ? 9.060   8.908   5.616   0.50 33.60 ? 103 DMX A C7  1 
HETATM 825 C  C7  B DMX D 4 .  ? 8.997   9.120   5.375   0.46 34.08 ? 103 DMX A C7  1 
HETATM 826 N  N8  A DMX D 4 .  ? 9.676   10.262  5.687   0.50 31.57 ? 103 DMX A N8  1 
HETATM 827 N  N8  B DMX D 4 .  ? 9.627   10.439  5.080   0.46 33.07 ? 103 DMX A N8  1 
HETATM 828 C  C9  A DMX D 4 .  ? 11.144  10.193  5.825   0.50 36.55 ? 103 DMX A C9  1 
HETATM 829 C  C9  B DMX D 4 .  ? 9.116   11.419  6.070   0.46 34.26 ? 103 DMX A C9  1 
HETATM 830 C  C10 A DMX D 4 .  ? 13.310  11.484  5.925   0.50 28.69 ? 103 DMX A C10 1 
HETATM 831 C  C10 B DMX D 4 .  ? 10.300  13.650  5.787   0.46 40.22 ? 103 DMX A C10 1 
HETATM 832 S  S11 A DMX D 4 .  ? 14.045  10.373  7.180   0.50 27.10 ? 103 DMX A S11 1 
HETATM 833 S  S11 B DMX D 4 .  ? 10.379  15.085  4.656   0.46 49.19 ? 103 DMX A S11 1 
HETATM 834 C  C12 A DMX D 4 .  ? 9.318   11.078  4.510   0.50 34.24 ? 103 DMX A C12 1 
HETATM 835 C  C12 B DMX D 4 .  ? 11.094  10.334  5.211   0.46 39.30 ? 103 DMX A C12 1 
HETATM 836 C  C13 A DMX D 4 .  ? 9.121   10.920  6.879   0.50 32.43 ? 103 DMX A C13 1 
HETATM 837 C  C13 B DMX D 4 .  ? 9.278   10.913  3.723   0.46 32.56 ? 103 DMX A C13 1 
HETATM 838 O  O14 A DMX D 4 .  ? 13.532  10.778  8.557   0.50 30.44 ? 103 DMX A O14 1 
HETATM 839 O  O14 B DMX D 4 .  ? 11.761  15.171  4.014   0.46 36.02 ? 103 DMX A O14 1 
HETATM 840 O  O15 A DMX D 4 .  ? 15.572  10.452  7.134   0.50 27.92 ? 103 DMX A O15 1 
HETATM 841 O  O15 B DMX D 4 .  ? 10.121  16.361  5.461   0.46 46.51 ? 103 DMX A O15 1 
HETATM 842 O  O16 A DMX D 4 .  ? 13.648  8.936   6.898   0.50 24.47 ? 103 DMX A O16 1 
HETATM 843 O  O16 B DMX D 4 .  ? 9.319   14.946  3.563   0.46 43.30 ? 103 DMX A O16 1 
HETATM 844 C  C17 A DMX D 4 .  ? 11.786  11.565  6.084   0.50 24.36 ? 103 DMX A C17 1 
HETATM 845 C  C17 B DMX D 4 .  ? 9.011   12.856  5.524   0.46 36.73 ? 103 DMX A C17 1 
HETATM 846 C  C   . BEZ E 5 .  ? 2.203   -1.299  -3.977  1.00 36.73 ? 104 BEZ A C   1 
HETATM 847 O  O1  . BEZ E 5 .  ? 2.718   -2.270  -4.566  1.00 38.53 ? 104 BEZ A O1  1 
HETATM 848 O  O2  . BEZ E 5 .  ? 1.787   -0.355  -4.663  1.00 25.84 ? 104 BEZ A O2  1 
HETATM 849 C  C1  . BEZ E 5 .  ? 2.072   -1.253  -2.483  1.00 28.84 ? 104 BEZ A C1  1 
HETATM 850 C  C2  . BEZ E 5 .  ? 1.372   -0.209  -1.895  1.00 30.56 ? 104 BEZ A C2  1 
HETATM 851 C  C3  . BEZ E 5 .  ? 1.247   -0.146  -0.516  1.00 29.18 ? 104 BEZ A C3  1 
HETATM 852 C  C4  . BEZ E 5 .  ? 1.823   -1.121  0.283   1.00 28.04 ? 104 BEZ A C4  1 
HETATM 853 C  C5  . BEZ E 5 .  ? 2.514   -2.175  -0.298  1.00 35.41 ? 104 BEZ A C5  1 
HETATM 854 C  C6  . BEZ E 5 .  ? 2.647   -2.239  -1.684  1.00 36.60 ? 104 BEZ A C6  1 
HETATM 855 O  O   . HOH F 6 .  ? -7.364  2.461   -15.363 1.00 40.53 ? 201 HOH A O   1 
HETATM 856 O  O   . HOH F 6 .  ? 5.458   1.490   -3.291  1.00 45.64 ? 202 HOH A O   1 
HETATM 857 O  O   . HOH F 6 .  ? -12.409 -4.829  -4.891  1.00 32.56 ? 203 HOH A O   1 
HETATM 858 O  O   . HOH F 6 .  ? 4.111   -13.035 9.294   1.00 33.34 ? 204 HOH A O   1 
HETATM 859 O  O   . HOH F 6 .  ? -12.839 8.517   -0.469  1.00 45.49 ? 205 HOH A O   1 
HETATM 860 O  O   . HOH F 6 .  ? -4.836  -11.769 -3.606  1.00 36.72 ? 206 HOH A O   1 
HETATM 861 O  O   . HOH F 6 .  ? -6.216  -6.995  9.375   1.00 40.73 ? 207 HOH A O   1 
HETATM 862 O  O   . HOH F 6 .  ? 17.677  9.778   5.560   1.00 32.04 ? 208 HOH A O   1 
HETATM 863 O  O   . HOH F 6 .  ? 6.071   9.900   4.060   1.00 28.74 ? 209 HOH A O   1 
HETATM 864 O  O   . HOH F 6 .  ? 1.678   7.107   -7.135  1.00 32.39 ? 210 HOH A O   1 
HETATM 865 O  O   . HOH F 6 .  ? 1.429   0.476   9.528   1.00 44.70 ? 211 HOH A O   1 
HETATM 866 O  O   . HOH F 6 .  ? 3.536   16.877  -4.832  1.00 35.31 ? 212 HOH A O   1 
HETATM 867 O  O   . HOH F 6 .  ? -7.542  15.082  -1.111  1.00 49.35 ? 213 HOH A O   1 
HETATM 868 O  O   . HOH F 6 .  ? -8.070  7.321   14.501  1.00 34.84 ? 214 HOH A O   1 
HETATM 869 O  O   . HOH F 6 .  ? 2.519   16.308  0.932   1.00 36.78 ? 215 HOH A O   1 
HETATM 870 O  O   . HOH F 6 .  ? 14.448  13.224  9.525   1.00 43.87 ? 216 HOH A O   1 
HETATM 871 O  O   . HOH F 6 .  ? 7.890   -0.780  -9.878  1.00 24.88 ? 217 HOH A O   1 
HETATM 872 O  O   . HOH F 6 .  ? 9.838   3.152   7.048   1.00 34.20 ? 218 HOH A O   1 
HETATM 873 O  O   . HOH F 6 .  ? -7.830  13.956  0.607   1.00 32.51 ? 219 HOH A O   1 
HETATM 874 O  O   . HOH F 6 .  ? 3.991   -0.078  8.461   1.00 35.54 ? 220 HOH A O   1 
HETATM 875 O  O   . HOH F 6 .  ? -5.728  0.167   -11.705 1.00 45.34 ? 221 HOH A O   1 
HETATM 876 O  O   . HOH F 6 .  ? -0.907  -4.448  -9.585  1.00 37.69 ? 222 HOH A O   1 
HETATM 877 O  O   . HOH F 6 .  ? 19.292  -1.945  -1.002  1.00 30.86 ? 223 HOH A O   1 
HETATM 878 O  O   . HOH F 6 .  ? 4.446   -17.551 3.025   1.00 34.15 ? 224 HOH A O   1 
HETATM 879 O  O   . HOH F 6 .  ? -6.162  -12.459 3.912   1.00 35.42 ? 225 HOH A O   1 
HETATM 880 O  O   . HOH F 6 .  ? 17.949  0.486   -1.103  1.00 24.15 ? 226 HOH A O   1 
HETATM 881 O  O   . HOH F 6 .  ? -11.659 -4.817  -2.197  1.00 36.35 ? 227 HOH A O   1 
HETATM 882 O  O   . HOH F 6 .  ? 14.185  3.183   -11.358 1.00 37.30 ? 228 HOH A O   1 
HETATM 883 O  O   . HOH F 6 .  ? 3.244   -7.220  -4.466  1.00 31.95 ? 229 HOH A O   1 
HETATM 884 O  O   . HOH F 6 .  ? 15.558  -1.362  8.353   1.00 42.46 ? 230 HOH A O   1 
HETATM 885 O  O   . HOH F 6 .  ? 5.295   9.582   7.556   1.00 37.87 ? 231 HOH A O   1 
HETATM 886 O  O   . HOH F 6 .  ? 7.926   4.961   8.293   1.00 39.01 ? 232 HOH A O   1 
HETATM 887 O  O   . HOH F 6 .  ? 4.526   -2.710  7.558   1.00 43.33 ? 233 HOH A O   1 
# 
